data_7RAU
#
_entry.id   7RAU
#
_cell.length_a   1.00
_cell.length_b   1.00
_cell.length_c   1.00
_cell.angle_alpha   90.00
_cell.angle_beta   90.00
_cell.angle_gamma   90.00
#
_symmetry.space_group_name_H-M   'P 1'
#
loop_
_entity.id
_entity.type
_entity.pdbx_description
1 polymer 'Transient receptor potential cation channel subfamily V member 3'
2 non-polymer 7-methoxy-8-(3-methylbut-2-enyl)chromen-2-one
#
_entity_poly.entity_id   1
_entity_poly.type   'polypeptide(L)'
_entity_poly.pdbx_seq_one_letter_code
;MGAHSKEMAPLMGKRTTAPGGNPVVLTEKRPADLTPTKKSAHFFLEIEGFEPNPTVTKTSPPIFSKPMDSNIRQCLSGNC
DDMDSPQSPQDDVTETPSNPNSPSANLAKEEQRQKKKRLKKRIFAAVSEGCVEELRELLQDLQDLCRRRRGLDVPDFLMH
KLTASDTGKTCLMKALLNINPNTKEIVRILLAFAEENDILDRFINAEYTEEAYEGQTALNIAIERRQGDITAVLIAAGAD
VNAHAKGVFFNPKYQHEGFYFGETPLALAACTNQPEIVQLLMENEQTDITSQDSRGNNILHALVTVAEDFKTQNDFVKRM
YDMILLRSGNWELETMRNNDGLTPLQLAAKMGKAEILKYILSREIKEKPLRSLSRKFTDWAYGPVSSSLYDLTNVDTTTD
NSVLEIIVYNTNIDNRHEMLTLEPLHTLLHTKWKKFAKYMFFLSFCFYFFYNITLTLVSYYRPREDEDLPHPLALTHKMS
WLQLLGRMFVLIWATCISVKEGIAIFLLRPSDLQSILSDAWFHFVFFVQAVLVILSVFLYLFAYKEYLACLVLAMALGWA
NMLAYTRGFQSMGMYSVMIQKVILHDVLKFLFVYILFLLGFGVALASLIEKCSKDKKDCSSYGSFSDAVLELFKLTIGLG
DLNIQQNSTYPILFLFLLITYVILTFVLLLNMLIALMGETVENVSKESERIWRLQRARTILEFEKMLPEWLRSRFRMGEL
CKVADEDFRLCLRINEVKWTEWKTHVSFLNEDPGPIRRTADLNKIQDSSRSNSKTTLYAFDELDEFPETSVLVPRGSAAA
WSHPQFEK
;
_entity_poly.pdbx_strand_id   A,B,C,D
#
loop_
_chem_comp.id
_chem_comp.type
_chem_comp.name
_chem_comp.formula
A0O non-polymer 7-methoxy-8-(3-methylbut-2-enyl)chromen-2-one 'C15 H16 O3'
#
# COMPACT_ATOMS: atom_id res chain seq x y z
N LYS A 115 -14.32 -65.39 -31.56
CA LYS A 115 -13.18 -66.17 -32.04
C LYS A 115 -12.13 -65.27 -32.66
N LYS A 116 -12.20 -65.12 -33.99
CA LYS A 116 -11.23 -64.26 -34.67
C LYS A 116 -11.57 -62.79 -34.48
N LYS A 117 -12.83 -62.47 -34.18
CA LYS A 117 -13.17 -61.09 -33.84
C LYS A 117 -12.72 -60.77 -32.41
N ARG A 118 -12.70 -61.78 -31.55
CA ARG A 118 -12.05 -61.66 -30.25
C ARG A 118 -10.56 -61.45 -30.41
N LEU A 119 -9.97 -62.05 -31.45
CA LEU A 119 -8.53 -61.93 -31.69
C LEU A 119 -8.16 -60.51 -32.03
N LYS A 120 -9.05 -59.79 -32.72
CA LYS A 120 -8.83 -58.39 -33.01
C LYS A 120 -8.82 -57.55 -31.75
N LYS A 121 -9.77 -57.81 -30.85
CA LYS A 121 -9.85 -57.04 -29.61
C LYS A 121 -8.73 -57.40 -28.65
N ARG A 122 -8.25 -58.65 -28.72
CA ARG A 122 -7.12 -59.05 -27.91
C ARG A 122 -5.87 -58.30 -28.32
N ILE A 123 -5.73 -58.02 -29.62
CA ILE A 123 -4.65 -57.16 -30.10
C ILE A 123 -4.82 -55.76 -29.55
N PHE A 124 -6.06 -55.23 -29.58
CA PHE A 124 -6.34 -53.90 -29.04
C PHE A 124 -6.08 -53.84 -27.54
N ALA A 125 -6.33 -54.95 -26.85
CA ALA A 125 -5.91 -55.04 -25.46
C ALA A 125 -4.39 -55.10 -25.37
N ALA A 126 -3.76 -55.86 -26.26
CA ALA A 126 -2.30 -55.92 -26.29
C ALA A 126 -1.71 -54.60 -26.74
N VAL A 127 -2.45 -53.85 -27.57
CA VAL A 127 -2.13 -52.46 -27.82
C VAL A 127 -2.20 -51.66 -26.53
N SER A 128 -3.22 -51.90 -25.71
CA SER A 128 -3.45 -51.10 -24.52
C SER A 128 -2.47 -51.41 -23.39
N GLU A 129 -1.64 -52.43 -23.55
CA GLU A 129 -0.73 -52.84 -22.49
C GLU A 129 0.67 -52.95 -23.06
N GLY A 130 1.62 -53.21 -22.17
CA GLY A 130 3.00 -53.44 -22.55
C GLY A 130 3.39 -54.90 -22.68
N CYS A 131 2.43 -55.80 -22.88
CA CYS A 131 2.73 -57.23 -22.99
C CYS A 131 3.42 -57.50 -24.32
N VAL A 132 4.75 -57.54 -24.27
CA VAL A 132 5.57 -57.60 -25.48
C VAL A 132 5.41 -58.95 -26.16
N GLU A 133 5.54 -60.03 -25.38
CA GLU A 133 5.51 -61.37 -25.95
C GLU A 133 4.12 -61.71 -26.46
N GLU A 134 3.08 -61.26 -25.75
CA GLU A 134 1.71 -61.50 -26.17
C GLU A 134 1.40 -60.75 -27.46
N LEU A 135 2.01 -59.58 -27.63
CA LEU A 135 1.79 -58.80 -28.84
C LEU A 135 2.45 -59.48 -30.04
N ARG A 136 3.58 -60.14 -29.80
CA ARG A 136 4.36 -60.70 -30.91
C ARG A 136 3.69 -61.93 -31.48
N GLU A 137 3.22 -62.82 -30.61
CA GLU A 137 2.68 -64.10 -31.06
C GLU A 137 1.35 -63.93 -31.77
N LEU A 138 0.59 -62.89 -31.42
CA LEU A 138 -0.65 -62.60 -32.13
C LEU A 138 -0.37 -62.15 -33.55
N LEU A 139 0.74 -61.45 -33.75
CA LEU A 139 1.14 -61.07 -35.09
C LEU A 139 1.59 -62.29 -35.88
N GLN A 140 2.20 -63.26 -35.20
CA GLN A 140 2.50 -64.54 -35.82
C GLN A 140 1.22 -65.26 -36.20
N ASP A 141 0.18 -65.15 -35.36
CA ASP A 141 -1.12 -65.70 -35.71
C ASP A 141 -1.75 -64.93 -36.86
N LEU A 142 -1.57 -63.61 -36.87
CA LEU A 142 -2.16 -62.80 -37.92
C LEU A 142 -1.41 -62.98 -39.23
N GLN A 143 -0.11 -63.28 -39.14
CA GLN A 143 0.67 -63.61 -40.33
C GLN A 143 0.17 -64.90 -40.95
N ASP A 144 -0.25 -65.86 -40.12
CA ASP A 144 -0.78 -67.11 -40.64
C ASP A 144 -2.15 -66.91 -41.26
N LEU A 145 -2.91 -65.94 -40.76
CA LEU A 145 -4.18 -65.58 -41.38
C LEU A 145 -3.97 -64.98 -42.76
N CYS A 146 -2.90 -64.21 -42.93
CA CYS A 146 -2.61 -63.63 -44.24
C CYS A 146 -2.14 -64.70 -45.20
N ARG A 147 -1.52 -65.77 -44.68
CA ARG A 147 -1.12 -66.88 -45.52
C ARG A 147 -2.33 -67.65 -46.02
N ARG A 148 -3.33 -67.86 -45.16
CA ARG A 148 -4.50 -68.63 -45.54
C ARG A 148 -5.45 -67.85 -46.45
N ARG A 149 -5.32 -66.53 -46.51
CA ARG A 149 -6.16 -65.74 -47.41
C ARG A 149 -5.41 -65.50 -48.73
N ARG A 150 -5.48 -66.47 -49.63
CA ARG A 150 -4.72 -66.38 -50.88
C ARG A 150 -5.40 -65.47 -51.89
N GLY A 151 -6.74 -65.52 -51.94
CA GLY A 151 -7.46 -64.84 -53.00
C GLY A 151 -7.53 -63.34 -52.80
N LEU A 152 -7.40 -62.88 -51.55
CA LEU A 152 -7.50 -61.45 -51.29
C LEU A 152 -6.22 -60.72 -51.65
N ASP A 153 -5.07 -61.35 -51.41
CA ASP A 153 -3.70 -60.84 -51.40
C ASP A 153 -3.51 -59.79 -50.32
N VAL A 154 -4.32 -59.82 -49.26
CA VAL A 154 -4.41 -58.93 -48.08
C VAL A 154 -4.05 -57.45 -48.25
N PRO A 155 -4.67 -56.68 -49.18
CA PRO A 155 -4.49 -55.23 -49.11
C PRO A 155 -5.25 -54.65 -47.94
N ASP A 156 -6.55 -54.98 -47.92
CA ASP A 156 -7.47 -54.37 -46.98
C ASP A 156 -7.81 -55.30 -45.83
N PHE A 157 -7.54 -56.60 -46.00
CA PHE A 157 -7.71 -57.55 -44.92
C PHE A 157 -6.74 -57.24 -43.78
N LEU A 158 -5.54 -56.79 -44.13
CA LEU A 158 -4.64 -56.20 -43.15
C LEU A 158 -5.24 -54.94 -42.56
N MET A 159 -5.87 -54.12 -43.41
CA MET A 159 -6.47 -52.87 -42.94
C MET A 159 -7.69 -53.13 -42.09
N HIS A 160 -8.51 -54.13 -42.48
CA HIS A 160 -9.76 -54.37 -41.76
C HIS A 160 -9.50 -54.94 -40.38
N LYS A 161 -8.44 -55.73 -40.23
CA LYS A 161 -8.19 -56.35 -38.94
C LYS A 161 -7.45 -55.42 -38.00
N LEU A 162 -6.78 -54.40 -38.52
CA LEU A 162 -6.03 -53.49 -37.67
C LEU A 162 -6.78 -52.20 -37.35
N THR A 163 -8.02 -52.08 -37.78
CA THR A 163 -8.72 -50.80 -37.69
C THR A 163 -10.21 -51.04 -37.48
N ALA A 164 -10.75 -50.39 -36.45
CA ALA A 164 -12.17 -50.32 -36.22
C ALA A 164 -12.77 -49.43 -37.30
N SER A 165 -13.71 -49.99 -38.07
CA SER A 165 -14.18 -49.34 -39.29
C SER A 165 -15.03 -48.12 -38.99
N ASP A 166 -15.60 -48.05 -37.78
CA ASP A 166 -16.45 -46.92 -37.44
C ASP A 166 -15.63 -45.66 -37.20
N THR A 167 -14.47 -45.80 -36.58
CA THR A 167 -13.70 -44.65 -36.15
C THR A 167 -12.41 -44.44 -36.92
N GLY A 168 -11.92 -45.45 -37.62
CA GLY A 168 -10.66 -45.29 -38.32
C GLY A 168 -9.43 -45.36 -37.44
N LYS A 169 -9.58 -45.70 -36.16
CA LYS A 169 -8.42 -45.78 -35.28
C LYS A 169 -7.64 -47.05 -35.57
N THR A 170 -6.32 -46.94 -35.57
CA THR A 170 -5.49 -48.11 -35.82
C THR A 170 -4.78 -48.53 -34.55
N CYS A 171 -4.03 -49.61 -34.67
CA CYS A 171 -3.25 -50.13 -33.55
C CYS A 171 -2.15 -49.17 -33.16
N LEU A 172 -1.49 -48.57 -34.15
CA LEU A 172 -0.46 -47.58 -33.87
C LEU A 172 -1.05 -46.33 -33.25
N MET A 173 -2.30 -46.00 -33.65
CA MET A 173 -2.98 -44.85 -33.08
C MET A 173 -3.26 -45.07 -31.59
N LYS A 174 -3.88 -46.19 -31.26
CA LYS A 174 -4.33 -46.40 -29.89
C LYS A 174 -3.15 -46.64 -28.96
N ALA A 175 -2.06 -47.20 -29.49
CA ALA A 175 -0.86 -47.38 -28.68
C ALA A 175 -0.24 -46.03 -28.34
N LEU A 176 -0.35 -45.08 -29.25
CA LEU A 176 0.17 -43.75 -28.96
C LEU A 176 -0.75 -42.98 -28.03
N LEU A 177 -1.99 -43.45 -27.86
CA LEU A 177 -2.85 -42.87 -26.85
C LEU A 177 -2.38 -43.23 -25.45
N ASN A 178 -2.06 -44.51 -25.24
CA ASN A 178 -1.76 -45.02 -23.91
C ASN A 178 -0.25 -45.18 -23.81
N ILE A 179 0.39 -44.24 -23.11
CA ILE A 179 1.84 -44.27 -23.04
C ILE A 179 2.29 -45.03 -21.79
N ASN A 180 3.08 -46.06 -22.00
CA ASN A 180 3.69 -46.82 -20.94
C ASN A 180 5.19 -46.81 -21.19
N PRO A 181 6.05 -47.22 -20.24
CA PRO A 181 7.49 -47.23 -20.57
C PRO A 181 7.90 -48.32 -21.54
N ASN A 182 6.99 -49.20 -21.95
CA ASN A 182 7.26 -50.21 -22.95
C ASN A 182 6.78 -49.79 -24.33
N THR A 183 6.47 -48.51 -24.51
CA THR A 183 5.80 -48.06 -25.73
C THR A 183 6.74 -48.09 -26.93
N LYS A 184 8.04 -47.82 -26.69
CA LYS A 184 9.02 -47.78 -27.76
C LYS A 184 9.17 -49.12 -28.44
N GLU A 185 9.07 -50.19 -27.65
CA GLU A 185 9.15 -51.53 -28.21
C GLU A 185 7.91 -51.86 -29.01
N ILE A 186 6.78 -51.27 -28.65
CA ILE A 186 5.54 -51.49 -29.40
C ILE A 186 5.66 -50.85 -30.77
N VAL A 187 6.32 -49.69 -30.83
CA VAL A 187 6.47 -48.97 -32.08
C VAL A 187 7.35 -49.74 -33.05
N ARG A 188 8.48 -50.25 -32.56
CA ARG A 188 9.46 -50.88 -33.44
C ARG A 188 8.96 -52.23 -33.95
N ILE A 189 7.99 -52.82 -33.26
CA ILE A 189 7.42 -54.07 -33.71
C ILE A 189 6.32 -53.81 -34.73
N LEU A 190 5.51 -52.78 -34.49
CA LEU A 190 4.44 -52.43 -35.44
C LEU A 190 5.00 -51.99 -36.77
N LEU A 191 6.13 -51.27 -36.75
CA LEU A 191 6.76 -50.88 -38.00
C LEU A 191 7.44 -52.06 -38.67
N ALA A 192 7.95 -52.99 -37.85
CA ALA A 192 8.54 -54.21 -38.41
C ALA A 192 7.47 -55.10 -39.02
N PHE A 193 6.25 -55.05 -38.49
CA PHE A 193 5.22 -55.93 -38.98
C PHE A 193 4.70 -55.46 -40.33
N ALA A 194 4.65 -54.15 -40.54
CA ALA A 194 4.07 -53.63 -41.78
C ALA A 194 5.04 -53.73 -42.93
N GLU A 195 6.33 -53.83 -42.65
CA GLU A 195 7.31 -53.66 -43.71
C GLU A 195 7.50 -54.93 -44.52
N GLU A 196 7.25 -56.10 -43.93
CA GLU A 196 7.13 -57.29 -44.78
C GLU A 196 5.80 -57.25 -45.51
N ASN A 197 4.81 -56.63 -44.90
CA ASN A 197 3.48 -56.54 -45.47
C ASN A 197 3.33 -55.39 -46.45
N ASP A 198 4.35 -54.53 -46.53
CA ASP A 198 4.53 -53.54 -47.59
C ASP A 198 3.41 -52.50 -47.63
N ILE A 199 2.73 -52.27 -46.53
CA ILE A 199 1.54 -51.42 -46.51
C ILE A 199 1.71 -50.31 -45.50
N LEU A 200 2.96 -49.98 -45.19
CA LEU A 200 3.26 -49.05 -44.11
C LEU A 200 2.80 -47.64 -44.46
N ASP A 201 2.86 -47.28 -45.74
CA ASP A 201 2.35 -45.98 -46.17
C ASP A 201 0.84 -45.91 -45.97
N ARG A 202 0.14 -47.00 -46.26
CA ARG A 202 -1.27 -47.06 -45.91
C ARG A 202 -1.43 -47.10 -44.40
N PHE A 203 -0.47 -47.72 -43.71
CA PHE A 203 -0.60 -47.91 -42.27
C PHE A 203 -0.33 -46.62 -41.51
N ILE A 204 0.77 -45.95 -41.84
CA ILE A 204 1.17 -44.80 -41.04
C ILE A 204 0.32 -43.59 -41.38
N ASN A 205 0.00 -43.41 -42.67
CA ASN A 205 -0.76 -42.25 -43.10
C ASN A 205 -2.26 -42.49 -43.04
N ALA A 206 -2.70 -43.42 -42.20
CA ALA A 206 -4.12 -43.59 -41.95
C ALA A 206 -4.66 -42.41 -41.18
N GLU A 207 -5.98 -42.24 -41.23
CA GLU A 207 -6.61 -41.05 -40.70
C GLU A 207 -8.00 -41.38 -40.19
N TYR A 208 -8.57 -40.46 -39.44
CA TYR A 208 -9.90 -40.66 -38.88
C TYR A 208 -10.98 -40.41 -39.93
N THR A 209 -12.05 -41.21 -39.85
CA THR A 209 -13.12 -41.19 -40.82
C THR A 209 -14.36 -40.46 -40.34
N GLU A 210 -14.59 -40.39 -39.03
CA GLU A 210 -15.72 -39.64 -38.52
C GLU A 210 -15.49 -38.15 -38.68
N GLU A 211 -16.59 -37.38 -38.64
CA GLU A 211 -16.49 -35.96 -38.95
C GLU A 211 -15.82 -35.19 -37.81
N ALA A 212 -16.02 -35.63 -36.58
CA ALA A 212 -15.18 -35.13 -35.51
C ALA A 212 -13.81 -35.77 -35.62
N TYR A 213 -12.80 -35.07 -35.09
CA TYR A 213 -11.40 -35.51 -35.07
C TYR A 213 -10.86 -35.80 -36.47
N GLU A 214 -11.39 -35.10 -37.47
CA GLU A 214 -11.40 -35.63 -38.83
C GLU A 214 -10.01 -35.64 -39.44
N GLY A 215 -9.49 -36.85 -39.67
CA GLY A 215 -8.18 -37.01 -40.24
C GLY A 215 -7.06 -36.59 -39.30
N GLN A 216 -6.84 -37.35 -38.22
CA GLN A 216 -5.93 -36.84 -37.21
C GLN A 216 -4.50 -37.31 -37.45
N THR A 217 -4.30 -38.54 -37.96
CA THR A 217 -3.00 -39.05 -38.43
C THR A 217 -1.92 -39.04 -37.35
N ALA A 218 -1.93 -40.07 -36.49
CA ALA A 218 -1.42 -40.01 -35.11
C ALA A 218 0.07 -39.67 -34.97
N LEU A 219 0.77 -39.34 -36.06
CA LEU A 219 1.94 -38.48 -35.93
C LEU A 219 1.63 -37.23 -35.13
N ASN A 220 0.45 -36.65 -35.39
CA ASN A 220 -0.13 -35.60 -34.56
C ASN A 220 -0.14 -35.97 -33.08
N ILE A 221 -0.54 -37.21 -32.78
CA ILE A 221 -0.68 -37.63 -31.38
C ILE A 221 0.67 -37.66 -30.69
N ALA A 222 1.69 -38.18 -31.38
CA ALA A 222 3.01 -38.32 -30.77
C ALA A 222 3.64 -36.98 -30.50
N ILE A 223 3.32 -35.98 -31.32
CA ILE A 223 3.68 -34.60 -31.02
C ILE A 223 2.97 -34.14 -29.76
N GLU A 224 1.69 -34.46 -29.66
CA GLU A 224 0.90 -34.03 -28.52
C GLU A 224 1.31 -34.79 -27.27
N ARG A 225 1.78 -36.02 -27.44
CA ARG A 225 2.27 -36.74 -26.28
C ARG A 225 3.72 -36.42 -25.95
N ARG A 226 4.38 -35.61 -26.78
CA ARG A 226 5.75 -35.14 -26.56
C ARG A 226 6.73 -36.30 -26.42
N GLN A 227 6.96 -36.98 -27.53
CA GLN A 227 7.93 -38.08 -27.60
C GLN A 227 8.83 -37.83 -28.79
N GLY A 228 10.01 -37.26 -28.54
CA GLY A 228 10.84 -36.76 -29.62
C GLY A 228 11.43 -37.84 -30.48
N ASP A 229 11.96 -38.89 -29.85
CA ASP A 229 12.53 -40.00 -30.60
C ASP A 229 11.45 -40.77 -31.36
N ILE A 230 10.27 -40.91 -30.76
CA ILE A 230 9.16 -41.58 -31.40
C ILE A 230 8.71 -40.77 -32.61
N THR A 231 8.74 -39.46 -32.48
CA THR A 231 8.46 -38.57 -33.60
C THR A 231 9.50 -38.74 -34.70
N ALA A 232 10.76 -38.91 -34.30
CA ALA A 232 11.86 -38.99 -35.25
C ALA A 232 11.76 -40.25 -36.10
N VAL A 233 11.31 -41.35 -35.51
CA VAL A 233 11.18 -42.59 -36.25
C VAL A 233 10.06 -42.48 -37.28
N LEU A 234 8.97 -41.83 -36.90
CA LEU A 234 7.87 -41.64 -37.84
C LEU A 234 8.25 -40.69 -38.95
N ILE A 235 9.10 -39.72 -38.66
CA ILE A 235 9.70 -38.92 -39.71
C ILE A 235 10.64 -39.79 -40.54
N ALA A 236 11.42 -40.64 -39.87
CA ALA A 236 12.30 -41.57 -40.58
C ALA A 236 11.49 -42.59 -41.36
N ALA A 237 10.29 -42.91 -40.89
CA ALA A 237 9.37 -43.68 -41.71
C ALA A 237 8.80 -42.84 -42.84
N GLY A 238 8.63 -41.54 -42.60
CA GLY A 238 7.99 -40.69 -43.59
C GLY A 238 6.50 -40.73 -43.38
N ALA A 239 5.91 -39.61 -42.97
CA ALA A 239 4.55 -39.65 -42.45
C ALA A 239 3.70 -38.47 -42.90
N ASP A 240 4.08 -37.82 -44.01
CA ASP A 240 3.30 -36.74 -44.65
C ASP A 240 3.09 -35.58 -43.67
N VAL A 241 4.20 -34.94 -43.30
CA VAL A 241 4.28 -34.15 -42.07
C VAL A 241 3.46 -32.87 -42.17
N ASN A 242 3.07 -32.47 -43.38
CA ASN A 242 2.13 -31.38 -43.56
C ASN A 242 0.72 -31.93 -43.72
N ALA A 243 0.31 -32.72 -42.73
CA ALA A 243 -0.99 -33.36 -42.71
C ALA A 243 -2.00 -32.39 -42.11
N HIS A 244 -2.95 -31.95 -42.92
CA HIS A 244 -3.95 -30.99 -42.47
C HIS A 244 -4.99 -31.71 -41.64
N ALA A 245 -5.04 -31.39 -40.36
CA ALA A 245 -6.12 -31.92 -39.56
C ALA A 245 -7.40 -31.13 -39.83
N LYS A 246 -8.53 -31.82 -39.71
CA LYS A 246 -9.83 -31.16 -39.72
C LYS A 246 -10.66 -31.76 -38.61
N GLY A 247 -11.93 -31.40 -38.57
CA GLY A 247 -12.79 -31.89 -37.52
C GLY A 247 -13.40 -30.75 -36.72
N VAL A 248 -14.57 -31.02 -36.16
CA VAL A 248 -15.29 -30.02 -35.39
C VAL A 248 -14.57 -29.76 -34.07
N PHE A 249 -13.83 -30.75 -33.58
CA PHE A 249 -13.06 -30.56 -32.35
C PHE A 249 -11.87 -29.66 -32.59
N PHE A 250 -11.18 -29.86 -33.71
CA PHE A 250 -9.99 -29.08 -33.99
C PHE A 250 -10.34 -27.67 -34.42
N ASN A 251 -11.54 -27.49 -34.96
CA ASN A 251 -12.04 -26.15 -35.25
C ASN A 251 -13.32 -25.96 -34.47
N PRO A 252 -13.25 -25.59 -33.20
CA PRO A 252 -14.47 -25.49 -32.40
C PRO A 252 -15.16 -24.15 -32.59
N LYS A 253 -16.48 -24.15 -32.43
CA LYS A 253 -17.21 -22.89 -32.45
C LYS A 253 -17.02 -22.13 -31.14
N TYR A 254 -16.82 -22.86 -30.05
CA TYR A 254 -16.75 -22.29 -28.71
C TYR A 254 -15.38 -22.56 -28.12
N GLN A 255 -15.04 -21.79 -27.09
CA GLN A 255 -13.72 -21.94 -26.48
C GLN A 255 -13.63 -23.21 -25.65
N HIS A 256 -14.73 -23.60 -25.02
CA HIS A 256 -14.69 -24.74 -24.11
C HIS A 256 -14.75 -26.06 -24.86
N GLU A 257 -15.17 -26.02 -26.12
CA GLU A 257 -15.46 -27.27 -26.82
C GLU A 257 -14.19 -27.95 -27.31
N GLY A 258 -13.29 -27.19 -27.93
CA GLY A 258 -12.15 -27.80 -28.57
C GLY A 258 -10.92 -26.95 -28.44
N PHE A 259 -10.02 -27.11 -29.40
CA PHE A 259 -8.72 -26.46 -29.37
C PHE A 259 -8.25 -26.14 -30.78
N TYR A 260 -8.04 -24.84 -31.04
CA TYR A 260 -7.70 -24.38 -32.39
C TYR A 260 -6.22 -24.06 -32.48
N PHE A 261 -5.45 -25.06 -32.90
CA PHE A 261 -4.04 -24.78 -33.12
C PHE A 261 -3.72 -24.49 -34.58
N GLY A 262 -4.69 -24.53 -35.47
CA GLY A 262 -4.42 -24.25 -36.85
C GLY A 262 -4.01 -25.43 -37.69
N GLU A 263 -4.39 -26.65 -37.30
CA GLU A 263 -4.55 -27.78 -38.20
C GLU A 263 -3.22 -28.28 -38.77
N THR A 264 -2.12 -27.97 -38.08
CA THR A 264 -0.81 -28.24 -38.63
C THR A 264 0.10 -28.86 -37.60
N PRO A 265 0.76 -29.97 -37.93
CA PRO A 265 1.65 -30.63 -36.97
C PRO A 265 2.83 -29.77 -36.59
N LEU A 266 3.31 -28.95 -37.51
CA LEU A 266 4.35 -27.99 -37.17
C LEU A 266 3.83 -26.94 -36.22
N ALA A 267 2.64 -26.41 -36.50
CA ALA A 267 2.08 -25.35 -35.69
C ALA A 267 1.66 -25.87 -34.33
N LEU A 268 1.36 -27.18 -34.25
CA LEU A 268 0.98 -27.77 -32.99
C LEU A 268 2.14 -27.73 -32.00
N ALA A 269 3.30 -28.22 -32.42
CA ALA A 269 4.48 -28.21 -31.57
C ALA A 269 4.92 -26.79 -31.27
N ALA A 270 4.66 -25.88 -32.20
CA ALA A 270 4.86 -24.47 -31.92
C ALA A 270 3.90 -24.01 -30.84
N CYS A 271 2.64 -24.41 -30.94
CA CYS A 271 1.65 -23.94 -29.98
C CYS A 271 1.80 -24.62 -28.63
N THR A 272 2.42 -25.79 -28.58
CA THR A 272 2.56 -26.53 -27.34
C THR A 272 3.96 -26.47 -26.76
N ASN A 273 4.79 -25.56 -27.28
CA ASN A 273 6.08 -25.17 -26.70
C ASN A 273 7.05 -26.34 -26.62
N GLN A 274 7.30 -26.97 -27.78
CA GLN A 274 8.19 -28.13 -27.86
C GLN A 274 9.20 -27.80 -28.96
N PRO A 275 10.21 -26.98 -28.64
CA PRO A 275 11.00 -26.34 -29.71
C PRO A 275 11.91 -27.29 -30.46
N GLU A 276 12.33 -28.38 -29.83
CA GLU A 276 13.15 -29.36 -30.53
C GLU A 276 12.32 -30.08 -31.58
N ILE A 277 11.05 -30.32 -31.30
CA ILE A 277 10.14 -30.86 -32.30
C ILE A 277 9.94 -29.83 -33.40
N VAL A 278 9.83 -28.56 -33.02
CA VAL A 278 9.81 -27.47 -33.98
C VAL A 278 11.13 -27.44 -34.75
N GLN A 279 12.23 -27.74 -34.07
CA GLN A 279 13.51 -27.84 -34.74
C GLN A 279 13.57 -29.05 -35.65
N LEU A 280 13.05 -30.18 -35.19
CA LEU A 280 13.17 -31.41 -35.98
C LEU A 280 12.26 -31.39 -37.19
N LEU A 281 11.11 -30.74 -37.08
CA LEU A 281 10.24 -30.63 -38.25
C LEU A 281 10.72 -29.58 -39.22
N MET A 282 11.70 -28.78 -38.80
CA MET A 282 12.08 -27.63 -39.61
C MET A 282 12.90 -28.04 -40.82
N GLU A 283 13.73 -29.07 -40.69
CA GLU A 283 14.57 -29.46 -41.81
C GLU A 283 14.08 -30.69 -42.55
N ASN A 284 12.77 -30.89 -42.68
CA ASN A 284 12.27 -31.97 -43.53
C ASN A 284 12.17 -31.37 -44.93
N GLU A 285 12.18 -32.26 -45.92
CA GLU A 285 12.24 -31.90 -47.35
C GLU A 285 10.89 -31.28 -47.74
N GLN A 286 9.76 -31.85 -47.33
CA GLN A 286 8.47 -31.47 -47.89
C GLN A 286 7.65 -30.77 -46.81
N THR A 287 8.32 -29.90 -46.07
CA THR A 287 7.70 -29.30 -44.90
C THR A 287 6.65 -28.26 -45.29
N ASP A 288 7.00 -27.36 -46.21
CA ASP A 288 6.12 -26.30 -46.73
C ASP A 288 5.60 -25.39 -45.62
N ILE A 289 6.53 -24.60 -45.09
CA ILE A 289 6.25 -23.63 -44.02
C ILE A 289 5.15 -22.66 -44.42
N THR A 290 5.03 -22.36 -45.72
CA THR A 290 4.06 -21.39 -46.22
C THR A 290 2.64 -21.91 -46.31
N SER A 291 2.32 -23.01 -45.63
CA SER A 291 1.04 -23.67 -45.86
C SER A 291 -0.12 -22.89 -45.27
N GLN A 292 -1.27 -23.00 -45.93
CA GLN A 292 -2.53 -22.47 -45.45
C GLN A 292 -3.46 -23.62 -45.11
N ASP A 293 -4.58 -23.30 -44.48
CA ASP A 293 -5.49 -24.34 -44.00
C ASP A 293 -6.95 -23.91 -44.17
N SER A 294 -7.83 -24.67 -43.54
CA SER A 294 -9.18 -24.21 -43.32
C SER A 294 -9.13 -22.99 -42.41
N ARG A 295 -10.00 -22.02 -42.69
CA ARG A 295 -10.07 -20.63 -42.21
C ARG A 295 -8.97 -19.79 -42.88
N GLY A 296 -8.09 -20.39 -43.67
CA GLY A 296 -7.12 -19.66 -44.46
C GLY A 296 -5.89 -19.21 -43.71
N ASN A 297 -5.65 -19.72 -42.51
CA ASN A 297 -4.61 -19.16 -41.69
C ASN A 297 -3.25 -19.75 -42.05
N ASN A 298 -2.21 -19.03 -41.65
CA ASN A 298 -0.85 -19.54 -41.68
C ASN A 298 -0.40 -19.80 -40.26
N ILE A 299 0.84 -20.28 -40.14
CA ILE A 299 1.37 -20.71 -38.85
C ILE A 299 1.50 -19.54 -37.89
N LEU A 300 1.71 -18.35 -38.42
CA LEU A 300 1.90 -17.20 -37.55
C LEU A 300 0.56 -16.73 -36.99
N HIS A 301 -0.52 -16.98 -37.74
CA HIS A 301 -1.84 -16.55 -37.31
C HIS A 301 -2.28 -17.29 -36.06
N ALA A 302 -2.10 -18.61 -36.04
CA ALA A 302 -2.50 -19.40 -34.89
C ALA A 302 -1.64 -19.07 -33.69
N LEU A 303 -0.37 -18.71 -33.93
CA LEU A 303 0.48 -18.23 -32.85
C LEU A 303 -0.06 -16.93 -32.28
N VAL A 304 -0.59 -16.07 -33.14
CA VAL A 304 -1.26 -14.87 -32.65
C VAL A 304 -2.57 -15.25 -31.98
N THR A 305 -3.30 -16.17 -32.60
CA THR A 305 -4.63 -16.58 -32.16
C THR A 305 -4.54 -17.24 -30.78
N VAL A 306 -3.49 -18.02 -30.58
CA VAL A 306 -3.28 -18.60 -29.27
C VAL A 306 -2.15 -17.86 -28.59
N ALA A 307 -2.50 -16.85 -27.80
CA ALA A 307 -1.53 -16.08 -27.05
C ALA A 307 -2.25 -15.39 -25.92
N GLU A 308 -1.52 -15.14 -24.83
CA GLU A 308 -2.10 -14.44 -23.70
C GLU A 308 -1.11 -13.41 -23.21
N ASP A 309 -1.39 -12.85 -22.04
CA ASP A 309 -0.53 -11.85 -21.43
C ASP A 309 0.68 -12.53 -20.80
N PHE A 310 1.50 -11.74 -20.10
CA PHE A 310 2.62 -12.36 -19.41
C PHE A 310 2.14 -13.16 -18.20
N LYS A 311 1.00 -12.77 -17.63
CA LYS A 311 0.34 -13.70 -16.75
C LYS A 311 -0.20 -14.86 -17.58
N THR A 312 0.05 -16.07 -17.06
CA THR A 312 -0.45 -17.39 -17.48
C THR A 312 0.30 -17.84 -18.74
N GLN A 313 1.05 -16.97 -19.41
CA GLN A 313 1.92 -17.43 -20.48
C GLN A 313 3.22 -16.65 -20.46
N ASN A 314 4.33 -17.35 -20.58
CA ASN A 314 5.65 -16.73 -20.49
C ASN A 314 6.41 -16.91 -21.80
N ASP A 315 6.26 -15.93 -22.69
CA ASP A 315 7.15 -15.50 -23.77
C ASP A 315 7.53 -16.57 -24.79
N PHE A 316 6.97 -17.78 -24.69
CA PHE A 316 7.32 -18.81 -25.66
C PHE A 316 6.58 -18.55 -26.97
N VAL A 317 5.39 -17.96 -26.86
CA VAL A 317 4.64 -17.57 -28.05
C VAL A 317 5.43 -16.54 -28.82
N LYS A 318 6.07 -15.62 -28.09
CA LYS A 318 7.00 -14.68 -28.70
C LYS A 318 8.19 -15.40 -29.31
N ARG A 319 8.79 -16.32 -28.56
CA ARG A 319 10.04 -16.91 -29.00
C ARG A 319 9.82 -17.91 -30.13
N MET A 320 8.72 -18.66 -30.08
CA MET A 320 8.44 -19.56 -31.19
C MET A 320 7.97 -18.80 -32.41
N TYR A 321 7.43 -17.59 -32.22
CA TYR A 321 7.22 -16.70 -33.35
C TYR A 321 8.56 -16.30 -33.95
N ASP A 322 9.55 -16.08 -33.10
CA ASP A 322 10.86 -15.69 -33.59
C ASP A 322 11.55 -16.84 -34.29
N MET A 323 11.50 -18.04 -33.68
CA MET A 323 12.31 -19.16 -34.12
C MET A 323 11.92 -19.62 -35.51
N ILE A 324 10.63 -19.58 -35.81
CA ILE A 324 10.19 -19.98 -37.14
C ILE A 324 10.48 -18.87 -38.14
N LEU A 325 10.60 -17.64 -37.66
CA LEU A 325 10.70 -16.51 -38.58
C LEU A 325 12.11 -16.41 -39.16
N LEU A 326 13.11 -16.80 -38.37
CA LEU A 326 14.48 -16.77 -38.85
C LEU A 326 14.71 -17.82 -39.92
N ARG A 327 13.97 -18.92 -39.86
CA ARG A 327 14.09 -19.93 -40.89
C ARG A 327 13.47 -19.47 -42.20
N SER A 328 12.46 -18.60 -42.10
CA SER A 328 11.67 -18.16 -43.25
C SER A 328 12.48 -17.44 -44.31
N GLY A 329 13.08 -16.31 -43.95
CA GLY A 329 13.94 -15.59 -44.86
C GLY A 329 13.24 -14.86 -45.99
N ASN A 330 11.94 -14.66 -45.91
CA ASN A 330 11.21 -13.97 -46.96
C ASN A 330 10.18 -13.07 -46.31
N TRP A 331 9.86 -11.96 -46.99
CA TRP A 331 8.78 -11.10 -46.53
C TRP A 331 7.43 -11.78 -46.68
N GLU A 332 7.30 -12.69 -47.63
CA GLU A 332 6.12 -13.55 -47.65
C GLU A 332 6.16 -14.45 -46.43
N LEU A 333 4.96 -14.94 -46.09
CA LEU A 333 4.55 -15.60 -44.83
C LEU A 333 4.43 -14.53 -43.75
N GLU A 334 4.41 -13.27 -44.16
CA GLU A 334 3.72 -12.21 -43.43
C GLU A 334 2.80 -11.41 -44.31
N THR A 335 3.06 -11.39 -45.61
CA THR A 335 2.23 -10.65 -46.53
C THR A 335 0.95 -11.39 -46.86
N MET A 336 0.89 -12.68 -46.54
CA MET A 336 -0.29 -13.48 -46.81
C MET A 336 -1.46 -13.01 -45.96
N ARG A 337 -2.65 -13.17 -46.48
CA ARG A 337 -3.87 -12.86 -45.76
C ARG A 337 -4.74 -14.10 -45.69
N ASN A 338 -5.59 -14.14 -44.67
CA ASN A 338 -6.40 -15.32 -44.40
C ASN A 338 -7.67 -15.30 -45.24
N ASN A 339 -8.59 -16.22 -44.94
CA ASN A 339 -9.90 -16.16 -45.57
C ASN A 339 -10.71 -14.99 -45.04
N ASP A 340 -10.35 -14.50 -43.84
CA ASP A 340 -10.90 -13.23 -43.42
C ASP A 340 -10.24 -12.08 -44.16
N GLY A 341 -9.08 -12.32 -44.76
CA GLY A 341 -8.41 -11.32 -45.53
C GLY A 341 -7.42 -10.48 -44.76
N LEU A 342 -6.84 -11.03 -43.69
CA LEU A 342 -6.05 -10.21 -42.78
C LEU A 342 -4.63 -10.72 -42.67
N THR A 343 -3.70 -9.78 -42.50
CA THR A 343 -2.30 -10.12 -42.23
C THR A 343 -2.20 -10.61 -40.80
N PRO A 344 -1.11 -11.29 -40.44
CA PRO A 344 -0.89 -11.58 -39.01
C PRO A 344 -0.78 -10.34 -38.16
N LEU A 345 -0.21 -9.27 -38.72
CA LEU A 345 -0.23 -8.00 -38.01
C LEU A 345 -1.64 -7.45 -37.90
N GLN A 346 -2.44 -7.59 -38.95
CA GLN A 346 -3.83 -7.17 -38.87
C GLN A 346 -4.61 -8.06 -37.93
N LEU A 347 -4.34 -9.35 -37.93
CA LEU A 347 -5.05 -10.25 -37.03
C LEU A 347 -4.60 -10.03 -35.59
N ALA A 348 -3.38 -9.53 -35.41
CA ALA A 348 -2.94 -9.14 -34.08
C ALA A 348 -3.76 -7.98 -33.56
N ALA A 349 -4.17 -7.08 -34.45
CA ALA A 349 -4.99 -5.96 -34.05
C ALA A 349 -6.39 -6.42 -33.69
N LYS A 350 -6.99 -7.25 -34.54
CA LYS A 350 -8.39 -7.59 -34.37
C LYS A 350 -8.59 -8.52 -33.18
N MET A 351 -7.63 -9.42 -32.96
CA MET A 351 -7.66 -10.21 -31.73
C MET A 351 -7.26 -9.37 -30.53
N GLY A 352 -6.49 -8.31 -30.76
CA GLY A 352 -6.06 -7.45 -29.70
C GLY A 352 -5.02 -8.04 -28.78
N LYS A 353 -4.30 -9.08 -29.21
CA LYS A 353 -3.24 -9.65 -28.40
C LYS A 353 -2.09 -8.67 -28.30
N ALA A 354 -1.89 -8.11 -27.11
CA ALA A 354 -0.97 -7.00 -26.93
C ALA A 354 0.49 -7.40 -26.94
N GLU A 355 0.85 -8.51 -26.28
CA GLU A 355 2.25 -8.81 -26.04
C GLU A 355 2.96 -9.21 -27.32
N ILE A 356 2.24 -9.85 -28.24
CA ILE A 356 2.85 -10.18 -29.52
C ILE A 356 3.02 -8.93 -30.35
N LEU A 357 2.14 -7.94 -30.16
CA LEU A 357 2.13 -6.79 -31.05
C LEU A 357 3.31 -5.87 -30.75
N LYS A 358 3.80 -5.91 -29.51
CA LYS A 358 5.03 -5.21 -29.18
C LYS A 358 6.22 -5.82 -29.90
N TYR A 359 6.21 -7.14 -30.05
CA TYR A 359 7.34 -7.81 -30.68
C TYR A 359 7.38 -7.52 -32.18
N ILE A 360 6.22 -7.30 -32.79
CA ILE A 360 6.17 -7.08 -34.23
C ILE A 360 6.81 -5.76 -34.59
N LEU A 361 6.53 -4.73 -33.81
CA LEU A 361 6.94 -3.38 -34.19
C LEU A 361 8.42 -3.17 -33.92
N SER A 362 8.96 -3.81 -32.90
CA SER A 362 10.35 -3.61 -32.53
C SER A 362 11.22 -4.79 -32.95
N ARG A 363 10.87 -5.45 -34.03
CA ARG A 363 11.56 -6.67 -34.45
C ARG A 363 12.79 -6.28 -35.26
N GLU A 364 13.93 -6.15 -34.59
CA GLU A 364 15.20 -5.84 -35.23
C GLU A 364 16.13 -7.02 -35.09
N ILE A 365 17.01 -7.19 -36.07
CA ILE A 365 17.94 -8.32 -36.12
C ILE A 365 19.33 -7.79 -36.47
N LYS A 366 20.31 -8.15 -35.63
CA LYS A 366 21.67 -7.70 -35.86
C LYS A 366 22.38 -8.54 -36.91
N GLU A 367 21.91 -9.78 -37.10
CA GLU A 367 22.65 -10.76 -37.88
C GLU A 367 22.58 -10.46 -39.37
N LYS A 368 23.76 -10.31 -39.97
CA LYS A 368 23.92 -9.57 -41.22
C LYS A 368 23.13 -10.04 -42.43
N PRO A 369 23.18 -11.32 -42.88
CA PRO A 369 22.68 -11.61 -44.25
C PRO A 369 21.17 -11.54 -44.38
N LEU A 370 20.47 -11.38 -43.27
CA LEU A 370 19.02 -11.27 -43.23
C LEU A 370 18.55 -10.11 -42.36
N ARG A 371 19.33 -9.03 -42.32
CA ARG A 371 18.90 -7.82 -41.61
C ARG A 371 17.79 -7.10 -42.36
N SER A 372 17.50 -7.50 -43.59
CA SER A 372 16.36 -6.94 -44.32
C SER A 372 15.06 -7.21 -43.58
N LEU A 373 14.78 -8.47 -43.26
CA LEU A 373 13.58 -8.82 -42.51
C LEU A 373 13.73 -8.36 -41.07
N SER A 374 13.53 -7.05 -40.89
CA SER A 374 13.67 -6.42 -39.60
C SER A 374 12.84 -5.15 -39.61
N ARG A 375 12.43 -4.72 -38.43
CA ARG A 375 11.82 -3.42 -38.24
C ARG A 375 12.55 -2.75 -37.10
N LYS A 376 12.21 -1.48 -36.84
CA LYS A 376 12.96 -0.60 -35.93
C LYS A 376 14.44 -0.55 -36.34
N PHE A 377 14.69 0.07 -37.49
CA PHE A 377 16.05 0.20 -37.97
C PHE A 377 16.80 1.25 -37.17
N THR A 378 18.00 0.89 -36.72
CA THR A 378 18.85 1.80 -35.97
C THR A 378 19.49 2.81 -36.91
N ASP A 379 19.21 4.09 -36.68
CA ASP A 379 19.71 5.14 -37.56
C ASP A 379 21.19 5.37 -37.33
N TRP A 380 21.53 5.80 -36.11
CA TRP A 380 22.88 6.09 -35.70
C TRP A 380 22.92 6.10 -34.19
N ALA A 381 24.08 5.81 -33.62
CA ALA A 381 24.26 5.83 -32.18
C ALA A 381 25.62 6.45 -31.90
N TYR A 382 25.65 7.35 -30.92
CA TYR A 382 26.92 7.94 -30.51
C TYR A 382 26.95 7.96 -28.99
N GLY A 383 27.50 6.90 -28.40
CA GLY A 383 27.49 6.74 -26.98
C GLY A 383 26.08 6.53 -26.48
N PRO A 384 25.68 7.37 -25.53
CA PRO A 384 24.37 7.19 -24.88
C PRO A 384 23.19 7.69 -25.68
N VAL A 385 23.41 8.27 -26.86
CA VAL A 385 22.35 8.85 -27.65
C VAL A 385 22.26 8.08 -28.96
N SER A 386 21.05 7.64 -29.30
CA SER A 386 20.83 6.91 -30.53
C SER A 386 19.52 7.38 -31.16
N SER A 387 19.36 7.06 -32.43
CA SER A 387 18.13 7.33 -33.15
C SER A 387 17.70 6.08 -33.91
N SER A 388 16.42 5.98 -34.19
CA SER A 388 15.86 4.77 -34.77
C SER A 388 14.75 5.13 -35.76
N LEU A 389 14.48 4.18 -36.66
CA LEU A 389 13.42 4.32 -37.64
C LEU A 389 12.43 3.19 -37.50
N TYR A 390 11.21 3.50 -37.06
CA TYR A 390 10.13 2.53 -37.02
C TYR A 390 9.44 2.50 -38.37
N ASP A 391 9.15 1.30 -38.87
CA ASP A 391 8.55 1.16 -40.19
C ASP A 391 7.08 1.51 -40.16
N LEU A 392 6.55 1.93 -41.30
CA LEU A 392 5.15 2.26 -41.48
C LEU A 392 4.58 1.54 -42.68
N THR A 393 4.80 0.23 -42.76
CA THR A 393 4.34 -0.52 -43.92
C THR A 393 2.83 -0.58 -43.98
N ASN A 394 2.19 -0.92 -42.86
CA ASN A 394 0.75 -0.99 -42.83
C ASN A 394 0.15 -0.34 -41.60
N VAL A 395 0.93 0.41 -40.83
CA VAL A 395 0.41 1.00 -39.62
C VAL A 395 -0.36 2.27 -39.93
N ASP A 396 0.20 3.12 -40.78
CA ASP A 396 -0.42 4.39 -41.10
C ASP A 396 -1.64 4.18 -41.99
N THR A 397 -2.55 5.14 -41.95
CA THR A 397 -3.84 5.07 -42.63
C THR A 397 -3.78 5.37 -44.11
N THR A 398 -2.61 5.26 -44.75
CA THR A 398 -2.53 5.46 -46.18
C THR A 398 -3.11 4.27 -46.95
N THR A 399 -3.37 3.16 -46.26
CA THR A 399 -3.97 1.97 -46.85
C THR A 399 -5.34 1.82 -46.21
N ASP A 400 -6.28 1.18 -46.91
CA ASP A 400 -7.70 1.08 -46.56
C ASP A 400 -7.84 0.37 -45.21
N ASN A 401 -7.17 -0.74 -44.97
CA ASN A 401 -7.09 -1.25 -43.61
C ASN A 401 -5.70 -0.99 -43.04
N SER A 402 -5.66 -0.37 -41.88
CA SER A 402 -4.40 -0.07 -41.22
C SER A 402 -4.48 -0.57 -39.79
N VAL A 403 -3.30 -0.67 -39.18
CA VAL A 403 -3.17 -1.12 -37.80
C VAL A 403 -3.87 -0.15 -36.87
N LEU A 404 -3.64 1.14 -37.08
CA LEU A 404 -4.17 2.17 -36.20
C LEU A 404 -5.67 2.27 -36.29
N GLU A 405 -6.22 2.00 -37.47
CA GLU A 405 -7.66 2.11 -37.68
C GLU A 405 -8.41 1.02 -36.92
N ILE A 406 -7.87 -0.19 -36.93
CA ILE A 406 -8.55 -1.34 -36.34
C ILE A 406 -8.55 -1.23 -34.83
N ILE A 407 -7.47 -0.66 -34.27
CA ILE A 407 -7.40 -0.47 -32.84
C ILE A 407 -8.40 0.59 -32.38
N VAL A 408 -8.62 1.60 -33.22
CA VAL A 408 -9.61 2.62 -32.88
C VAL A 408 -11.02 2.07 -33.06
N TYR A 409 -11.35 1.66 -34.29
CA TYR A 409 -12.75 1.36 -34.59
C TYR A 409 -13.17 -0.04 -34.20
N ASN A 410 -12.87 -0.45 -32.98
CA ASN A 410 -13.44 -1.65 -32.40
C ASN A 410 -13.69 -1.41 -30.92
N THR A 411 -14.87 -1.83 -30.49
CA THR A 411 -15.26 -1.74 -29.09
C THR A 411 -15.27 -3.11 -28.45
N ASN A 412 -15.40 -4.16 -29.25
CA ASN A 412 -15.74 -5.45 -28.70
C ASN A 412 -14.55 -6.17 -28.10
N ILE A 413 -13.32 -5.71 -28.35
CA ILE A 413 -12.18 -6.59 -28.08
C ILE A 413 -11.84 -6.59 -26.60
N ASP A 414 -11.07 -5.58 -26.16
CA ASP A 414 -10.71 -5.20 -24.79
C ASP A 414 -9.63 -4.13 -24.92
N ASN A 415 -9.24 -3.51 -23.80
CA ASN A 415 -7.84 -3.23 -23.48
C ASN A 415 -7.19 -2.26 -24.45
N ARG A 416 -7.94 -1.29 -24.96
CA ARG A 416 -7.40 -0.43 -26.00
C ARG A 416 -6.39 0.56 -25.44
N HIS A 417 -6.44 0.80 -24.13
CA HIS A 417 -5.50 1.72 -23.50
C HIS A 417 -4.09 1.14 -23.51
N GLU A 418 -3.98 -0.18 -23.45
CA GLU A 418 -2.67 -0.80 -23.40
C GLU A 418 -1.98 -0.73 -24.75
N MET A 419 -2.71 -1.00 -25.83
CA MET A 419 -2.10 -1.14 -27.14
C MET A 419 -1.64 0.20 -27.67
N LEU A 420 -2.32 1.27 -27.28
CA LEU A 420 -1.97 2.59 -27.80
C LEU A 420 -0.76 3.17 -27.09
N THR A 421 -0.28 2.51 -26.05
CA THR A 421 0.89 2.96 -25.33
C THR A 421 2.13 2.57 -26.14
N LEU A 422 1.96 1.63 -27.06
CA LEU A 422 3.08 1.09 -27.82
C LEU A 422 3.60 2.12 -28.81
N GLU A 423 4.90 2.00 -29.11
CA GLU A 423 5.66 3.19 -29.51
C GLU A 423 5.34 3.75 -30.90
N PRO A 424 5.34 2.98 -32.01
CA PRO A 424 5.11 3.65 -33.30
C PRO A 424 3.68 4.12 -33.48
N LEU A 425 2.76 3.54 -32.72
CA LEU A 425 1.42 4.11 -32.66
C LEU A 425 1.44 5.43 -31.91
N HIS A 426 2.13 5.45 -30.77
CA HIS A 426 1.92 6.48 -29.75
C HIS A 426 2.44 7.83 -30.22
N THR A 427 3.63 7.85 -30.80
CA THR A 427 4.20 9.10 -31.29
C THR A 427 3.45 9.60 -32.51
N LEU A 428 3.11 8.67 -33.43
CA LEU A 428 2.40 9.04 -34.65
C LEU A 428 1.02 9.59 -34.34
N LEU A 429 0.38 9.04 -33.32
CA LEU A 429 -0.90 9.58 -32.87
C LEU A 429 -0.73 10.98 -32.29
N HIS A 430 0.39 11.21 -31.61
CA HIS A 430 0.62 12.52 -31.01
C HIS A 430 0.88 13.58 -32.06
N THR A 431 1.55 13.20 -33.14
CA THR A 431 1.87 14.16 -34.18
C THR A 431 0.63 14.59 -34.95
N LYS A 432 -0.32 13.67 -35.12
CA LYS A 432 -1.51 14.00 -35.88
C LYS A 432 -2.42 14.95 -35.12
N TRP A 433 -2.34 14.93 -33.79
CA TRP A 433 -3.01 15.97 -33.00
C TRP A 433 -2.38 17.32 -33.24
N LYS A 434 -1.05 17.36 -33.26
CA LYS A 434 -0.35 18.64 -33.24
C LYS A 434 -0.44 19.35 -34.58
N LYS A 435 -0.37 18.60 -35.67
CA LYS A 435 -0.39 19.23 -36.98
C LYS A 435 -1.78 19.36 -37.57
N PHE A 436 -2.75 18.58 -37.09
CA PHE A 436 -4.11 18.76 -37.57
C PHE A 436 -5.10 19.22 -36.51
N ALA A 437 -5.29 18.40 -35.49
CA ALA A 437 -6.59 18.38 -34.84
C ALA A 437 -6.72 19.41 -33.74
N LYS A 438 -5.60 19.88 -33.19
CA LYS A 438 -5.64 20.96 -32.22
C LYS A 438 -6.15 22.24 -32.87
N TYR A 439 -5.89 22.42 -34.15
CA TYR A 439 -6.56 23.47 -34.90
C TYR A 439 -7.99 23.06 -35.21
N MET A 440 -8.20 21.78 -35.54
CA MET A 440 -9.51 21.35 -36.03
C MET A 440 -10.53 21.29 -34.90
N PHE A 441 -10.10 20.83 -33.72
CA PHE A 441 -11.06 20.72 -32.63
C PHE A 441 -11.41 22.08 -32.05
N PHE A 442 -10.42 22.98 -31.95
CA PHE A 442 -10.70 24.32 -31.45
C PHE A 442 -11.58 25.10 -32.42
N LEU A 443 -11.42 24.86 -33.72
CA LEU A 443 -12.25 25.55 -34.70
C LEU A 443 -13.69 25.04 -34.65
N SER A 444 -13.84 23.73 -34.48
CA SER A 444 -15.17 23.16 -34.31
C SER A 444 -15.80 23.59 -33.00
N PHE A 445 -14.96 23.81 -31.98
CA PHE A 445 -15.45 24.26 -30.69
C PHE A 445 -16.00 25.67 -30.77
N CYS A 446 -15.32 26.54 -31.51
CA CYS A 446 -15.72 27.94 -31.56
C CYS A 446 -16.96 28.16 -32.41
N PHE A 447 -17.12 27.37 -33.48
CA PHE A 447 -18.27 27.53 -34.35
C PHE A 447 -19.55 27.12 -33.64
N TYR A 448 -19.52 26.00 -32.91
CA TYR A 448 -20.71 25.57 -32.21
C TYR A 448 -20.98 26.43 -30.99
N PHE A 449 -19.92 27.03 -30.43
CA PHE A 449 -20.10 27.99 -29.34
C PHE A 449 -20.79 29.24 -29.83
N PHE A 450 -20.45 29.69 -31.04
CA PHE A 450 -21.17 30.82 -31.63
C PHE A 450 -22.57 30.42 -32.04
N TYR A 451 -22.77 29.13 -32.33
CA TYR A 451 -24.06 28.67 -32.82
C TYR A 451 -25.10 28.69 -31.73
N ASN A 452 -24.70 28.36 -30.50
CA ASN A 452 -25.66 28.32 -29.40
C ASN A 452 -26.09 29.73 -28.99
N ILE A 453 -25.16 30.68 -29.07
CA ILE A 453 -25.49 32.08 -28.84
C ILE A 453 -26.41 32.57 -29.95
N THR A 454 -26.20 32.07 -31.16
CA THR A 454 -27.02 32.49 -32.30
C THR A 454 -28.44 31.94 -32.19
N LEU A 455 -28.59 30.82 -31.48
CA LEU A 455 -29.92 30.26 -31.27
C LEU A 455 -30.74 31.12 -30.32
N THR A 456 -30.18 31.40 -29.14
CA THR A 456 -31.00 31.85 -28.02
C THR A 456 -31.37 33.32 -28.14
N LEU A 457 -30.55 34.12 -28.84
CA LEU A 457 -30.79 35.55 -28.89
C LEU A 457 -31.97 35.88 -29.80
N VAL A 458 -32.02 35.27 -30.98
CA VAL A 458 -33.05 35.64 -31.96
C VAL A 458 -34.28 34.76 -31.78
N SER A 459 -34.40 34.10 -30.63
CA SER A 459 -35.58 33.34 -30.26
C SER A 459 -36.81 34.24 -30.24
N TYR A 460 -36.89 35.15 -29.28
CA TYR A 460 -37.86 36.23 -29.33
C TYR A 460 -37.32 37.56 -28.80
N TYR A 461 -36.04 37.61 -28.43
CA TYR A 461 -35.51 38.83 -27.80
C TYR A 461 -35.31 39.94 -28.82
N ARG A 462 -35.02 39.58 -30.07
CA ARG A 462 -34.89 40.58 -31.11
C ARG A 462 -35.99 40.38 -32.14
N HIS A 477 -38.23 43.24 -42.35
CA HIS A 477 -37.32 42.21 -42.84
C HIS A 477 -36.77 42.57 -44.22
N LYS A 478 -36.57 43.86 -44.45
CA LYS A 478 -36.14 44.31 -45.77
C LYS A 478 -34.68 44.77 -45.76
N MET A 479 -34.32 45.64 -44.81
CA MET A 479 -32.96 46.13 -44.67
C MET A 479 -32.28 45.54 -43.43
N SER A 480 -33.04 44.88 -42.57
CA SER A 480 -32.48 44.23 -41.38
C SER A 480 -31.74 42.95 -41.78
N TRP A 481 -30.51 43.10 -42.28
CA TRP A 481 -29.83 41.98 -42.91
C TRP A 481 -29.31 40.99 -41.88
N LEU A 482 -28.66 41.49 -40.82
CA LEU A 482 -27.94 40.60 -39.93
C LEU A 482 -28.87 39.89 -38.95
N GLN A 483 -30.10 40.37 -38.81
CA GLN A 483 -31.13 39.57 -38.16
C GLN A 483 -31.55 38.42 -39.05
N LEU A 484 -31.78 38.71 -40.34
CA LEU A 484 -32.20 37.67 -41.27
C LEU A 484 -31.05 36.72 -41.61
N LEU A 485 -29.85 37.25 -41.86
CA LEU A 485 -28.73 36.39 -42.22
C LEU A 485 -28.25 35.57 -41.03
N GLY A 486 -28.57 36.01 -39.81
CA GLY A 486 -28.29 35.21 -38.64
C GLY A 486 -29.14 33.95 -38.57
N ARG A 487 -30.45 34.08 -38.85
CA ARG A 487 -31.31 32.91 -38.89
C ARG A 487 -30.99 32.03 -40.08
N MET A 488 -30.55 32.63 -41.19
CA MET A 488 -30.09 31.85 -42.33
C MET A 488 -28.84 31.05 -41.99
N PHE A 489 -27.96 31.64 -41.17
CA PHE A 489 -26.72 30.96 -40.78
C PHE A 489 -27.00 29.79 -39.85
N VAL A 490 -28.10 29.88 -39.08
CA VAL A 490 -28.52 28.76 -38.25
C VAL A 490 -28.95 27.59 -39.14
N LEU A 491 -29.72 27.89 -40.18
CA LEU A 491 -30.39 26.84 -40.94
C LEU A 491 -29.40 26.08 -41.82
N ILE A 492 -28.39 26.77 -42.34
CA ILE A 492 -27.48 26.12 -43.29
C ILE A 492 -26.53 25.18 -42.57
N TRP A 493 -26.17 25.50 -41.33
CA TRP A 493 -25.14 24.73 -40.64
C TRP A 493 -25.75 23.55 -39.90
N ALA A 494 -27.00 23.68 -39.47
CA ALA A 494 -27.66 22.60 -38.74
C ALA A 494 -27.97 21.43 -39.67
N THR A 495 -28.18 21.71 -40.96
CA THR A 495 -28.43 20.64 -41.91
C THR A 495 -27.20 19.79 -42.14
N CYS A 496 -26.05 20.44 -42.31
CA CYS A 496 -24.81 19.72 -42.63
C CYS A 496 -24.36 18.84 -41.47
N ILE A 497 -24.67 19.25 -40.24
CA ILE A 497 -24.47 18.37 -39.10
C ILE A 497 -25.46 17.23 -39.15
N SER A 498 -26.72 17.52 -39.49
CA SER A 498 -27.76 16.50 -39.50
C SER A 498 -27.57 15.50 -40.63
N VAL A 499 -27.01 15.97 -41.76
CA VAL A 499 -26.74 15.06 -42.86
C VAL A 499 -25.57 14.15 -42.53
N LYS A 500 -24.49 14.72 -41.97
CA LYS A 500 -23.30 13.94 -41.70
C LYS A 500 -23.51 12.96 -40.56
N GLU A 501 -24.27 13.37 -39.54
CA GLU A 501 -24.57 12.45 -38.45
C GLU A 501 -25.60 11.41 -38.88
N GLY A 502 -26.51 11.77 -39.79
CA GLY A 502 -27.51 10.83 -40.24
C GLY A 502 -26.93 9.67 -41.02
N ILE A 503 -25.87 9.93 -41.79
CA ILE A 503 -25.17 8.85 -42.47
C ILE A 503 -24.38 8.04 -41.47
N ALA A 504 -23.74 8.71 -40.50
CA ALA A 504 -22.80 8.05 -39.59
C ALA A 504 -23.53 7.13 -38.62
N ILE A 505 -24.72 7.52 -38.17
CA ILE A 505 -25.53 6.63 -37.35
C ILE A 505 -26.00 5.43 -38.16
N PHE A 506 -26.29 5.66 -39.44
CA PHE A 506 -26.74 4.58 -40.31
C PHE A 506 -25.62 3.61 -40.63
N LEU A 507 -24.36 4.04 -40.46
CA LEU A 507 -23.23 3.14 -40.66
C LEU A 507 -23.15 2.11 -39.54
N LEU A 508 -23.59 2.48 -38.34
CA LEU A 508 -23.63 1.52 -37.23
C LEU A 508 -25.08 1.12 -36.99
N GLN A 514 -23.24 -1.88 -25.75
CA GLN A 514 -22.44 -1.65 -26.95
C GLN A 514 -22.26 -0.16 -27.23
N SER A 515 -23.35 0.49 -27.62
CA SER A 515 -23.23 1.80 -28.25
C SER A 515 -23.42 2.93 -27.24
N ILE A 516 -24.43 2.83 -26.39
CA ILE A 516 -24.81 3.96 -25.53
C ILE A 516 -23.86 4.13 -24.36
N LEU A 517 -22.95 3.17 -24.15
CA LEU A 517 -21.96 3.29 -23.08
C LEU A 517 -20.92 4.36 -23.42
N SER A 518 -20.64 4.54 -24.71
CA SER A 518 -19.60 5.47 -25.13
C SER A 518 -19.89 6.00 -26.53
N ASP A 519 -20.11 7.31 -26.61
CA ASP A 519 -19.94 8.17 -27.79
C ASP A 519 -20.99 7.97 -28.88
N ALA A 520 -21.72 6.86 -28.88
CA ALA A 520 -22.74 6.69 -29.90
C ALA A 520 -24.05 7.30 -29.45
N TRP A 521 -24.34 7.19 -28.15
CA TRP A 521 -25.40 7.98 -27.53
C TRP A 521 -25.12 9.47 -27.67
N PHE A 522 -23.85 9.86 -27.62
CA PHE A 522 -23.50 11.26 -27.82
C PHE A 522 -23.76 11.70 -29.26
N HIS A 523 -23.36 10.88 -30.23
CA HIS A 523 -23.65 11.21 -31.63
C HIS A 523 -25.13 11.12 -31.96
N PHE A 524 -25.91 10.44 -31.11
CA PHE A 524 -27.37 10.52 -31.24
C PHE A 524 -27.86 11.93 -30.92
N VAL A 525 -27.36 12.51 -29.83
CA VAL A 525 -27.91 13.77 -29.33
C VAL A 525 -27.54 14.92 -30.26
N PHE A 526 -26.37 14.84 -30.90
CA PHE A 526 -26.03 15.82 -31.94
C PHE A 526 -27.01 15.76 -33.10
N PHE A 527 -27.45 14.56 -33.47
CA PHE A 527 -28.39 14.46 -34.57
C PHE A 527 -29.79 14.90 -34.15
N VAL A 528 -30.19 14.59 -32.93
CA VAL A 528 -31.53 14.91 -32.46
C VAL A 528 -31.69 16.41 -32.30
N GLN A 529 -30.65 17.08 -31.78
CA GLN A 529 -30.72 18.52 -31.56
C GLN A 529 -30.73 19.28 -32.88
N ALA A 530 -30.09 18.71 -33.91
CA ALA A 530 -30.06 19.38 -35.20
C ALA A 530 -31.42 19.30 -35.91
N VAL A 531 -32.12 18.18 -35.76
CA VAL A 531 -33.38 17.98 -36.46
C VAL A 531 -34.47 18.84 -35.84
N LEU A 532 -34.48 18.96 -34.51
CA LEU A 532 -35.54 19.70 -33.84
C LEU A 532 -35.44 21.20 -34.10
N VAL A 533 -34.24 21.68 -34.44
CA VAL A 533 -34.10 23.04 -34.95
C VAL A 533 -34.77 23.16 -36.31
N ILE A 534 -34.54 22.16 -37.17
CA ILE A 534 -35.12 22.18 -38.51
C ILE A 534 -36.61 21.92 -38.43
N LEU A 535 -37.04 21.08 -37.48
CA LEU A 535 -38.44 20.67 -37.41
C LEU A 535 -39.31 21.80 -36.87
N SER A 536 -38.79 22.58 -35.93
CA SER A 536 -39.61 23.60 -35.27
C SER A 536 -39.90 24.76 -36.20
N VAL A 537 -38.94 25.13 -37.05
CA VAL A 537 -39.16 26.22 -38.00
C VAL A 537 -40.11 25.78 -39.09
N PHE A 538 -40.08 24.48 -39.44
CA PHE A 538 -41.01 23.97 -40.45
C PHE A 538 -42.43 23.87 -39.89
N LEU A 539 -42.58 23.88 -38.57
CA LEU A 539 -43.92 23.98 -37.99
C LEU A 539 -44.46 25.39 -38.14
N TYR A 540 -43.58 26.38 -38.20
CA TYR A 540 -44.03 27.76 -38.40
C TYR A 540 -44.52 27.98 -39.84
N LEU A 541 -44.01 27.19 -40.79
CA LEU A 541 -44.49 27.29 -42.17
C LEU A 541 -45.91 26.77 -42.29
N PHE A 542 -46.24 25.68 -41.59
CA PHE A 542 -47.59 25.17 -41.55
C PHE A 542 -48.38 25.69 -40.36
N ALA A 543 -47.80 26.63 -39.62
CA ALA A 543 -48.46 27.49 -38.62
C ALA A 543 -49.08 26.74 -37.45
N TYR A 544 -48.66 25.50 -37.19
CA TYR A 544 -49.09 24.82 -35.98
C TYR A 544 -48.39 25.44 -34.79
N LYS A 545 -49.13 25.60 -33.69
CA LYS A 545 -48.75 26.52 -32.62
C LYS A 545 -47.55 26.01 -31.83
N GLU A 546 -47.28 24.72 -31.90
CA GLU A 546 -46.20 24.12 -31.14
C GLU A 546 -44.80 24.40 -31.70
N TYR A 547 -44.70 25.32 -32.67
CA TYR A 547 -43.40 25.70 -33.21
C TYR A 547 -42.55 26.41 -32.16
N LEU A 548 -43.21 27.16 -31.26
CA LEU A 548 -42.46 27.86 -30.23
C LEU A 548 -42.00 26.90 -29.16
N ALA A 549 -42.83 25.91 -28.81
CA ALA A 549 -42.48 24.97 -27.75
C ALA A 549 -41.39 24.01 -28.20
N CYS A 550 -41.41 23.62 -29.48
CA CYS A 550 -40.34 22.77 -30.00
C CYS A 550 -39.04 23.57 -30.16
N LEU A 551 -39.15 24.88 -30.29
CA LEU A 551 -37.96 25.71 -30.41
C LEU A 551 -37.20 25.80 -29.09
N VAL A 552 -37.93 25.77 -27.98
CA VAL A 552 -37.29 25.85 -26.67
C VAL A 552 -36.55 24.57 -26.36
N LEU A 553 -37.14 23.42 -26.71
CA LEU A 553 -36.50 22.14 -26.50
C LEU A 553 -35.26 21.99 -27.36
N ALA A 554 -35.27 22.59 -28.55
CA ALA A 554 -34.10 22.56 -29.41
C ALA A 554 -32.97 23.41 -28.82
N MET A 555 -33.32 24.58 -28.25
CA MET A 555 -32.30 25.41 -27.64
C MET A 555 -31.82 24.83 -26.32
N ALA A 556 -32.66 24.01 -25.68
CA ALA A 556 -32.26 23.38 -24.42
C ALA A 556 -31.17 22.34 -24.66
N LEU A 557 -31.36 21.50 -25.68
CA LEU A 557 -30.38 20.46 -25.96
C LEU A 557 -29.17 21.01 -26.68
N GLY A 558 -29.27 22.24 -27.20
CA GLY A 558 -28.13 22.89 -27.79
C GLY A 558 -27.06 23.21 -26.77
N TRP A 559 -27.46 23.47 -25.53
CA TRP A 559 -26.47 23.66 -24.48
C TRP A 559 -26.05 22.33 -23.88
N ALA A 560 -26.88 21.30 -24.06
CA ALA A 560 -26.49 19.96 -23.63
C ALA A 560 -25.35 19.43 -24.49
N ASN A 561 -25.43 19.62 -25.80
CA ASN A 561 -24.30 19.29 -26.65
C ASN A 561 -23.15 20.26 -26.48
N MET A 562 -23.41 21.46 -25.96
CA MET A 562 -22.32 22.36 -25.63
C MET A 562 -21.51 21.83 -24.46
N LEU A 563 -22.18 21.11 -23.55
CA LEU A 563 -21.48 20.39 -22.51
C LEU A 563 -20.74 19.19 -23.08
N ALA A 564 -21.17 18.70 -24.24
CA ALA A 564 -20.56 17.51 -24.80
C ALA A 564 -19.17 17.78 -25.39
N TYR A 565 -18.87 19.03 -25.74
CA TYR A 565 -17.50 19.33 -26.15
C TYR A 565 -16.55 19.51 -24.97
N THR A 566 -17.07 19.53 -23.75
CA THR A 566 -16.19 19.83 -22.60
C THR A 566 -15.25 18.68 -22.30
N ARG A 567 -15.59 17.47 -22.74
CA ARG A 567 -14.67 16.34 -22.58
C ARG A 567 -13.43 16.49 -23.44
N GLY A 568 -13.53 17.27 -24.52
CA GLY A 568 -12.42 17.41 -25.45
C GLY A 568 -11.23 18.17 -24.92
N PHE A 569 -11.34 18.80 -23.76
CA PHE A 569 -10.17 19.35 -23.12
C PHE A 569 -9.37 18.21 -22.49
N GLN A 570 -8.09 18.48 -22.21
CA GLN A 570 -7.19 17.46 -21.70
C GLN A 570 -7.59 16.97 -20.32
N SER A 571 -8.17 17.85 -19.51
CA SER A 571 -8.47 17.48 -18.13
C SER A 571 -9.94 17.57 -17.76
N MET A 572 -10.54 18.72 -18.02
CA MET A 572 -11.67 19.19 -17.22
C MET A 572 -12.96 18.41 -17.43
N GLY A 573 -13.24 17.96 -18.65
CA GLY A 573 -14.46 17.20 -18.85
C GLY A 573 -14.32 15.76 -18.45
N MET A 574 -13.11 15.21 -18.58
CA MET A 574 -12.96 13.77 -18.69
C MET A 574 -13.11 13.03 -17.37
N TYR A 575 -12.74 13.67 -16.25
CA TYR A 575 -13.06 13.04 -14.97
C TYR A 575 -14.55 13.13 -14.68
N SER A 576 -15.22 14.14 -15.26
CA SER A 576 -16.64 14.31 -15.05
C SER A 576 -17.47 13.48 -16.01
N VAL A 577 -17.10 13.48 -17.30
CA VAL A 577 -17.96 12.90 -18.33
C VAL A 577 -18.05 11.38 -18.19
N MET A 578 -16.93 10.73 -17.93
CA MET A 578 -16.99 9.29 -17.70
C MET A 578 -17.59 8.96 -16.34
N ILE A 579 -17.61 9.92 -15.41
CA ILE A 579 -18.31 9.61 -14.18
C ILE A 579 -19.76 10.06 -14.25
N GLN A 580 -20.12 10.89 -15.24
CA GLN A 580 -21.54 11.03 -15.61
C GLN A 580 -22.14 9.71 -16.05
N LYS A 581 -21.33 8.83 -16.66
CA LYS A 581 -21.76 7.46 -16.85
C LYS A 581 -22.01 6.79 -15.51
N VAL A 582 -21.16 7.07 -14.53
CA VAL A 582 -21.22 6.38 -13.25
C VAL A 582 -22.23 7.04 -12.31
N ILE A 583 -22.22 8.38 -12.23
CA ILE A 583 -23.05 9.04 -11.22
C ILE A 583 -24.52 9.04 -11.64
N LEU A 584 -24.81 8.88 -12.93
CA LEU A 584 -26.20 8.69 -13.33
C LEU A 584 -26.65 7.28 -13.03
N HIS A 585 -25.71 6.35 -12.91
CA HIS A 585 -26.09 4.99 -12.57
C HIS A 585 -26.35 4.87 -11.07
N ASP A 586 -25.47 5.43 -10.25
CA ASP A 586 -25.47 5.12 -8.82
C ASP A 586 -26.46 5.99 -8.06
N VAL A 587 -26.71 7.20 -8.55
CA VAL A 587 -27.60 8.09 -7.82
C VAL A 587 -29.05 7.82 -8.20
N LEU A 588 -29.28 7.43 -9.45
CA LEU A 588 -30.65 7.12 -9.90
C LEU A 588 -31.18 5.86 -9.24
N LYS A 589 -30.31 4.87 -9.01
CA LYS A 589 -30.75 3.68 -8.29
C LYS A 589 -31.02 4.01 -6.83
N PHE A 590 -30.30 4.99 -6.28
CA PHE A 590 -30.67 5.53 -4.99
C PHE A 590 -31.96 6.32 -5.08
N LEU A 591 -32.13 7.07 -6.16
CA LEU A 591 -33.35 7.86 -6.31
C LEU A 591 -34.56 6.99 -6.65
N PHE A 592 -34.35 5.87 -7.35
CA PHE A 592 -35.44 4.93 -7.58
C PHE A 592 -35.86 4.28 -6.27
N VAL A 593 -34.93 4.11 -5.35
CA VAL A 593 -35.30 3.77 -3.98
C VAL A 593 -36.00 4.93 -3.31
N TYR A 594 -35.44 6.14 -3.44
CA TYR A 594 -35.87 7.26 -2.62
C TYR A 594 -37.24 7.80 -3.04
N ILE A 595 -37.51 7.81 -4.35
CA ILE A 595 -38.85 8.20 -4.82
C ILE A 595 -39.87 7.17 -4.37
N LEU A 596 -39.49 5.89 -4.40
CA LEU A 596 -40.36 4.87 -3.81
C LEU A 596 -40.39 4.96 -2.29
N PHE A 597 -39.29 5.43 -1.71
CA PHE A 597 -39.28 5.70 -0.28
C PHE A 597 -40.12 6.92 0.04
N LEU A 598 -40.23 7.84 -0.92
CA LEU A 598 -41.07 9.03 -0.75
C LEU A 598 -42.55 8.67 -0.77
N LEU A 599 -42.98 7.86 -1.75
CA LEU A 599 -44.41 7.66 -1.97
C LEU A 599 -45.01 6.71 -0.94
N GLY A 600 -44.16 5.95 -0.25
CA GLY A 600 -44.66 5.12 0.85
C GLY A 600 -45.09 5.94 2.05
N PHE A 601 -44.27 6.93 2.43
CA PHE A 601 -44.65 7.84 3.49
C PHE A 601 -45.73 8.80 3.04
N GLY A 602 -45.83 9.05 1.73
CA GLY A 602 -46.78 10.04 1.24
C GLY A 602 -48.21 9.58 1.36
N VAL A 603 -48.46 8.29 1.11
CA VAL A 603 -49.82 7.78 1.24
C VAL A 603 -50.15 7.50 2.70
N ALA A 604 -49.11 7.37 3.54
CA ALA A 604 -49.34 7.12 4.95
C ALA A 604 -49.87 8.35 5.65
N LEU A 605 -49.26 9.51 5.39
CA LEU A 605 -49.71 10.74 6.03
C LEU A 605 -50.98 11.26 5.38
N ALA A 606 -51.23 10.88 4.12
CA ALA A 606 -52.49 11.23 3.48
C ALA A 606 -53.66 10.49 4.11
N SER A 607 -53.39 9.32 4.67
CA SER A 607 -54.39 8.62 5.47
C SER A 607 -54.65 9.27 6.82
N LEU A 608 -53.72 10.10 7.29
CA LEU A 608 -53.92 10.88 8.51
C LEU A 608 -54.80 12.07 8.19
N ILE A 609 -56.00 12.09 8.77
CA ILE A 609 -56.94 13.18 8.52
C ILE A 609 -57.03 14.09 9.74
N GLY A 623 -55.73 17.14 -6.49
CA GLY A 623 -55.61 15.94 -5.69
C GLY A 623 -54.91 16.17 -4.35
N SER A 624 -55.54 15.68 -3.28
CA SER A 624 -54.94 15.79 -1.95
C SER A 624 -53.74 14.86 -1.81
N PHE A 625 -53.73 13.77 -2.57
CA PHE A 625 -52.58 12.87 -2.60
C PHE A 625 -51.38 13.55 -3.22
N SER A 626 -51.60 14.30 -4.30
CA SER A 626 -50.49 15.04 -4.91
C SER A 626 -50.04 16.19 -4.03
N ASP A 627 -50.96 16.76 -3.25
CA ASP A 627 -50.59 17.79 -2.29
C ASP A 627 -49.76 17.22 -1.16
N ALA A 628 -50.04 15.97 -0.77
CA ALA A 628 -49.26 15.32 0.29
C ALA A 628 -47.84 15.04 -0.16
N VAL A 629 -47.63 14.84 -1.46
CA VAL A 629 -46.29 14.72 -2.01
C VAL A 629 -45.57 16.07 -1.91
N LEU A 630 -46.29 17.14 -2.20
CA LEU A 630 -45.71 18.47 -2.17
C LEU A 630 -45.45 18.92 -0.74
N GLU A 631 -46.27 18.47 0.20
CA GLU A 631 -46.03 18.78 1.61
C GLU A 631 -44.78 18.06 2.12
N LEU A 632 -44.60 16.81 1.73
CA LEU A 632 -43.50 16.02 2.26
C LEU A 632 -42.18 16.39 1.58
N PHE A 633 -42.26 16.94 0.37
CA PHE A 633 -41.05 17.42 -0.29
C PHE A 633 -40.56 18.71 0.35
N LYS A 634 -41.46 19.45 1.01
CA LYS A 634 -41.06 20.62 1.79
C LYS A 634 -40.23 20.22 3.00
N LEU A 635 -40.45 19.01 3.51
CA LEU A 635 -39.69 18.53 4.66
C LEU A 635 -38.24 18.27 4.29
N THR A 636 -37.98 17.84 3.04
CA THR A 636 -36.63 17.78 2.54
C THR A 636 -36.01 19.16 2.43
N ILE A 637 -36.83 20.14 2.03
CA ILE A 637 -36.39 21.53 2.03
C ILE A 637 -36.29 22.09 3.44
N GLY A 638 -37.21 21.71 4.33
CA GLY A 638 -37.32 22.30 5.64
C GLY A 638 -38.42 23.34 5.76
N LEU A 639 -39.37 23.37 4.83
CA LEU A 639 -40.37 24.42 4.81
C LEU A 639 -41.54 24.11 5.74
N GLY A 640 -41.81 22.81 5.96
CA GLY A 640 -42.85 22.44 6.90
C GLY A 640 -42.42 22.70 8.33
N ASP A 641 -43.39 23.07 9.16
CA ASP A 641 -43.11 23.52 10.51
C ASP A 641 -44.16 23.00 11.47
N LEU A 642 -44.23 23.61 12.65
CA LEU A 642 -44.99 23.05 13.76
C LEU A 642 -46.49 23.22 13.58
N ASN A 643 -46.92 24.28 12.88
CA ASN A 643 -48.34 24.57 12.80
C ASN A 643 -49.05 23.63 11.83
N ILE A 644 -48.32 23.12 10.83
CA ILE A 644 -48.93 22.16 9.91
C ILE A 644 -48.99 20.78 10.54
N GLN A 645 -48.22 20.58 11.62
CA GLN A 645 -48.26 19.31 12.35
C GLN A 645 -49.55 19.11 13.13
N GLN A 646 -50.30 20.18 13.40
CA GLN A 646 -51.49 20.10 14.24
C GLN A 646 -52.60 19.42 13.45
N ASN A 647 -52.57 18.09 13.51
CA ASN A 647 -53.45 17.26 12.70
C ASN A 647 -54.85 17.22 13.30
N SER A 648 -55.78 16.63 12.54
CA SER A 648 -57.15 16.48 13.04
C SER A 648 -57.34 15.12 13.73
N THR A 649 -56.73 14.07 13.21
CA THR A 649 -56.84 12.73 13.76
C THR A 649 -55.47 12.22 14.19
N TYR A 650 -55.40 11.73 15.44
CA TYR A 650 -54.24 11.07 16.05
C TYR A 650 -52.98 11.90 15.97
N PRO A 651 -52.83 12.93 16.82
CA PRO A 651 -51.60 13.73 16.78
C PRO A 651 -50.38 12.97 17.25
N ILE A 652 -50.56 11.95 18.08
CA ILE A 652 -49.44 11.13 18.54
C ILE A 652 -48.95 10.23 17.41
N LEU A 653 -49.86 9.80 16.54
CA LEU A 653 -49.45 8.95 15.42
C LEU A 653 -48.88 9.78 14.28
N PHE A 654 -49.36 11.01 14.13
CA PHE A 654 -48.82 11.88 13.10
C PHE A 654 -47.44 12.40 13.50
N LEU A 655 -47.18 12.48 14.81
CA LEU A 655 -45.87 12.91 15.27
C LEU A 655 -44.82 11.83 15.03
N PHE A 656 -45.25 10.57 14.98
CA PHE A 656 -44.30 9.47 14.78
C PHE A 656 -43.85 9.37 13.34
N LEU A 657 -44.80 9.47 12.40
CA LEU A 657 -44.50 9.19 11.00
C LEU A 657 -43.67 10.29 10.37
N LEU A 658 -43.69 11.49 10.96
CA LEU A 658 -42.82 12.55 10.49
C LEU A 658 -41.37 12.28 10.86
N ILE A 659 -41.10 12.03 12.15
CA ILE A 659 -39.73 11.97 12.63
C ILE A 659 -39.03 10.69 12.16
N THR A 660 -39.81 9.65 11.84
CA THR A 660 -39.21 8.46 11.26
C THR A 660 -38.77 8.71 9.82
N TYR A 661 -39.48 9.58 9.11
CA TYR A 661 -39.09 9.90 7.75
C TYR A 661 -37.89 10.84 7.73
N VAL A 662 -37.79 11.71 8.75
CA VAL A 662 -36.69 12.67 8.80
C VAL A 662 -35.36 11.96 9.02
N ILE A 663 -35.33 11.06 10.00
CA ILE A 663 -34.09 10.37 10.38
C ILE A 663 -33.65 9.42 9.27
N LEU A 664 -34.60 8.66 8.72
CA LEU A 664 -34.27 7.67 7.69
C LEU A 664 -33.82 8.34 6.40
N THR A 665 -34.32 9.54 6.11
CA THR A 665 -33.78 10.31 4.98
C THR A 665 -32.35 10.75 5.28
N PHE A 666 -32.08 11.12 6.52
CA PHE A 666 -30.72 11.45 6.93
C PHE A 666 -29.85 10.20 6.97
N VAL A 667 -30.47 9.03 7.13
CA VAL A 667 -29.73 7.78 7.00
C VAL A 667 -29.38 7.52 5.55
N LEU A 668 -30.38 7.57 4.67
CA LEU A 668 -30.20 7.14 3.28
C LEU A 668 -29.33 8.11 2.49
N LEU A 669 -29.54 9.41 2.69
CA LEU A 669 -28.78 10.41 1.93
C LEU A 669 -27.33 10.44 2.38
N LEU A 670 -27.08 10.10 3.65
CA LEU A 670 -25.71 9.92 4.09
C LEU A 670 -25.12 8.64 3.53
N ASN A 671 -25.97 7.63 3.30
CA ASN A 671 -25.45 6.32 2.91
C ASN A 671 -24.95 6.32 1.47
N MET A 672 -25.70 6.96 0.57
CA MET A 672 -25.26 7.04 -0.82
C MET A 672 -24.06 7.98 -0.94
N LEU A 673 -23.94 8.91 0.00
CA LEU A 673 -22.76 9.78 0.07
C LEU A 673 -21.52 8.96 0.42
N ILE A 674 -21.65 8.02 1.36
CA ILE A 674 -20.50 7.22 1.76
C ILE A 674 -20.18 6.18 0.70
N ALA A 675 -21.21 5.52 0.17
CA ALA A 675 -21.00 4.35 -0.68
C ALA A 675 -20.46 4.75 -2.04
N LEU A 676 -20.70 5.99 -2.46
CA LEU A 676 -20.16 6.44 -3.73
C LEU A 676 -18.66 6.67 -3.63
N MET A 677 -18.19 7.12 -2.46
CA MET A 677 -16.78 7.39 -2.29
C MET A 677 -15.96 6.11 -2.23
N GLY A 678 -16.45 5.11 -1.49
CA GLY A 678 -15.68 3.89 -1.31
C GLY A 678 -15.64 3.04 -2.56
N GLU A 679 -16.64 3.18 -3.43
CA GLU A 679 -16.68 2.36 -4.63
C GLU A 679 -15.95 3.03 -5.79
N THR A 680 -16.20 4.33 -6.00
CA THR A 680 -15.65 5.00 -7.17
C THR A 680 -14.21 5.47 -6.98
N VAL A 681 -13.57 5.13 -5.86
CA VAL A 681 -12.18 5.53 -5.67
C VAL A 681 -11.27 4.60 -6.47
N GLU A 682 -10.35 5.22 -7.23
CA GLU A 682 -9.16 4.60 -7.82
C GLU A 682 -9.47 3.64 -8.97
N ASN A 683 -10.74 3.31 -9.18
CA ASN A 683 -11.10 2.47 -10.32
C ASN A 683 -11.77 3.30 -11.42
N VAL A 684 -12.78 4.10 -11.05
CA VAL A 684 -13.34 5.07 -11.97
C VAL A 684 -12.35 6.22 -12.16
N SER A 685 -11.52 6.47 -11.14
CA SER A 685 -10.51 7.52 -11.21
C SER A 685 -9.45 7.23 -12.26
N LYS A 686 -9.13 5.95 -12.47
CA LYS A 686 -8.19 5.61 -13.52
C LYS A 686 -8.90 5.40 -14.86
N GLU A 687 -10.14 4.92 -14.83
CA GLU A 687 -10.83 4.62 -16.08
C GLU A 687 -11.25 5.90 -16.81
N SER A 688 -11.24 7.02 -16.09
CA SER A 688 -11.51 8.32 -16.70
C SER A 688 -10.50 8.66 -17.78
N GLU A 689 -9.21 8.61 -17.44
CA GLU A 689 -8.22 9.02 -18.44
C GLU A 689 -7.98 7.92 -19.46
N ARG A 690 -8.43 6.69 -19.19
CA ARG A 690 -8.47 5.66 -20.22
C ARG A 690 -9.33 6.09 -21.40
N ILE A 691 -10.55 6.53 -21.14
CA ILE A 691 -11.46 6.88 -22.22
C ILE A 691 -11.05 8.21 -22.82
N TRP A 692 -10.39 9.04 -22.03
CA TRP A 692 -9.76 10.26 -22.53
C TRP A 692 -8.70 9.94 -23.57
N ARG A 693 -7.93 8.87 -23.35
CA ARG A 693 -7.03 8.42 -24.39
C ARG A 693 -7.79 7.80 -25.55
N LEU A 694 -9.01 7.34 -25.30
CA LEU A 694 -9.79 6.76 -26.38
C LEU A 694 -10.50 7.83 -27.19
N GLN A 695 -11.39 8.60 -26.54
CA GLN A 695 -12.33 9.44 -27.29
C GLN A 695 -11.63 10.62 -27.96
N ARG A 696 -10.48 11.04 -27.42
CA ARG A 696 -9.64 11.94 -28.18
C ARG A 696 -9.14 11.26 -29.45
N ALA A 697 -8.51 10.10 -29.28
CA ALA A 697 -7.91 9.40 -30.42
C ALA A 697 -8.98 8.81 -31.33
N ARG A 698 -10.18 8.60 -30.78
CA ARG A 698 -11.31 8.28 -31.64
C ARG A 698 -11.59 9.40 -32.61
N THR A 699 -11.69 10.62 -32.09
CA THR A 699 -12.09 11.75 -32.93
C THR A 699 -10.99 12.18 -33.88
N ILE A 700 -9.73 11.91 -33.51
CA ILE A 700 -8.60 12.33 -34.33
C ILE A 700 -8.63 11.65 -35.68
N LEU A 701 -8.84 10.35 -35.68
CA LEU A 701 -8.98 9.65 -36.96
C LEU A 701 -10.32 9.97 -37.59
N GLU A 702 -11.31 10.33 -36.78
CA GLU A 702 -12.59 10.78 -37.32
C GLU A 702 -12.43 12.12 -38.02
N PHE A 703 -11.52 12.98 -37.53
CA PHE A 703 -11.21 14.18 -38.29
C PHE A 703 -10.39 13.86 -39.52
N GLU A 704 -9.64 12.76 -39.50
CA GLU A 704 -8.70 12.46 -40.56
C GLU A 704 -9.43 12.15 -41.87
N LYS A 705 -10.54 11.44 -41.79
CA LYS A 705 -11.29 11.13 -43.01
C LYS A 705 -12.05 12.34 -43.51
N MET A 706 -12.20 13.36 -42.67
CA MET A 706 -12.92 14.56 -43.09
C MET A 706 -12.06 15.45 -43.97
N LEU A 707 -10.74 15.32 -43.86
CA LEU A 707 -9.81 16.09 -44.66
C LEU A 707 -9.83 15.62 -46.11
N PRO A 708 -9.55 16.47 -47.08
CA PRO A 708 -9.43 16.02 -48.47
C PRO A 708 -8.11 15.32 -48.70
N GLU A 709 -8.04 14.62 -49.83
CA GLU A 709 -6.90 13.78 -50.12
C GLU A 709 -5.68 14.60 -50.49
N TRP A 710 -5.88 15.68 -51.26
CA TRP A 710 -4.76 16.49 -51.71
C TRP A 710 -4.11 17.23 -50.55
N LEU A 711 -4.90 17.62 -49.55
CA LEU A 711 -4.31 18.29 -48.40
C LEU A 711 -3.68 17.28 -47.47
N ARG A 712 -4.25 16.07 -47.41
CA ARG A 712 -3.60 14.96 -46.73
C ARG A 712 -2.27 14.63 -47.39
N SER A 713 -2.19 14.79 -48.71
CA SER A 713 -0.99 14.43 -49.45
C SER A 713 0.19 15.34 -49.10
N ARG A 714 -0.10 16.57 -48.68
CA ARG A 714 0.95 17.44 -48.19
C ARG A 714 1.46 16.89 -46.86
N PHE A 715 0.53 16.67 -45.94
CA PHE A 715 0.89 16.25 -44.59
C PHE A 715 1.09 14.74 -44.53
N ARG A 716 2.28 14.27 -44.86
CA ARG A 716 2.62 12.87 -44.69
C ARG A 716 3.76 12.78 -43.70
N MET A 717 3.50 12.13 -42.58
CA MET A 717 4.53 12.01 -41.56
C MET A 717 5.55 10.98 -42.00
N GLY A 718 6.75 11.09 -41.45
CA GLY A 718 7.82 10.21 -41.84
C GLY A 718 8.43 10.60 -43.18
N GLU A 719 9.35 9.76 -43.65
CA GLU A 719 10.10 10.09 -44.84
C GLU A 719 10.59 8.82 -45.53
N LEU A 720 10.73 8.91 -46.84
CA LEU A 720 11.22 7.78 -47.62
C LEU A 720 12.71 7.60 -47.39
N CYS A 721 13.08 6.42 -46.89
CA CYS A 721 14.46 6.13 -46.57
C CYS A 721 14.83 4.75 -47.08
N LYS A 722 16.12 4.53 -47.23
CA LYS A 722 16.67 3.28 -47.76
C LYS A 722 17.35 2.53 -46.63
N VAL A 723 16.79 1.38 -46.25
CA VAL A 723 17.39 0.61 -45.17
C VAL A 723 18.23 -0.53 -45.73
N ALA A 724 17.99 -0.93 -46.97
CA ALA A 724 18.69 -2.07 -47.53
C ALA A 724 18.73 -1.94 -49.04
N ASP A 725 19.37 -2.92 -49.67
CA ASP A 725 19.50 -2.92 -51.12
C ASP A 725 18.14 -3.17 -51.77
N GLU A 726 17.82 -2.34 -52.76
CA GLU A 726 16.57 -2.37 -53.51
C GLU A 726 15.35 -2.24 -52.61
N ASP A 727 15.47 -1.47 -51.54
CA ASP A 727 14.34 -1.24 -50.64
C ASP A 727 14.28 0.23 -50.27
N PHE A 728 13.06 0.77 -50.26
CA PHE A 728 12.82 2.15 -49.91
C PHE A 728 11.52 2.23 -49.13
N ARG A 729 11.57 2.77 -47.92
CA ARG A 729 10.42 2.72 -47.03
C ARG A 729 10.20 4.06 -46.35
N LEU A 730 8.93 4.35 -46.10
CA LEU A 730 8.56 5.48 -45.26
C LEU A 730 8.63 5.04 -43.81
N CYS A 731 9.44 5.74 -43.02
CA CYS A 731 9.66 5.37 -41.64
C CYS A 731 9.67 6.60 -40.76
N LEU A 732 9.42 6.39 -39.47
CA LEU A 732 9.33 7.46 -38.50
C LEU A 732 10.56 7.49 -37.61
N ARG A 733 11.15 8.67 -37.46
CA ARG A 733 12.38 8.85 -36.71
C ARG A 733 12.05 9.31 -35.30
N ILE A 734 12.63 8.62 -34.31
CA ILE A 734 12.49 8.98 -32.90
C ILE A 734 13.86 8.92 -32.26
N ASN A 735 14.24 10.01 -31.59
CA ASN A 735 15.48 10.08 -30.84
C ASN A 735 15.23 9.65 -29.41
N GLU A 736 16.22 9.00 -28.80
CA GLU A 736 16.12 8.60 -27.40
C GLU A 736 17.51 8.46 -26.81
N VAL A 737 17.54 8.39 -25.48
CA VAL A 737 18.77 8.35 -24.70
C VAL A 737 18.69 7.19 -23.72
N LYS A 738 19.70 6.32 -23.74
CA LYS A 738 19.85 5.27 -22.74
C LYS A 738 21.19 5.45 -22.03
N TRP A 739 21.28 5.00 -20.79
CA TRP A 739 22.51 5.07 -20.03
C TRP A 739 22.93 3.76 -19.40
N THR A 740 21.99 2.88 -19.10
CA THR A 740 22.24 1.81 -18.13
C THR A 740 23.16 0.75 -18.72
N GLU A 741 22.71 0.07 -19.75
CA GLU A 741 23.54 -0.91 -20.42
C GLU A 741 24.47 -0.17 -21.36
N TRP A 742 25.52 -0.84 -21.78
CA TRP A 742 26.54 -0.25 -22.63
C TRP A 742 27.00 -1.29 -23.64
N LYS A 743 26.90 -0.97 -24.92
CA LYS A 743 27.35 -1.86 -25.96
C LYS A 743 27.98 -1.07 -27.08
N THR A 744 29.03 -1.62 -27.67
CA THR A 744 29.56 -1.04 -28.89
C THR A 744 28.59 -1.31 -30.04
N HIS A 745 28.60 -0.43 -31.02
CA HIS A 745 27.57 -0.47 -32.04
C HIS A 745 28.13 -1.01 -33.35
N VAL A 746 27.39 -1.92 -33.97
CA VAL A 746 27.80 -2.51 -35.24
C VAL A 746 26.77 -2.33 -36.33
N SER A 747 25.50 -2.08 -36.02
CA SER A 747 24.46 -1.94 -37.01
C SER A 747 24.15 -0.46 -37.17
N PHE A 748 24.23 0.02 -38.41
CA PHE A 748 24.15 1.44 -38.70
C PHE A 748 23.29 1.66 -39.92
N LEU A 749 22.45 2.69 -39.88
CA LEU A 749 21.92 3.22 -41.13
C LEU A 749 22.92 4.15 -41.77
N ASN A 750 23.64 4.93 -40.96
CA ASN A 750 24.62 5.87 -41.44
C ASN A 750 25.85 5.84 -40.55
N GLU A 751 26.94 6.39 -41.08
CA GLU A 751 28.13 6.58 -40.25
C GLU A 751 28.04 7.88 -39.47
N ASP A 752 27.48 8.92 -40.08
CA ASP A 752 27.47 10.23 -39.46
C ASP A 752 26.24 10.37 -38.57
N PRO A 753 26.40 10.73 -37.31
CA PRO A 753 25.23 10.75 -36.41
C PRO A 753 24.23 11.85 -36.72
N GLY A 754 24.67 13.09 -36.86
CA GLY A 754 23.79 14.23 -36.85
C GLY A 754 22.89 14.35 -38.07
N PRO A 755 21.84 15.16 -37.94
CA PRO A 755 20.99 15.47 -39.10
C PRO A 755 21.76 16.29 -40.12
N ILE A 756 21.67 15.88 -41.37
CA ILE A 756 22.33 16.59 -42.45
C ILE A 756 21.35 17.53 -43.14
N LYS B 115 12.72 -47.04 55.89
CA LYS B 115 13.59 -48.16 55.62
C LYS B 115 13.34 -48.74 54.24
N LYS B 116 12.49 -49.75 54.16
CA LYS B 116 12.18 -50.35 52.87
C LYS B 116 11.22 -49.48 52.07
N LYS B 117 10.44 -48.62 52.74
CA LYS B 117 9.62 -47.66 52.01
C LYS B 117 10.48 -46.51 51.49
N ARG B 118 11.56 -46.19 52.20
CA ARG B 118 12.59 -45.31 51.68
C ARG B 118 13.27 -45.93 50.46
N LEU B 119 13.41 -47.25 50.46
CA LEU B 119 14.06 -47.96 49.36
C LEU B 119 13.25 -47.81 48.08
N LYS B 120 11.93 -47.77 48.20
CA LYS B 120 11.06 -47.54 47.04
C LYS B 120 11.27 -46.15 46.46
N LYS B 121 11.35 -45.14 47.34
CA LYS B 121 11.52 -43.77 46.87
C LYS B 121 12.93 -43.54 46.35
N ARG B 122 13.91 -44.27 46.89
CA ARG B 122 15.27 -44.18 46.37
C ARG B 122 15.34 -44.69 44.94
N ILE B 123 14.55 -45.72 44.64
CA ILE B 123 14.42 -46.19 43.26
C ILE B 123 13.80 -45.12 42.39
N PHE B 124 12.74 -44.46 42.90
CA PHE B 124 12.09 -43.39 42.17
C PHE B 124 13.02 -42.20 41.98
N ALA B 125 13.91 -41.96 42.94
CA ALA B 125 14.97 -41.00 42.72
C ALA B 125 15.96 -41.51 41.68
N ALA B 126 16.29 -42.81 41.76
CA ALA B 126 17.18 -43.41 40.76
C ALA B 126 16.51 -43.48 39.41
N VAL B 127 15.17 -43.60 39.41
CA VAL B 127 14.41 -43.37 38.19
C VAL B 127 14.60 -41.95 37.69
N SER B 128 14.59 -40.98 38.59
CA SER B 128 14.63 -39.58 38.21
C SER B 128 16.02 -39.12 37.75
N GLU B 129 17.02 -39.98 37.87
CA GLU B 129 18.38 -39.60 37.54
C GLU B 129 18.97 -40.64 36.61
N GLY B 130 20.18 -40.36 36.13
CA GLY B 130 20.94 -41.29 35.31
C GLY B 130 21.94 -42.12 36.06
N CYS B 131 21.79 -42.29 37.38
CA CYS B 131 22.74 -43.06 38.16
C CYS B 131 22.60 -44.55 37.85
N VAL B 132 23.44 -45.02 36.93
CA VAL B 132 23.30 -46.36 36.38
C VAL B 132 23.63 -47.41 37.43
N GLU B 133 24.75 -47.23 38.12
CA GLU B 133 25.21 -48.23 39.08
C GLU B 133 24.31 -48.27 40.29
N GLU B 134 23.82 -47.10 40.72
CA GLU B 134 22.92 -47.03 41.86
C GLU B 134 21.59 -47.70 41.53
N LEU B 135 21.16 -47.60 40.27
CA LEU B 135 19.92 -48.23 39.87
C LEU B 135 20.06 -49.74 39.85
N ARG B 136 21.24 -50.24 39.53
CA ARG B 136 21.42 -51.67 39.35
C ARG B 136 21.44 -52.39 40.69
N GLU B 137 22.16 -51.84 41.66
CA GLU B 137 22.35 -52.53 42.93
C GLU B 137 21.06 -52.54 43.75
N LEU B 138 20.19 -51.55 43.55
CA LEU B 138 18.90 -51.56 44.22
C LEU B 138 18.03 -52.68 43.69
N LEU B 139 18.15 -52.98 42.40
CA LEU B 139 17.44 -54.12 41.83
C LEU B 139 17.99 -55.43 42.37
N GLN B 140 19.30 -55.46 42.63
CA GLN B 140 19.88 -56.61 43.31
C GLN B 140 19.34 -56.73 44.72
N ASP B 141 19.12 -55.60 45.38
CA ASP B 141 18.48 -55.61 46.68
C ASP B 141 17.03 -56.03 46.58
N LEU B 142 16.35 -55.58 45.52
CA LEU B 142 14.94 -55.91 45.36
C LEU B 142 14.79 -57.37 44.93
N GLN B 143 15.78 -57.91 44.23
CA GLN B 143 15.78 -59.32 43.90
C GLN B 143 15.91 -60.18 45.15
N ASP B 144 16.67 -59.69 46.13
CA ASP B 144 16.81 -60.42 47.38
C ASP B 144 15.54 -60.35 48.20
N LEU B 145 14.78 -59.25 48.06
CA LEU B 145 13.48 -59.16 48.70
C LEU B 145 12.51 -60.15 48.11
N CYS B 146 12.59 -60.38 46.80
CA CYS B 146 11.71 -61.35 46.18
C CYS B 146 12.09 -62.77 46.59
N ARG B 147 13.36 -62.99 46.90
CA ARG B 147 13.79 -64.28 47.38
C ARG B 147 13.26 -64.55 48.78
N ARG B 148 13.27 -63.53 49.64
CA ARG B 148 12.81 -63.72 51.02
C ARG B 148 11.29 -63.81 51.13
N ARG B 149 10.55 -63.39 50.10
CA ARG B 149 9.10 -63.52 50.13
C ARG B 149 8.68 -64.80 49.42
N ARG B 150 8.72 -65.92 50.13
CA ARG B 150 8.43 -67.21 49.51
C ARG B 150 6.93 -67.43 49.34
N GLY B 151 6.14 -67.00 50.33
CA GLY B 151 4.73 -67.35 50.34
C GLY B 151 3.92 -66.55 49.33
N LEU B 152 4.41 -65.38 48.94
CA LEU B 152 3.65 -64.55 48.01
C LEU B 152 3.78 -65.05 46.58
N ASP B 153 4.97 -65.53 46.21
CA ASP B 153 5.49 -65.85 44.88
C ASP B 153 5.58 -64.58 44.02
N VAL B 154 5.69 -63.40 44.63
CA VAL B 154 5.76 -62.04 44.09
C VAL B 154 5.02 -61.71 42.79
N PRO B 155 3.69 -61.96 42.67
CA PRO B 155 2.98 -61.40 41.52
C PRO B 155 2.82 -59.90 41.67
N ASP B 156 2.27 -59.52 42.81
CA ASP B 156 1.87 -58.14 43.05
C ASP B 156 2.84 -57.42 43.97
N PHE B 157 3.67 -58.19 44.69
CA PHE B 157 4.73 -57.59 45.50
C PHE B 157 5.73 -56.89 44.60
N LEU B 158 5.99 -57.46 43.43
CA LEU B 158 6.72 -56.74 42.40
C LEU B 158 5.94 -55.52 41.95
N MET B 159 4.63 -55.67 41.80
CA MET B 159 3.79 -54.55 41.35
C MET B 159 3.69 -53.48 42.42
N HIS B 160 3.57 -53.88 43.68
CA HIS B 160 3.37 -52.91 44.75
C HIS B 160 4.60 -52.08 45.00
N LYS B 161 5.78 -52.67 44.80
CA LYS B 161 7.01 -51.93 45.08
C LYS B 161 7.42 -51.05 43.90
N LEU B 162 6.93 -51.34 42.71
CA LEU B 162 7.31 -50.55 41.54
C LEU B 162 6.28 -49.50 41.18
N THR B 163 5.22 -49.33 41.96
CA THR B 163 4.11 -48.48 41.57
C THR B 163 3.48 -47.84 42.79
N ALA B 164 3.36 -46.52 42.72
CA ALA B 164 2.57 -45.75 43.69
C ALA B 164 1.10 -46.09 43.47
N SER B 165 0.45 -46.60 44.52
CA SER B 165 -0.88 -47.19 44.37
C SER B 165 -1.94 -46.12 44.13
N ASP B 166 -1.66 -44.88 44.50
CA ASP B 166 -2.64 -43.82 44.31
C ASP B 166 -2.76 -43.43 42.85
N THR B 167 -1.64 -43.40 42.13
CA THR B 167 -1.63 -42.87 40.78
C THR B 167 -1.41 -43.92 39.70
N GLY B 168 -0.91 -45.10 40.06
CA GLY B 168 -0.63 -46.09 39.04
C GLY B 168 0.62 -45.86 38.23
N LYS B 169 1.42 -44.85 38.59
CA LYS B 169 2.65 -44.59 37.84
C LYS B 169 3.71 -45.63 38.18
N THR B 170 4.42 -46.09 37.16
CA THR B 170 5.47 -47.07 37.40
C THR B 170 6.84 -46.44 37.21
N CYS B 171 7.85 -47.27 37.43
CA CYS B 171 9.23 -46.82 37.27
C CYS B 171 9.54 -46.53 35.81
N LEU B 172 9.04 -47.37 34.90
CA LEU B 172 9.22 -47.13 33.48
C LEU B 172 8.46 -45.90 33.03
N MET B 173 7.32 -45.63 33.68
CA MET B 173 6.56 -44.44 33.35
C MET B 173 7.32 -43.18 33.73
N LYS B 174 7.79 -43.10 34.97
CA LYS B 174 8.40 -41.87 35.45
C LYS B 174 9.75 -41.63 34.80
N ALA B 175 10.44 -42.71 34.41
CA ALA B 175 11.70 -42.56 33.70
C ALA B 175 11.47 -41.98 32.31
N LEU B 176 10.33 -42.31 31.70
CA LEU B 176 10.02 -41.75 30.41
C LEU B 176 9.54 -40.31 30.53
N LEU B 177 9.17 -39.89 31.74
CA LEU B 177 8.87 -38.48 31.95
C LEU B 177 10.13 -37.63 31.91
N ASN B 178 11.18 -38.09 32.56
CA ASN B 178 12.39 -37.30 32.74
C ASN B 178 13.44 -37.84 31.78
N ILE B 179 13.65 -37.13 30.68
CA ILE B 179 14.57 -37.62 29.66
C ILE B 179 15.96 -37.04 29.90
N ASN B 180 16.93 -37.94 30.06
CA ASN B 180 18.32 -37.57 30.18
C ASN B 180 19.07 -38.35 29.11
N PRO B 181 20.35 -38.04 28.80
CA PRO B 181 21.03 -38.86 27.78
C PRO B 181 21.38 -40.27 28.24
N ASN B 182 21.13 -40.60 29.51
CA ASN B 182 21.34 -41.96 30.01
C ASN B 182 20.04 -42.77 30.04
N THR B 183 19.01 -42.28 29.35
CA THR B 183 17.68 -42.88 29.49
C THR B 183 17.61 -44.25 28.82
N LYS B 184 18.35 -44.43 27.73
CA LYS B 184 18.31 -45.68 26.98
C LYS B 184 18.83 -46.84 27.82
N GLU B 185 19.84 -46.56 28.64
CA GLU B 185 20.37 -47.59 29.53
C GLU B 185 19.37 -47.93 30.62
N ILE B 186 18.55 -46.96 31.02
CA ILE B 186 17.54 -47.21 32.05
C ILE B 186 16.48 -48.15 31.49
N VAL B 187 16.16 -47.99 30.20
CA VAL B 187 15.14 -48.81 29.58
C VAL B 187 15.58 -50.25 29.48
N ARG B 188 16.82 -50.47 29.05
CA ARG B 188 17.30 -51.82 28.78
C ARG B 188 17.51 -52.60 30.07
N ILE B 189 17.66 -51.88 31.18
CA ILE B 189 17.82 -52.56 32.47
C ILE B 189 16.45 -52.88 33.05
N LEU B 190 15.49 -51.97 32.91
CA LEU B 190 14.13 -52.22 33.41
C LEU B 190 13.47 -53.37 32.66
N LEU B 191 13.73 -53.49 31.37
CA LEU B 191 13.18 -54.63 30.63
C LEU B 191 13.93 -55.91 30.97
N ALA B 192 15.23 -55.79 31.28
CA ALA B 192 15.98 -56.96 31.71
C ALA B 192 15.54 -57.42 33.08
N PHE B 193 15.08 -56.49 33.91
CA PHE B 193 14.71 -56.87 35.27
C PHE B 193 13.39 -57.61 35.29
N ALA B 194 12.47 -57.25 34.39
CA ALA B 194 11.14 -57.85 34.43
C ALA B 194 11.14 -59.23 33.79
N GLU B 195 12.13 -59.53 32.94
CA GLU B 195 12.03 -60.72 32.11
C GLU B 195 12.45 -61.97 32.88
N GLU B 196 13.31 -61.85 33.88
CA GLU B 196 13.47 -62.97 34.79
C GLU B 196 12.26 -63.08 35.70
N ASN B 197 11.64 -61.95 35.97
CA ASN B 197 10.48 -61.87 36.85
C ASN B 197 9.19 -62.18 36.12
N ASP B 198 9.24 -62.29 34.78
CA ASP B 198 8.18 -62.86 33.94
C ASP B 198 6.88 -62.06 34.02
N ILE B 199 6.94 -60.78 34.35
CA ILE B 199 5.75 -59.99 34.60
C ILE B 199 5.75 -58.77 33.70
N LEU B 200 6.48 -58.85 32.59
CA LEU B 200 6.68 -57.69 31.74
C LEU B 200 5.39 -57.24 31.07
N ASP B 201 4.51 -58.20 30.75
CA ASP B 201 3.21 -57.85 30.20
C ASP B 201 2.38 -57.10 31.21
N ARG B 202 2.44 -57.50 32.48
CA ARG B 202 1.83 -56.69 33.53
C ARG B 202 2.59 -55.38 33.69
N PHE B 203 3.91 -55.41 33.45
CA PHE B 203 4.72 -54.24 33.70
C PHE B 203 4.55 -53.20 32.61
N ILE B 204 4.63 -53.62 31.35
CA ILE B 204 4.62 -52.65 30.27
C ILE B 204 3.22 -52.13 30.01
N ASN B 205 2.23 -53.00 30.08
CA ASN B 205 0.85 -52.62 29.80
C ASN B 205 0.13 -52.11 31.04
N ALA B 206 0.87 -51.60 32.02
CA ALA B 206 0.27 -50.93 33.15
C ALA B 206 -0.33 -49.60 32.72
N GLU B 207 -1.24 -49.09 33.53
CA GLU B 207 -2.02 -47.93 33.15
C GLU B 207 -2.38 -47.11 34.38
N TYR B 208 -2.84 -45.90 34.14
CA TYR B 208 -3.22 -45.02 35.23
C TYR B 208 -4.58 -45.38 35.81
N THR B 209 -4.70 -45.22 37.12
CA THR B 209 -5.88 -45.63 37.86
C THR B 209 -6.78 -44.47 38.24
N GLU B 210 -6.25 -43.26 38.37
CA GLU B 210 -7.08 -42.10 38.65
C GLU B 210 -7.91 -41.73 37.43
N GLU B 211 -8.98 -40.99 37.66
CA GLU B 211 -9.94 -40.70 36.60
C GLU B 211 -9.37 -39.71 35.59
N ALA B 212 -8.55 -38.78 36.06
CA ALA B 212 -7.76 -38.00 35.13
C ALA B 212 -6.63 -38.87 34.61
N TYR B 213 -6.15 -38.53 33.41
CA TYR B 213 -5.04 -39.21 32.72
C TYR B 213 -5.33 -40.70 32.52
N GLU B 214 -6.59 -41.06 32.39
CA GLU B 214 -7.04 -42.40 32.76
C GLU B 214 -6.54 -43.45 31.77
N GLY B 215 -5.64 -44.31 32.24
CA GLY B 215 -5.07 -45.35 31.42
C GLY B 215 -4.15 -44.81 30.35
N GLN B 216 -2.99 -44.30 30.73
CA GLN B 216 -2.17 -43.60 29.75
C GLN B 216 -1.19 -44.53 29.06
N THR B 217 -0.62 -45.51 29.79
CA THR B 217 0.19 -46.60 29.22
C THR B 217 1.42 -46.10 28.46
N ALA B 218 2.49 -45.79 29.19
CA ALA B 218 3.51 -44.80 28.81
C ALA B 218 4.28 -45.12 27.52
N LEU B 219 3.89 -46.16 26.77
CA LEU B 219 4.18 -46.16 25.34
C LEU B 219 3.69 -44.87 24.69
N ASN B 220 2.50 -44.41 25.12
CA ASN B 220 2.00 -43.08 24.80
C ASN B 220 3.01 -41.99 25.09
N ILE B 221 3.67 -42.07 26.25
CA ILE B 221 4.60 -41.02 26.66
C ILE B 221 5.79 -40.96 25.73
N ALA B 222 6.34 -42.13 25.37
CA ALA B 222 7.54 -42.17 24.55
C ALA B 222 7.28 -41.65 23.14
N ILE B 223 6.04 -41.82 22.67
CA ILE B 223 5.61 -41.17 21.44
C ILE B 223 5.61 -39.66 21.64
N GLU B 224 5.08 -39.22 22.77
CA GLU B 224 4.99 -37.79 23.04
C GLU B 224 6.36 -37.20 23.31
N ARG B 225 7.27 -38.01 23.83
CA ARG B 225 8.62 -37.52 24.01
C ARG B 225 9.48 -37.65 22.77
N ARG B 226 8.95 -38.28 21.71
CA ARG B 226 9.60 -38.42 20.41
C ARG B 226 10.94 -39.14 20.54
N GLN B 227 10.88 -40.43 20.84
CA GLN B 227 12.06 -41.28 20.92
C GLN B 227 11.79 -42.53 20.10
N GLY B 228 12.29 -42.53 18.85
CA GLY B 228 11.89 -43.55 17.90
C GLY B 228 12.42 -44.93 18.24
N ASP B 229 13.69 -45.01 18.60
CA ASP B 229 14.28 -46.29 18.98
C ASP B 229 13.67 -46.83 20.27
N ILE B 230 13.39 -45.94 21.21
CA ILE B 230 12.76 -46.33 22.46
C ILE B 230 11.36 -46.84 22.20
N THR B 231 10.67 -46.21 21.24
CA THR B 231 9.38 -46.70 20.81
C THR B 231 9.49 -48.08 20.17
N ALA B 232 10.57 -48.28 19.41
CA ALA B 232 10.74 -49.54 18.67
C ALA B 232 10.95 -50.71 19.62
N VAL B 233 11.66 -50.48 20.72
CA VAL B 233 11.91 -51.55 21.68
C VAL B 233 10.62 -51.93 22.38
N LEU B 234 9.78 -50.94 22.69
CA LEU B 234 8.50 -51.24 23.33
C LEU B 234 7.57 -51.95 22.38
N ILE B 235 7.66 -51.63 21.09
CA ILE B 235 6.98 -52.42 20.09
C ILE B 235 7.59 -53.81 20.02
N ALA B 236 8.92 -53.89 20.08
CA ALA B 236 9.60 -55.18 20.10
C ALA B 236 9.29 -55.94 21.39
N ALA B 237 9.03 -55.21 22.46
CA ALA B 237 8.48 -55.86 23.65
C ALA B 237 7.03 -56.25 23.44
N GLY B 238 6.29 -55.47 22.66
CA GLY B 238 4.88 -55.73 22.50
C GLY B 238 4.12 -55.00 23.59
N ALA B 239 3.34 -53.99 23.21
CA ALA B 239 2.84 -53.05 24.22
C ALA B 239 1.39 -52.65 23.99
N ASP B 240 0.62 -53.46 23.25
CA ASP B 240 -0.82 -53.27 23.02
C ASP B 240 -1.10 -51.91 22.37
N VAL B 241 -0.60 -51.77 21.14
CA VAL B 241 -0.36 -50.45 20.54
C VAL B 241 -1.64 -49.72 20.23
N ASN B 242 -2.78 -50.43 20.21
CA ASN B 242 -4.08 -49.79 20.09
C ASN B 242 -4.68 -49.61 21.49
N ALA B 243 -3.92 -48.93 22.34
CA ALA B 243 -4.31 -48.68 23.71
C ALA B 243 -5.14 -47.41 23.76
N HIS B 244 -6.41 -47.57 24.10
CA HIS B 244 -7.32 -46.43 24.15
C HIS B 244 -7.06 -45.63 25.41
N ALA B 245 -6.59 -44.40 25.23
CA ALA B 245 -6.48 -43.54 26.39
C ALA B 245 -7.85 -42.97 26.74
N LYS B 246 -8.05 -42.71 28.03
CA LYS B 246 -9.22 -41.98 28.48
C LYS B 246 -8.75 -40.97 29.51
N GLY B 247 -9.70 -40.32 30.15
CA GLY B 247 -9.36 -39.31 31.12
C GLY B 247 -9.94 -37.95 30.76
N VAL B 248 -10.17 -37.16 31.80
CA VAL B 248 -10.77 -35.83 31.61
C VAL B 248 -9.77 -34.90 30.93
N PHE B 249 -8.48 -35.16 31.11
CA PHE B 249 -7.46 -34.35 30.45
C PHE B 249 -7.42 -34.64 28.96
N PHE B 250 -7.48 -35.92 28.61
CA PHE B 250 -7.40 -36.29 27.20
C PHE B 250 -8.68 -35.97 26.46
N ASN B 251 -9.78 -35.88 27.17
CA ASN B 251 -11.03 -35.41 26.58
C ASN B 251 -11.48 -34.19 27.37
N PRO B 252 -10.96 -33.01 27.07
CA PRO B 252 -11.31 -31.84 27.88
C PRO B 252 -12.60 -31.21 27.42
N LYS B 253 -13.31 -30.58 28.36
CA LYS B 253 -14.50 -29.82 27.98
C LYS B 253 -14.11 -28.49 27.34
N TYR B 254 -12.97 -27.95 27.72
CA TYR B 254 -12.53 -26.63 27.30
C TYR B 254 -11.22 -26.76 26.52
N GLN B 255 -10.91 -25.72 25.75
CA GLN B 255 -9.70 -25.77 24.92
C GLN B 255 -8.45 -25.61 25.77
N HIS B 256 -8.53 -24.82 26.83
CA HIS B 256 -7.34 -24.53 27.62
C HIS B 256 -7.01 -25.66 28.58
N GLU B 257 -7.97 -26.54 28.84
CA GLU B 257 -7.79 -27.51 29.90
C GLU B 257 -6.91 -28.66 29.47
N GLY B 258 -7.17 -29.22 28.30
CA GLY B 258 -6.48 -30.44 27.91
C GLY B 258 -6.17 -30.45 26.44
N PHE B 259 -6.07 -31.65 25.90
CA PHE B 259 -5.65 -31.86 24.53
C PHE B 259 -6.33 -33.08 23.94
N TYR B 260 -7.11 -32.88 22.88
CA TYR B 260 -7.93 -33.95 22.30
C TYR B 260 -7.29 -34.47 21.02
N PHE B 261 -6.48 -35.51 21.16
CA PHE B 261 -5.91 -36.11 19.97
C PHE B 261 -6.69 -37.33 19.51
N GLY B 262 -7.73 -37.72 20.22
CA GLY B 262 -8.50 -38.87 19.81
C GLY B 262 -8.02 -40.20 20.34
N GLU B 263 -7.32 -40.21 21.48
CA GLU B 263 -7.24 -41.36 22.38
C GLU B 263 -6.46 -42.53 21.77
N THR B 264 -5.62 -42.25 20.79
CA THR B 264 -4.98 -43.31 20.04
C THR B 264 -3.50 -43.03 19.84
N PRO B 265 -2.64 -44.00 20.15
CA PRO B 265 -1.20 -43.80 19.99
C PRO B 265 -0.79 -43.58 18.56
N LEU B 266 -1.49 -44.22 17.62
CA LEU B 266 -1.26 -43.94 16.22
C LEU B 266 -1.67 -42.53 15.87
N ALA B 267 -2.84 -42.11 16.33
CA ALA B 267 -3.34 -40.79 15.99
C ALA B 267 -2.54 -39.70 16.68
N LEU B 268 -1.92 -40.04 17.81
CA LEU B 268 -1.09 -39.08 18.51
C LEU B 268 0.11 -38.67 17.68
N ALA B 269 0.86 -39.66 17.20
CA ALA B 269 2.02 -39.39 16.36
C ALA B 269 1.62 -38.74 15.05
N ALA B 270 0.41 -39.07 14.58
CA ALA B 270 -0.15 -38.34 13.45
C ALA B 270 -0.39 -36.89 13.82
N CYS B 271 -0.96 -36.66 14.99
CA CYS B 271 -1.30 -35.30 15.39
C CYS B 271 -0.07 -34.49 15.77
N THR B 272 1.01 -35.15 16.15
CA THR B 272 2.22 -34.46 16.60
C THR B 272 3.32 -34.48 15.56
N ASN B 273 3.00 -34.88 14.33
CA ASN B 273 3.86 -34.71 13.15
C ASN B 273 5.17 -35.49 13.29
N GLN B 274 5.05 -36.78 13.55
CA GLN B 274 6.20 -37.66 13.73
C GLN B 274 6.02 -38.82 12.76
N PRO B 275 6.31 -38.62 11.47
CA PRO B 275 5.83 -39.56 10.44
C PRO B 275 6.51 -40.90 10.46
N GLU B 276 7.75 -40.97 10.94
CA GLU B 276 8.43 -42.25 11.04
C GLU B 276 7.79 -43.10 12.12
N ILE B 277 7.32 -42.48 13.20
CA ILE B 277 6.55 -43.19 14.20
C ILE B 277 5.21 -43.63 13.61
N VAL B 278 4.62 -42.76 12.80
CA VAL B 278 3.44 -43.13 12.02
C VAL B 278 3.78 -44.26 11.06
N GLN B 279 4.99 -44.22 10.51
CA GLN B 279 5.44 -45.30 9.64
C GLN B 279 5.70 -46.57 10.45
N LEU B 280 6.30 -46.44 11.62
CA LEU B 280 6.67 -47.63 12.38
C LEU B 280 5.45 -48.29 13.01
N LEU B 281 4.43 -47.51 13.36
CA LEU B 281 3.22 -48.11 13.89
C LEU B 281 2.35 -48.69 12.79
N MET B 282 2.68 -48.39 11.55
CA MET B 282 1.80 -48.75 10.45
C MET B 282 1.87 -50.24 10.14
N GLU B 283 3.04 -50.85 10.27
CA GLU B 283 3.16 -52.27 9.94
C GLU B 283 3.18 -53.18 11.15
N ASN B 284 2.46 -52.87 12.22
CA ASN B 284 2.32 -53.83 13.31
C ASN B 284 1.14 -54.73 12.95
N GLU B 285 1.13 -55.91 13.55
CA GLU B 285 0.16 -56.98 13.24
C GLU B 285 -1.21 -56.56 13.76
N GLN B 286 -1.32 -56.02 14.96
CA GLN B 286 -2.62 -55.85 15.60
C GLN B 286 -2.93 -54.35 15.71
N THR B 287 -2.65 -53.65 14.62
CA THR B 287 -2.72 -52.19 14.66
C THR B 287 -4.16 -51.71 14.67
N ASP B 288 -5.00 -52.25 13.78
CA ASP B 288 -6.43 -51.94 13.65
C ASP B 288 -6.67 -50.45 13.39
N ILE B 289 -6.29 -50.04 12.17
CA ILE B 289 -6.44 -48.65 11.71
C ILE B 289 -7.88 -48.19 11.79
N THR B 290 -8.84 -49.11 11.66
CA THR B 290 -10.26 -48.78 11.64
C THR B 290 -10.84 -48.53 13.03
N SER B 291 -10.02 -48.28 14.04
CA SER B 291 -10.52 -48.24 15.41
C SER B 291 -11.36 -47.00 15.68
N GLN B 292 -12.33 -47.16 16.56
CA GLN B 292 -13.13 -46.07 17.09
C GLN B 292 -12.82 -45.90 18.57
N ASP B 293 -13.32 -44.82 19.15
CA ASP B 293 -13.00 -44.49 20.53
C ASP B 293 -14.20 -43.91 21.27
N SER B 294 -13.94 -43.36 22.44
CA SER B 294 -14.90 -42.47 23.07
C SER B 294 -15.07 -41.25 22.19
N ARG B 295 -16.33 -40.76 22.11
CA ARG B 295 -16.92 -39.80 21.19
C ARG B 295 -17.13 -40.43 19.81
N GLY B 296 -16.68 -41.67 19.60
CA GLY B 296 -16.96 -42.40 18.39
C GLY B 296 -16.09 -42.05 17.21
N ASN B 297 -14.99 -41.35 17.42
CA ASN B 297 -14.25 -40.83 16.29
C ASN B 297 -13.30 -41.88 15.73
N ASN B 298 -12.88 -41.66 14.51
CA ASN B 298 -11.79 -42.39 13.90
C ASN B 298 -10.58 -41.47 13.78
N ILE B 299 -9.50 -42.03 13.23
CA ILE B 299 -8.22 -41.33 13.19
C ILE B 299 -8.31 -40.11 12.29
N LEU B 300 -9.18 -40.17 11.28
CA LEU B 300 -9.26 -39.05 10.35
C LEU B 300 -10.03 -37.90 10.98
N HIS B 301 -10.94 -38.20 11.90
CA HIS B 301 -11.74 -37.18 12.54
C HIS B 301 -10.88 -36.26 13.39
N ALA B 302 -10.00 -36.84 14.20
CA ALA B 302 -9.13 -36.04 15.06
C ALA B 302 -8.15 -35.22 14.22
N LEU B 303 -7.74 -35.77 13.08
CA LEU B 303 -6.93 -34.99 12.15
C LEU B 303 -7.70 -33.79 11.62
N VAL B 304 -8.99 -33.97 11.38
CA VAL B 304 -9.82 -32.83 11.02
C VAL B 304 -10.01 -31.93 12.22
N THR B 305 -10.25 -32.54 13.39
CA THR B 305 -10.55 -31.83 14.63
C THR B 305 -9.37 -30.98 15.04
N VAL B 306 -8.18 -31.50 14.84
CA VAL B 306 -6.99 -30.72 15.13
C VAL B 306 -6.38 -30.28 13.81
N ALA B 307 -6.75 -29.09 13.36
CA ALA B 307 -6.22 -28.53 12.13
C ALA B 307 -6.43 -27.02 12.18
N GLU B 308 -5.55 -26.30 11.51
CA GLU B 308 -5.68 -24.85 11.44
C GLU B 308 -5.44 -24.41 10.01
N ASP B 309 -5.28 -23.10 9.84
CA ASP B 309 -5.03 -22.53 8.53
C ASP B 309 -3.56 -22.72 8.16
N PHE B 310 -3.16 -22.13 7.03
CA PHE B 310 -1.75 -22.22 6.68
C PHE B 310 -0.91 -21.35 7.60
N LYS B 311 -1.49 -20.29 8.13
CA LYS B 311 -0.87 -19.67 9.28
C LYS B 311 -0.95 -20.62 10.47
N THR B 312 0.19 -20.76 11.15
CA THR B 312 0.44 -21.45 12.43
C THR B 312 0.46 -22.96 12.20
N GLN B 313 0.03 -23.47 11.05
CA GLN B 313 0.22 -24.87 10.73
C GLN B 313 0.56 -25.02 9.26
N ASN B 314 1.57 -25.84 8.97
CA ASN B 314 2.03 -26.02 7.59
C ASN B 314 1.87 -27.47 7.18
N ASP B 315 0.72 -27.75 6.56
CA ASP B 315 0.40 -28.83 5.62
C ASP B 315 0.70 -30.25 6.09
N PHE B 316 1.14 -30.43 7.32
CA PHE B 316 1.41 -31.79 7.80
C PHE B 316 0.11 -32.49 8.13
N VAL B 317 -0.88 -31.73 8.56
CA VAL B 317 -2.21 -32.29 8.80
C VAL B 317 -2.78 -32.82 7.50
N LYS B 318 -2.53 -32.08 6.41
CA LYS B 318 -2.87 -32.57 5.08
C LYS B 318 -2.07 -33.82 4.73
N ARG B 319 -0.76 -33.78 4.97
CA ARG B 319 0.10 -34.86 4.49
C ARG B 319 -0.07 -36.12 5.34
N MET B 320 -0.26 -35.96 6.64
CA MET B 320 -0.50 -37.14 7.46
C MET B 320 -1.90 -37.68 7.23
N TYR B 321 -2.82 -36.83 6.78
CA TYR B 321 -4.09 -37.35 6.28
C TYR B 321 -3.87 -38.19 5.04
N ASP B 322 -2.93 -37.78 4.20
CA ASP B 322 -2.65 -38.51 2.98
C ASP B 322 -1.94 -39.82 3.29
N MET B 323 -0.94 -39.76 4.18
CA MET B 323 -0.03 -40.89 4.39
C MET B 323 -0.76 -42.09 4.97
N ILE B 324 -1.72 -41.83 5.87
CA ILE B 324 -2.47 -42.93 6.43
C ILE B 324 -3.50 -43.45 5.44
N LEU B 325 -3.90 -42.60 4.48
CA LEU B 325 -4.99 -42.97 3.60
C LEU B 325 -4.54 -43.94 2.54
N LEU B 326 -3.28 -43.81 2.10
CA LEU B 326 -2.75 -44.72 1.10
C LEU B 326 -2.58 -46.11 1.66
N ARG B 327 -2.34 -46.22 2.97
CA ARG B 327 -2.23 -47.54 3.58
C ARG B 327 -3.59 -48.21 3.67
N SER B 328 -4.65 -47.41 3.79
CA SER B 328 -6.02 -47.89 4.02
C SER B 328 -6.53 -48.79 2.91
N GLY B 329 -6.64 -48.28 1.71
CA GLY B 329 -7.05 -49.08 0.58
C GLY B 329 -8.51 -49.47 0.54
N ASN B 330 -9.36 -48.82 1.33
CA ASN B 330 -10.78 -49.16 1.34
C ASN B 330 -11.57 -47.87 1.44
N TRP B 331 -12.78 -47.88 0.88
CA TRP B 331 -13.69 -46.75 1.05
C TRP B 331 -14.16 -46.62 2.48
N GLU B 332 -14.23 -47.74 3.20
CA GLU B 332 -14.43 -47.65 4.64
C GLU B 332 -13.21 -47.00 5.27
N LEU B 333 -13.44 -46.45 6.48
CA LEU B 333 -12.62 -45.51 7.24
C LEU B 333 -12.72 -44.13 6.59
N GLU B 334 -13.70 -43.96 5.72
CA GLU B 334 -14.33 -42.68 5.46
C GLU B 334 -15.84 -42.75 5.54
N THR B 335 -16.40 -43.93 5.32
CA THR B 335 -17.84 -44.09 5.37
C THR B 335 -18.34 -44.18 6.80
N MET B 336 -17.44 -44.39 7.75
CA MET B 336 -17.83 -44.49 9.15
C MET B 336 -18.33 -43.15 9.66
N ARG B 337 -19.24 -43.21 10.62
CA ARG B 337 -19.75 -42.02 11.26
C ARG B 337 -19.49 -42.12 12.76
N ASN B 338 -19.42 -40.96 13.41
CA ASN B 338 -19.05 -40.90 14.82
C ASN B 338 -20.29 -41.11 15.70
N ASN B 339 -20.13 -40.89 17.00
CA ASN B 339 -21.30 -40.89 17.87
C ASN B 339 -22.17 -39.67 17.63
N ASP B 340 -21.59 -38.62 17.06
CA ASP B 340 -22.43 -37.54 16.56
C ASP B 340 -23.12 -37.96 15.27
N GLY B 341 -22.61 -39.00 14.60
CA GLY B 341 -23.23 -39.50 13.41
C GLY B 341 -22.70 -38.90 12.13
N LEU B 342 -21.46 -38.44 12.12
CA LEU B 342 -20.98 -37.65 11.00
C LEU B 342 -19.76 -38.29 10.34
N THR B 343 -19.67 -38.13 9.02
CA THR B 343 -18.50 -38.57 8.28
C THR B 343 -17.36 -37.60 8.58
N PRO B 344 -16.11 -37.98 8.28
CA PRO B 344 -15.03 -36.98 8.36
C PRO B 344 -15.23 -35.82 7.40
N LEU B 345 -15.82 -36.08 6.25
CA LEU B 345 -16.19 -34.98 5.37
C LEU B 345 -17.30 -34.14 5.99
N GLN B 346 -18.26 -34.77 6.64
CA GLN B 346 -19.30 -34.02 7.33
C GLN B 346 -18.73 -33.27 8.52
N LEU B 347 -17.79 -33.90 9.23
CA LEU B 347 -17.20 -33.23 10.39
C LEU B 347 -16.27 -32.11 9.95
N ALA B 348 -15.74 -32.21 8.72
CA ALA B 348 -14.98 -31.12 8.15
C ALA B 348 -15.87 -29.91 7.93
N ALA B 349 -17.13 -30.15 7.57
CA ALA B 349 -18.06 -29.06 7.36
C ALA B 349 -18.44 -28.41 8.69
N LYS B 350 -18.77 -29.23 9.69
CA LYS B 350 -19.30 -28.69 10.93
C LYS B 350 -18.21 -27.99 11.73
N MET B 351 -16.99 -28.52 11.69
CA MET B 351 -15.88 -27.80 12.29
C MET B 351 -15.48 -26.61 11.42
N GLY B 352 -15.77 -26.68 10.13
CA GLY B 352 -15.44 -25.60 9.23
C GLY B 352 -13.96 -25.46 8.93
N LYS B 353 -13.17 -26.51 9.15
CA LYS B 353 -11.76 -26.46 8.81
C LYS B 353 -11.59 -26.41 7.29
N ALA B 354 -11.15 -25.27 6.79
CA ALA B 354 -11.16 -25.04 5.35
C ALA B 354 -10.06 -25.76 4.59
N GLU B 355 -8.83 -25.77 5.12
CA GLU B 355 -7.69 -26.23 4.35
C GLU B 355 -7.74 -27.73 4.11
N ILE B 356 -8.28 -28.48 5.06
CA ILE B 356 -8.43 -29.90 4.84
C ILE B 356 -9.52 -30.18 3.82
N LEU B 357 -10.52 -29.29 3.76
CA LEU B 357 -11.69 -29.56 2.94
C LEU B 357 -11.36 -29.40 1.47
N LYS B 358 -10.37 -28.56 1.16
CA LYS B 358 -9.87 -28.47 -0.20
C LYS B 358 -9.20 -29.76 -0.62
N TYR B 359 -8.51 -30.42 0.31
CA TYR B 359 -7.80 -31.64 -0.04
C TYR B 359 -8.75 -32.79 -0.28
N ILE B 360 -9.92 -32.77 0.38
CA ILE B 360 -10.86 -33.87 0.24
C ILE B 360 -11.45 -33.88 -1.15
N LEU B 361 -11.80 -32.71 -1.67
CA LEU B 361 -12.55 -32.67 -2.92
C LEU B 361 -11.66 -32.92 -4.12
N SER B 362 -10.40 -32.53 -4.03
CA SER B 362 -9.48 -32.65 -5.16
C SER B 362 -8.49 -33.80 -4.95
N ARG B 363 -8.91 -34.84 -4.24
CA ARG B 363 -8.02 -35.93 -3.88
C ARG B 363 -7.95 -36.91 -5.04
N GLU B 364 -6.99 -36.73 -5.92
CA GLU B 364 -6.77 -37.62 -7.06
C GLU B 364 -5.43 -38.33 -6.89
N ILE B 365 -5.34 -39.55 -7.41
CA ILE B 365 -4.16 -40.39 -7.27
C ILE B 365 -3.83 -40.99 -8.63
N LYS B 366 -2.59 -40.81 -9.06
CA LYS B 366 -2.17 -41.33 -10.36
C LYS B 366 -1.82 -42.81 -10.26
N GLU B 367 -1.47 -43.28 -9.07
CA GLU B 367 -0.88 -44.61 -8.92
C GLU B 367 -1.92 -45.70 -9.10
N LYS B 368 -1.64 -46.59 -10.05
CA LYS B 368 -2.67 -47.41 -10.71
C LYS B 368 -3.52 -48.31 -9.81
N PRO B 369 -2.99 -49.22 -8.96
CA PRO B 369 -3.86 -50.29 -8.42
C PRO B 369 -4.87 -49.80 -7.40
N LEU B 370 -4.77 -48.54 -7.00
CA LEU B 370 -5.68 -47.91 -6.06
C LEU B 370 -6.16 -46.56 -6.52
N ARG B 371 -6.31 -46.39 -7.85
CA ARG B 371 -6.89 -45.16 -8.37
C ARG B 371 -8.38 -45.06 -8.10
N SER B 372 -9.00 -46.15 -7.63
CA SER B 372 -10.41 -46.10 -7.23
C SER B 372 -10.62 -45.10 -6.11
N LEU B 373 -9.86 -45.22 -5.02
CA LEU B 373 -9.97 -44.28 -3.91
C LEU B 373 -9.36 -42.95 -4.32
N SER B 374 -10.14 -42.22 -5.10
CA SER B 374 -9.72 -40.93 -5.62
C SER B 374 -10.98 -40.13 -5.93
N ARG B 375 -10.82 -38.81 -5.92
CA ARG B 375 -11.85 -37.91 -6.40
C ARG B 375 -11.18 -36.96 -7.38
N LYS B 376 -11.98 -36.11 -8.03
CA LYS B 376 -11.55 -35.29 -9.17
C LYS B 376 -10.94 -36.17 -10.26
N PHE B 377 -11.78 -36.98 -10.89
CA PHE B 377 -11.31 -37.84 -11.96
C PHE B 377 -11.04 -37.04 -13.22
N THR B 378 -9.88 -37.26 -13.80
CA THR B 378 -9.49 -36.59 -15.04
C THR B 378 -10.22 -37.23 -16.22
N ASP B 379 -11.02 -36.42 -16.92
CA ASP B 379 -11.82 -36.92 -18.04
C ASP B 379 -10.94 -37.20 -19.24
N TRP B 380 -10.33 -36.14 -19.75
CA TRP B 380 -9.47 -36.18 -20.92
C TRP B 380 -8.62 -34.94 -20.92
N ALA B 381 -7.45 -35.02 -21.54
CA ALA B 381 -6.56 -33.87 -21.66
C ALA B 381 -5.97 -33.89 -23.06
N TYR B 382 -5.94 -32.74 -23.71
CA TYR B 382 -5.31 -32.63 -25.01
C TYR B 382 -4.47 -31.37 -25.03
N GLY B 383 -3.21 -31.51 -24.67
CA GLY B 383 -2.34 -30.38 -24.53
C GLY B 383 -2.78 -29.50 -23.39
N PRO B 384 -2.99 -28.23 -23.66
CA PRO B 384 -3.30 -27.26 -22.61
C PRO B 384 -4.74 -27.28 -22.13
N VAL B 385 -5.60 -28.12 -22.71
CA VAL B 385 -7.01 -28.17 -22.38
C VAL B 385 -7.32 -29.53 -21.79
N SER B 386 -7.96 -29.53 -20.63
CA SER B 386 -8.35 -30.76 -19.96
C SER B 386 -9.74 -30.61 -19.38
N SER B 387 -10.35 -31.74 -19.07
CA SER B 387 -11.64 -31.76 -18.39
C SER B 387 -11.55 -32.73 -17.21
N SER B 388 -12.42 -32.52 -16.23
CA SER B 388 -12.37 -33.28 -14.99
C SER B 388 -13.77 -33.56 -14.48
N LEU B 389 -13.87 -34.57 -13.63
CA LEU B 389 -15.13 -34.94 -12.99
C LEU B 389 -14.97 -34.90 -11.47
N TYR B 390 -15.63 -33.94 -10.83
CA TYR B 390 -15.68 -33.89 -9.39
C TYR B 390 -16.83 -34.76 -8.89
N ASP B 391 -16.56 -35.54 -7.85
CA ASP B 391 -17.55 -36.48 -7.35
C ASP B 391 -18.62 -35.75 -6.54
N LEU B 392 -19.80 -36.37 -6.48
CA LEU B 392 -20.93 -35.84 -5.73
C LEU B 392 -21.51 -36.92 -4.83
N THR B 393 -20.65 -37.59 -4.06
CA THR B 393 -21.11 -38.68 -3.22
C THR B 393 -22.01 -38.18 -2.11
N ASN B 394 -21.58 -37.15 -1.40
CA ASN B 394 -22.39 -36.60 -0.33
C ASN B 394 -22.45 -35.08 -0.35
N VAL B 395 -22.00 -34.45 -1.42
CA VAL B 395 -21.99 -33.00 -1.45
C VAL B 395 -23.36 -32.46 -1.80
N ASP B 396 -24.00 -33.05 -2.81
CA ASP B 396 -25.29 -32.57 -3.26
C ASP B 396 -26.39 -32.95 -2.27
N THR B 397 -27.47 -32.19 -2.29
CA THR B 397 -28.56 -32.29 -1.34
C THR B 397 -29.52 -33.44 -1.61
N THR B 398 -29.10 -34.45 -2.38
CA THR B 398 -29.95 -35.62 -2.59
C THR B 398 -30.03 -36.49 -1.34
N THR B 399 -29.15 -36.26 -0.38
CA THR B 399 -29.12 -37.00 0.88
C THR B 399 -29.51 -36.01 1.96
N ASP B 400 -30.06 -36.50 3.07
CA ASP B 400 -30.67 -35.71 4.16
C ASP B 400 -29.60 -34.81 4.77
N ASN B 401 -28.41 -35.30 5.07
CA ASN B 401 -27.32 -34.40 5.40
C ASN B 401 -26.34 -34.35 4.25
N SER B 402 -26.04 -33.14 3.80
CA SER B 402 -25.09 -32.94 2.71
C SER B 402 -24.07 -31.90 3.13
N VAL B 403 -22.97 -31.89 2.37
CA VAL B 403 -21.88 -30.95 2.62
C VAL B 403 -22.36 -29.53 2.44
N LEU B 404 -23.09 -29.29 1.36
CA LEU B 404 -23.53 -27.95 1.02
C LEU B 404 -24.53 -27.41 2.03
N GLU B 405 -25.35 -28.30 2.59
CA GLU B 405 -26.38 -27.89 3.52
C GLU B 405 -25.77 -27.40 4.83
N ILE B 406 -24.75 -28.10 5.30
CA ILE B 406 -24.16 -27.80 6.61
C ILE B 406 -23.40 -26.49 6.55
N ILE B 407 -22.78 -26.21 5.39
CA ILE B 407 -22.06 -24.96 5.22
C ILE B 407 -23.03 -23.78 5.19
N VAL B 408 -24.21 -23.99 4.63
CA VAL B 408 -25.21 -22.93 4.62
C VAL B 408 -25.83 -22.78 6.00
N TYR B 409 -26.46 -23.82 6.51
CA TYR B 409 -27.28 -23.68 7.70
C TYR B 409 -26.49 -23.75 8.99
N ASN B 410 -25.40 -23.00 9.08
CA ASN B 410 -24.72 -22.77 10.34
C ASN B 410 -24.20 -21.35 10.38
N THR B 411 -24.42 -20.72 11.52
CA THR B 411 -23.94 -19.36 11.75
C THR B 411 -22.79 -19.36 12.73
N ASN B 412 -22.69 -20.39 13.55
CA ASN B 412 -21.83 -20.32 14.72
C ASN B 412 -20.37 -20.56 14.38
N ILE B 413 -20.03 -21.04 13.18
CA ILE B 413 -18.70 -21.59 13.00
C ILE B 413 -17.69 -20.48 12.77
N ASP B 414 -17.57 -20.01 11.52
CA ASP B 414 -16.84 -18.84 11.02
C ASP B 414 -16.89 -18.94 9.50
N ASN B 415 -16.41 -17.91 8.80
CA ASN B 415 -15.57 -18.06 7.61
C ASN B 415 -16.28 -18.73 6.45
N ARG B 416 -17.58 -18.48 6.29
CA ARG B 416 -18.34 -19.22 5.29
C ARG B 416 -18.02 -18.74 3.88
N HIS B 417 -17.47 -17.52 3.77
CA HIS B 417 -17.11 -17.00 2.46
C HIS B 417 -15.93 -17.76 1.87
N GLU B 418 -15.05 -18.28 2.73
CA GLU B 418 -13.88 -18.98 2.23
C GLU B 418 -14.25 -20.34 1.67
N MET B 419 -15.12 -21.07 2.37
CA MET B 419 -15.38 -22.45 2.01
C MET B 419 -16.20 -22.55 0.73
N LEU B 420 -17.02 -21.54 0.47
CA LEU B 420 -17.87 -21.59 -0.71
C LEU B 420 -17.10 -21.21 -1.97
N THR B 421 -15.86 -20.78 -1.83
CA THR B 421 -15.03 -20.44 -2.97
C THR B 421 -14.51 -21.75 -3.59
N LEU B 422 -14.55 -22.82 -2.82
CA LEU B 422 -13.99 -24.10 -3.24
C LEU B 422 -14.83 -24.72 -4.35
N GLU B 423 -14.16 -25.50 -5.19
CA GLU B 423 -14.61 -25.66 -6.57
C GLU B 423 -15.90 -26.48 -6.76
N PRO B 424 -16.06 -27.71 -6.22
CA PRO B 424 -17.29 -28.44 -6.55
C PRO B 424 -18.52 -27.86 -5.88
N LEU B 425 -18.31 -27.11 -4.80
CA LEU B 425 -19.41 -26.32 -4.26
C LEU B 425 -19.76 -25.18 -5.19
N HIS B 426 -18.74 -24.47 -5.68
CA HIS B 426 -18.92 -23.14 -6.25
C HIS B 426 -19.65 -23.18 -7.57
N THR B 427 -19.28 -24.12 -8.42
CA THR B 427 -19.94 -24.24 -9.72
C THR B 427 -21.35 -24.79 -9.55
N LEU B 428 -21.51 -25.80 -8.69
CA LEU B 428 -22.81 -26.40 -8.46
C LEU B 428 -23.79 -25.41 -7.86
N LEU B 429 -23.29 -24.52 -7.00
CA LEU B 429 -24.13 -23.45 -6.47
C LEU B 429 -24.52 -22.48 -7.56
N HIS B 430 -23.63 -22.23 -8.51
CA HIS B 430 -23.93 -21.30 -9.59
C HIS B 430 -24.97 -21.86 -10.53
N THR B 431 -24.94 -23.17 -10.77
CA THR B 431 -25.89 -23.78 -11.69
C THR B 431 -27.29 -23.78 -11.12
N LYS B 432 -27.41 -23.93 -9.80
CA LYS B 432 -28.74 -23.99 -9.19
C LYS B 432 -29.42 -22.63 -9.21
N TRP B 433 -28.63 -21.55 -9.23
CA TRP B 433 -29.20 -20.23 -9.47
C TRP B 433 -29.76 -20.13 -10.88
N LYS B 434 -29.00 -20.63 -11.85
CA LYS B 434 -29.33 -20.38 -13.25
C LYS B 434 -30.54 -21.18 -13.70
N LYS B 435 -30.65 -22.41 -13.24
CA LYS B 435 -31.75 -23.26 -13.69
C LYS B 435 -32.98 -23.17 -12.80
N PHE B 436 -32.83 -22.71 -11.56
CA PHE B 436 -34.01 -22.52 -10.72
C PHE B 436 -34.30 -21.09 -10.32
N ALA B 437 -33.37 -20.49 -9.60
CA ALA B 437 -33.76 -19.46 -8.66
C ALA B 437 -33.85 -18.08 -9.27
N LYS B 438 -33.15 -17.87 -10.40
CA LYS B 438 -33.28 -16.60 -11.10
C LYS B 438 -34.69 -16.44 -11.65
N TYR B 439 -35.34 -17.55 -12.00
CA TYR B 439 -36.77 -17.51 -12.27
C TYR B 439 -37.56 -17.39 -10.97
N MET B 440 -37.11 -18.10 -9.93
CA MET B 440 -37.89 -18.18 -8.70
C MET B 440 -37.84 -16.87 -7.92
N PHE B 441 -36.68 -16.23 -7.87
CA PHE B 441 -36.58 -14.99 -7.10
C PHE B 441 -37.28 -13.84 -7.81
N PHE B 442 -37.17 -13.77 -9.14
CA PHE B 442 -37.85 -12.72 -9.89
C PHE B 442 -39.37 -12.89 -9.82
N LEU B 443 -39.84 -14.13 -9.79
CA LEU B 443 -41.28 -14.37 -9.69
C LEU B 443 -41.80 -13.98 -8.32
N SER B 444 -41.03 -14.30 -7.28
CA SER B 444 -41.39 -13.88 -5.93
C SER B 444 -41.30 -12.37 -5.78
N PHE B 445 -40.38 -11.75 -6.51
CA PHE B 445 -40.22 -10.31 -6.46
C PHE B 445 -41.42 -9.61 -7.07
N CYS B 446 -41.94 -10.15 -8.17
CA CYS B 446 -43.02 -9.47 -8.88
C CYS B 446 -44.36 -9.63 -8.16
N PHE B 447 -44.57 -10.78 -7.51
CA PHE B 447 -45.83 -11.00 -6.81
C PHE B 447 -45.96 -10.09 -5.60
N TYR B 448 -44.89 -9.93 -4.83
CA TYR B 448 -44.96 -9.08 -3.67
C TYR B 448 -44.95 -7.60 -4.07
N PHE B 449 -44.37 -7.30 -5.23
CA PHE B 449 -44.44 -5.94 -5.77
C PHE B 449 -45.86 -5.60 -6.17
N PHE B 450 -46.59 -6.56 -6.74
CA PHE B 450 -47.99 -6.33 -7.05
C PHE B 450 -48.82 -6.31 -5.77
N TYR B 451 -48.34 -6.98 -4.73
CA TYR B 451 -49.10 -7.09 -3.49
C TYR B 451 -49.14 -5.77 -2.75
N ASN B 452 -48.03 -5.03 -2.78
CA ASN B 452 -47.99 -3.76 -2.06
C ASN B 452 -48.84 -2.70 -2.74
N ILE B 453 -48.89 -2.74 -4.07
CA ILE B 453 -49.78 -1.87 -4.82
C ILE B 453 -51.24 -2.24 -4.53
N THR B 454 -51.48 -3.55 -4.34
CA THR B 454 -52.83 -4.03 -4.08
C THR B 454 -53.28 -3.60 -2.68
N LEU B 455 -52.33 -3.41 -1.76
CA LEU B 455 -52.68 -2.94 -0.43
C LEU B 455 -53.15 -1.50 -0.44
N THR B 456 -52.34 -0.62 -1.03
CA THR B 456 -52.48 0.81 -0.75
C THR B 456 -53.63 1.43 -1.52
N LEU B 457 -53.98 0.85 -2.67
CA LEU B 457 -55.01 1.46 -3.51
C LEU B 457 -56.40 1.29 -2.92
N VAL B 458 -56.71 0.07 -2.47
CA VAL B 458 -58.07 -0.21 -2.01
C VAL B 458 -58.20 0.05 -0.52
N SER B 459 -57.25 0.81 0.05
CA SER B 459 -57.31 1.25 1.44
C SER B 459 -58.56 2.09 1.66
N TYR B 460 -58.61 3.29 1.09
CA TYR B 460 -59.85 4.04 1.02
C TYR B 460 -60.01 4.81 -0.29
N TYR B 461 -59.08 4.66 -1.24
CA TYR B 461 -59.14 5.46 -2.46
C TYR B 461 -60.24 4.98 -3.39
N ARG B 462 -60.54 3.69 -3.36
CA ARG B 462 -61.62 3.15 -4.18
C ARG B 462 -62.72 2.63 -3.27
N HIS B 477 -71.32 -3.93 -3.83
CA HIS B 477 -70.44 -5.09 -3.76
C HIS B 477 -71.08 -6.31 -4.42
N LYS B 478 -71.86 -6.07 -5.48
CA LYS B 478 -72.59 -7.16 -6.12
C LYS B 478 -71.98 -7.51 -7.48
N MET B 479 -71.75 -6.50 -8.32
CA MET B 479 -71.17 -6.71 -9.64
C MET B 479 -69.74 -6.17 -9.69
N SER B 480 -69.32 -5.42 -8.67
CA SER B 480 -67.96 -4.90 -8.59
C SER B 480 -66.99 -6.02 -8.22
N TRP B 481 -66.61 -6.83 -9.21
CA TRP B 481 -65.90 -8.07 -8.92
C TRP B 481 -64.44 -7.80 -8.57
N LEU B 482 -63.77 -6.96 -9.36
CA LEU B 482 -62.33 -6.83 -9.24
C LEU B 482 -61.92 -5.95 -8.06
N GLN B 483 -62.87 -5.17 -7.53
CA GLN B 483 -62.64 -4.56 -6.22
C GLN B 483 -62.71 -5.61 -5.13
N LEU B 484 -63.72 -6.48 -5.19
CA LEU B 484 -63.87 -7.52 -4.18
C LEU B 484 -62.82 -8.61 -4.32
N LEU B 485 -62.56 -9.06 -5.55
CA LEU B 485 -61.58 -10.13 -5.75
C LEU B 485 -60.15 -9.64 -5.50
N GLY B 486 -59.95 -8.32 -5.56
CA GLY B 486 -58.66 -7.76 -5.18
C GLY B 486 -58.39 -7.89 -3.68
N ARG B 487 -59.38 -7.58 -2.85
CA ARG B 487 -59.24 -7.74 -1.42
C ARG B 487 -59.18 -9.22 -1.03
N MET B 488 -59.88 -10.06 -1.79
CA MET B 488 -59.77 -11.51 -1.59
C MET B 488 -58.38 -12.00 -1.91
N PHE B 489 -57.74 -11.42 -2.93
CA PHE B 489 -56.40 -11.84 -3.33
C PHE B 489 -55.37 -11.41 -2.29
N VAL B 490 -55.64 -10.32 -1.57
CA VAL B 490 -54.79 -9.91 -0.46
C VAL B 490 -54.84 -10.96 0.65
N LEU B 491 -56.04 -11.41 0.98
CA LEU B 491 -56.24 -12.22 2.17
C LEU B 491 -55.69 -13.63 2.00
N ILE B 492 -55.78 -14.18 0.79
CA ILE B 492 -55.38 -15.56 0.59
C ILE B 492 -53.86 -15.70 0.59
N TRP B 493 -53.16 -14.66 0.12
CA TRP B 493 -51.71 -14.78 -0.05
C TRP B 493 -50.97 -14.41 1.22
N ALA B 494 -51.56 -13.52 2.02
CA ALA B 494 -50.92 -13.10 3.27
C ALA B 494 -50.92 -14.21 4.30
N THR B 495 -51.92 -15.10 4.23
CA THR B 495 -51.97 -16.23 5.15
C THR B 495 -50.86 -17.23 4.86
N CYS B 496 -50.64 -17.54 3.59
CA CYS B 496 -49.66 -18.57 3.22
C CYS B 496 -48.24 -18.11 3.54
N ILE B 497 -48.00 -16.80 3.49
CA ILE B 497 -46.73 -16.27 3.97
C ILE B 497 -46.67 -16.39 5.48
N SER B 498 -47.78 -16.10 6.16
CA SER B 498 -47.80 -16.11 7.62
C SER B 498 -47.72 -17.52 8.17
N VAL B 499 -48.28 -18.49 7.44
CA VAL B 499 -48.19 -19.88 7.86
C VAL B 499 -46.77 -20.40 7.68
N LYS B 500 -46.17 -20.12 6.52
CA LYS B 500 -44.85 -20.66 6.22
C LYS B 500 -43.77 -20.00 7.08
N GLU B 501 -43.91 -18.71 7.35
CA GLU B 501 -42.96 -18.04 8.23
C GLU B 501 -43.19 -18.43 9.69
N GLY B 502 -44.44 -18.70 10.06
CA GLY B 502 -44.73 -19.07 11.43
C GLY B 502 -44.13 -20.40 11.81
N ILE B 503 -44.08 -21.34 10.88
CA ILE B 503 -43.40 -22.60 11.13
C ILE B 503 -41.89 -22.38 11.15
N ALA B 504 -41.38 -21.55 10.24
CA ALA B 504 -39.94 -21.40 10.06
C ALA B 504 -39.28 -20.68 11.23
N ILE B 505 -39.98 -19.70 11.81
CA ILE B 505 -39.48 -19.06 13.02
C ILE B 505 -39.51 -20.04 14.19
N PHE B 506 -40.52 -20.91 14.21
CA PHE B 506 -40.63 -21.90 15.29
C PHE B 506 -39.57 -22.98 15.16
N LEU B 507 -38.98 -23.13 13.97
CA LEU B 507 -37.88 -24.08 13.80
C LEU B 507 -36.62 -23.59 14.49
N LEU B 508 -36.44 -22.27 14.56
CA LEU B 508 -35.30 -21.71 15.28
C LEU B 508 -35.79 -21.12 16.59
N GLN B 514 -26.78 -13.61 17.56
CA GLN B 514 -27.09 -14.82 16.81
C GLN B 514 -28.01 -14.53 15.63
N SER B 515 -29.26 -14.19 15.93
CA SER B 515 -30.31 -14.24 14.92
C SER B 515 -30.53 -12.87 14.26
N ILE B 516 -30.60 -11.81 15.07
CA ILE B 516 -31.02 -10.51 14.55
C ILE B 516 -29.91 -9.82 13.78
N LEU B 517 -28.69 -10.38 13.82
CA LEU B 517 -27.60 -9.81 13.04
C LEU B 517 -27.79 -10.06 11.55
N SER B 518 -28.44 -11.16 11.20
CA SER B 518 -28.60 -11.54 9.80
C SER B 518 -29.84 -12.40 9.61
N ASP B 519 -30.79 -11.85 8.85
CA ASP B 519 -31.84 -12.56 8.11
C ASP B 519 -32.94 -13.17 8.97
N ALA B 520 -32.72 -13.33 10.27
CA ALA B 520 -33.79 -13.87 11.10
C ALA B 520 -34.67 -12.75 11.60
N TRP B 521 -34.07 -11.60 11.90
CA TRP B 521 -34.83 -10.37 12.12
C TRP B 521 -35.62 -10.00 10.87
N PHE B 522 -35.07 -10.28 9.69
CA PHE B 522 -35.80 -10.03 8.45
C PHE B 522 -36.99 -10.95 8.31
N HIS B 523 -36.81 -12.25 8.59
CA HIS B 523 -37.94 -13.17 8.53
C HIS B 523 -38.95 -12.92 9.64
N PHE B 524 -38.55 -12.19 10.69
CA PHE B 524 -39.53 -11.72 11.67
C PHE B 524 -40.48 -10.71 11.04
N VAL B 525 -39.93 -9.75 10.28
CA VAL B 525 -40.72 -8.63 9.79
C VAL B 525 -41.68 -9.09 8.70
N PHE B 526 -41.30 -10.10 7.93
CA PHE B 526 -42.23 -10.70 6.98
C PHE B 526 -43.42 -11.33 7.69
N PHE B 527 -43.18 -11.95 8.84
CA PHE B 527 -44.28 -12.55 9.57
C PHE B 527 -45.15 -11.50 10.25
N VAL B 528 -44.53 -10.45 10.78
CA VAL B 528 -45.26 -9.42 11.52
C VAL B 528 -46.15 -8.64 10.56
N GLN B 529 -45.64 -8.32 9.38
CA GLN B 529 -46.41 -7.55 8.41
C GLN B 529 -47.58 -8.35 7.86
N ALA B 530 -47.44 -9.67 7.79
CA ALA B 530 -48.52 -10.50 7.28
C ALA B 530 -49.66 -10.60 8.29
N VAL B 531 -49.33 -10.67 9.58
CA VAL B 531 -50.35 -10.85 10.61
C VAL B 531 -51.18 -9.59 10.78
N LEU B 532 -50.53 -8.42 10.72
CA LEU B 532 -51.22 -7.16 10.96
C LEU B 532 -52.18 -6.83 9.83
N VAL B 533 -51.94 -7.37 8.63
CA VAL B 533 -52.93 -7.31 7.57
C VAL B 533 -54.14 -8.15 7.94
N ILE B 534 -53.89 -9.35 8.46
CA ILE B 534 -54.98 -10.24 8.85
C ILE B 534 -55.68 -9.72 10.10
N LEU B 535 -54.91 -9.10 11.00
CA LEU B 535 -55.47 -8.67 12.28
C LEU B 535 -56.36 -7.44 12.12
N SER B 536 -55.99 -6.53 11.21
CA SER B 536 -56.71 -5.27 11.08
C SER B 536 -58.09 -5.49 10.46
N VAL B 537 -58.19 -6.41 9.50
CA VAL B 537 -59.48 -6.69 8.88
C VAL B 537 -60.39 -7.43 9.85
N PHE B 538 -59.80 -8.24 10.73
CA PHE B 538 -60.60 -8.92 11.74
C PHE B 538 -61.08 -7.97 12.82
N LEU B 539 -60.46 -6.80 12.94
CA LEU B 539 -60.99 -5.77 13.83
C LEU B 539 -62.23 -5.12 13.23
N TYR B 540 -62.33 -5.13 11.89
CA TYR B 540 -63.52 -4.58 11.24
C TYR B 540 -64.71 -5.50 11.42
N LEU B 541 -64.47 -6.80 11.59
CA LEU B 541 -65.56 -7.74 11.86
C LEU B 541 -66.17 -7.51 13.23
N PHE B 542 -65.35 -7.23 14.22
CA PHE B 542 -65.83 -6.90 15.55
C PHE B 542 -65.96 -5.39 15.76
N ALA B 543 -65.75 -4.61 14.69
CA ALA B 543 -66.11 -3.19 14.57
C ALA B 543 -65.39 -2.28 15.56
N TYR B 544 -64.27 -2.72 16.14
CA TYR B 544 -63.47 -1.81 16.93
C TYR B 544 -62.75 -0.82 16.02
N LYS B 545 -62.70 0.44 16.45
CA LYS B 545 -62.43 1.55 15.54
C LYS B 545 -60.98 1.55 15.05
N GLU B 546 -60.09 0.89 15.78
CA GLU B 546 -58.67 0.88 15.45
C GLU B 546 -58.32 -0.01 14.25
N TYR B 547 -59.33 -0.50 13.51
CA TYR B 547 -59.08 -1.29 12.32
C TYR B 547 -58.43 -0.45 11.23
N LEU B 548 -58.76 0.84 11.18
CA LEU B 548 -58.16 1.71 10.17
C LEU B 548 -56.73 2.05 10.53
N ALA B 549 -56.46 2.26 11.82
CA ALA B 549 -55.11 2.64 12.25
C ALA B 549 -54.15 1.47 12.16
N CYS B 550 -54.63 0.26 12.42
CA CYS B 550 -53.78 -0.92 12.25
C CYS B 550 -53.56 -1.22 10.78
N LEU B 551 -54.47 -0.77 9.91
CA LEU B 551 -54.31 -1.01 8.48
C LEU B 551 -53.20 -0.15 7.91
N VAL B 552 -53.00 1.05 8.46
CA VAL B 552 -51.95 1.95 7.98
C VAL B 552 -50.57 1.41 8.35
N LEU B 553 -50.46 0.88 9.58
CA LEU B 553 -49.20 0.31 10.02
C LEU B 553 -48.85 -0.94 9.24
N ALA B 554 -49.86 -1.69 8.81
CA ALA B 554 -49.62 -2.86 7.98
C ALA B 554 -49.13 -2.46 6.59
N MET B 555 -49.70 -1.39 6.03
CA MET B 555 -49.26 -0.93 4.72
C MET B 555 -47.91 -0.24 4.81
N ALA B 556 -47.56 0.28 5.99
CA ALA B 556 -46.27 0.94 6.17
C ALA B 556 -45.14 -0.09 6.12
N LEU B 557 -45.31 -1.20 6.84
CA LEU B 557 -44.27 -2.22 6.88
C LEU B 557 -44.28 -3.07 5.61
N GLY B 558 -45.35 -2.96 4.82
CA GLY B 558 -45.37 -3.63 3.53
C GLY B 558 -44.37 -3.06 2.57
N TRP B 559 -44.07 -1.77 2.69
CA TRP B 559 -43.03 -1.18 1.87
C TRP B 559 -41.67 -1.37 2.51
N ALA B 560 -41.64 -1.62 3.82
CA ALA B 560 -40.40 -1.94 4.50
C ALA B 560 -39.87 -3.30 4.06
N ASN B 561 -40.76 -4.29 3.95
CA ASN B 561 -40.35 -5.57 3.38
C ASN B 561 -40.15 -5.47 1.88
N MET B 562 -40.72 -4.45 1.23
CA MET B 562 -40.42 -4.24 -0.18
C MET B 562 -38.99 -3.77 -0.35
N LEU B 563 -38.46 -3.05 0.64
CA LEU B 563 -37.05 -2.71 0.66
C LEU B 563 -36.21 -3.96 0.96
N ALA B 564 -36.83 -4.96 1.60
CA ALA B 564 -36.07 -6.13 2.01
C ALA B 564 -35.73 -7.04 0.82
N TYR B 565 -36.46 -6.94 -0.28
CA TYR B 565 -36.06 -7.69 -1.46
C TYR B 565 -34.96 -7.00 -2.25
N THR B 566 -34.59 -5.77 -1.89
CA THR B 566 -33.63 -5.02 -2.70
C THR B 566 -32.22 -5.58 -2.56
N ARG B 567 -31.95 -6.31 -1.47
CA ARG B 567 -30.66 -6.96 -1.32
C ARG B 567 -30.48 -8.09 -2.32
N GLY B 568 -31.59 -8.65 -2.82
CA GLY B 568 -31.52 -9.79 -3.71
C GLY B 568 -30.97 -9.50 -5.08
N PHE B 569 -30.78 -8.23 -5.43
CA PHE B 569 -30.04 -7.92 -6.65
C PHE B 569 -28.55 -8.14 -6.40
N GLN B 570 -27.80 -8.28 -7.49
CA GLN B 570 -26.38 -8.61 -7.40
C GLN B 570 -25.58 -7.49 -6.76
N SER B 571 -26.00 -6.24 -6.95
CA SER B 571 -25.20 -5.13 -6.47
C SER B 571 -25.93 -4.24 -5.48
N MET B 572 -27.12 -3.76 -5.87
CA MET B 572 -27.61 -2.49 -5.38
C MET B 572 -28.03 -2.48 -3.92
N GLY B 573 -28.60 -3.57 -3.42
CA GLY B 573 -29.01 -3.58 -2.03
C GLY B 573 -27.84 -3.87 -1.10
N MET B 574 -26.88 -4.65 -1.57
CA MET B 574 -26.00 -5.38 -0.67
C MET B 574 -24.94 -4.50 -0.03
N TYR B 575 -24.47 -3.45 -0.72
CA TYR B 575 -23.60 -2.50 -0.03
C TYR B 575 -24.38 -1.67 0.96
N SER B 576 -25.68 -1.51 0.72
CA SER B 576 -26.51 -0.71 1.61
C SER B 576 -27.04 -1.54 2.77
N VAL B 577 -27.52 -2.76 2.49
CA VAL B 577 -28.26 -3.53 3.48
C VAL B 577 -27.35 -3.98 4.62
N MET B 578 -26.14 -4.45 4.30
CA MET B 578 -25.22 -4.80 5.36
C MET B 578 -24.64 -3.57 6.04
N ILE B 579 -24.71 -2.40 5.40
CA ILE B 579 -24.25 -1.23 6.11
C ILE B 579 -25.43 -0.56 6.83
N GLN B 580 -26.68 -0.92 6.49
CA GLN B 580 -27.81 -0.64 7.39
C GLN B 580 -27.63 -1.31 8.74
N LYS B 581 -26.96 -2.47 8.77
CA LYS B 581 -26.52 -3.01 10.05
C LYS B 581 -25.53 -2.07 10.71
N VAL B 582 -24.65 -1.46 9.93
CA VAL B 582 -23.59 -0.63 10.48
C VAL B 582 -24.06 0.80 10.73
N ILE B 583 -24.80 1.40 9.79
CA ILE B 583 -25.13 2.81 9.92
C ILE B 583 -26.22 3.02 10.97
N LEU B 584 -27.02 1.99 11.26
CA LEU B 584 -27.95 2.10 12.38
C LEU B 584 -27.23 1.96 13.71
N HIS B 585 -26.06 1.34 13.69
CA HIS B 585 -25.29 1.22 14.92
C HIS B 585 -24.55 2.53 15.22
N ASP B 586 -23.91 3.10 14.20
CA ASP B 586 -22.95 4.18 14.43
C ASP B 586 -23.64 5.53 14.54
N VAL B 587 -24.75 5.69 13.85
CA VAL B 587 -25.41 7.00 13.87
C VAL B 587 -26.32 7.12 15.09
N LEU B 588 -26.92 6.01 15.51
CA LEU B 588 -27.80 6.03 16.68
C LEU B 588 -27.01 6.29 17.96
N LYS B 589 -25.79 5.75 18.05
CA LYS B 589 -24.95 6.04 19.20
C LYS B 589 -24.51 7.50 19.18
N PHE B 590 -24.36 8.07 17.99
CA PHE B 590 -24.18 9.51 17.89
C PHE B 590 -25.46 10.24 18.25
N LEU B 591 -26.61 9.69 17.83
CA LEU B 591 -27.88 10.34 18.13
C LEU B 591 -28.27 10.16 19.59
N PHE B 592 -27.86 9.06 20.22
CA PHE B 592 -28.09 8.91 21.66
C PHE B 592 -27.25 9.91 22.44
N VAL B 593 -26.07 10.26 21.91
CA VAL B 593 -25.35 11.40 22.43
C VAL B 593 -26.09 12.69 22.12
N TYR B 594 -26.53 12.86 20.86
CA TYR B 594 -27.01 14.15 20.39
C TYR B 594 -28.36 14.52 20.98
N ILE B 595 -29.25 13.53 21.14
CA ILE B 595 -30.52 13.80 21.81
C ILE B 595 -30.29 14.15 23.27
N LEU B 596 -29.32 13.49 23.91
CA LEU B 596 -28.92 13.90 25.25
C LEU B 596 -28.16 15.22 25.22
N PHE B 597 -27.45 15.47 24.12
CA PHE B 597 -26.82 16.78 23.94
C PHE B 597 -27.88 17.85 23.68
N LEU B 598 -29.01 17.44 23.10
CA LEU B 598 -30.11 18.37 22.86
C LEU B 598 -30.79 18.78 24.17
N LEU B 599 -31.11 17.80 25.02
CA LEU B 599 -31.96 18.08 26.17
C LEU B 599 -31.18 18.79 27.28
N GLY B 600 -29.86 18.75 27.23
CA GLY B 600 -29.07 19.52 28.19
C GLY B 600 -29.15 21.00 27.93
N PHE B 601 -29.04 21.40 26.65
CA PHE B 601 -29.22 22.81 26.29
C PHE B 601 -30.68 23.22 26.38
N GLY B 602 -31.59 22.26 26.25
CA GLY B 602 -33.01 22.60 26.22
C GLY B 602 -33.53 23.05 27.57
N VAL B 603 -33.05 22.44 28.65
CA VAL B 603 -33.49 22.85 29.98
C VAL B 603 -32.72 24.08 30.42
N ALA B 604 -31.57 24.34 29.80
CA ALA B 604 -30.78 25.51 30.15
C ALA B 604 -31.44 26.79 29.67
N LEU B 605 -31.90 26.80 28.42
CA LEU B 605 -32.55 28.00 27.88
C LEU B 605 -33.97 28.14 28.40
N ALA B 606 -34.58 27.02 28.84
CA ALA B 606 -35.89 27.10 29.47
C ALA B 606 -35.80 27.77 30.83
N SER B 607 -34.63 27.68 31.48
CA SER B 607 -34.39 28.44 32.69
C SER B 607 -34.18 29.92 32.42
N LEU B 608 -33.86 30.30 31.19
CA LEU B 608 -33.77 31.71 30.80
C LEU B 608 -35.18 32.25 30.58
N ILE B 609 -35.58 33.20 31.43
CA ILE B 609 -36.92 33.77 31.32
C ILE B 609 -36.84 35.19 30.77
N GLY B 623 -46.74 22.33 27.46
CA GLY B 623 -45.52 22.48 28.24
C GLY B 623 -44.51 23.42 27.60
N SER B 624 -44.02 24.37 28.40
CA SER B 624 -43.00 25.30 27.92
C SER B 624 -41.66 24.59 27.72
N PHE B 625 -41.43 23.51 28.48
CA PHE B 625 -40.23 22.71 28.30
C PHE B 625 -40.25 21.99 26.95
N SER B 626 -41.42 21.48 26.56
CA SER B 626 -41.54 20.84 25.26
C SER B 626 -41.45 21.86 24.13
N ASP B 627 -41.92 23.09 24.40
CA ASP B 627 -41.78 24.16 23.42
C ASP B 627 -40.32 24.57 23.25
N ALA B 628 -39.54 24.49 24.33
CA ALA B 628 -38.12 24.84 24.25
C ALA B 628 -37.35 23.82 23.43
N VAL B 629 -37.82 22.56 23.42
CA VAL B 629 -37.25 21.55 22.53
C VAL B 629 -37.56 21.90 21.08
N LEU B 630 -38.79 22.35 20.83
CA LEU B 630 -39.21 22.69 19.47
C LEU B 630 -38.53 23.96 18.99
N GLU B 631 -38.24 24.89 19.91
CA GLU B 631 -37.50 26.09 19.55
C GLU B 631 -36.06 25.77 19.17
N LEU B 632 -35.44 24.87 19.91
CA LEU B 632 -34.02 24.59 19.70
C LEU B 632 -33.82 23.66 18.49
N PHE B 633 -34.86 22.90 18.15
CA PHE B 633 -34.79 22.08 16.95
C PHE B 633 -34.90 22.93 15.69
N LYS B 634 -35.51 24.13 15.82
CA LYS B 634 -35.53 25.08 14.72
C LYS B 634 -34.14 25.63 14.43
N LEU B 635 -33.28 25.66 15.44
CA LEU B 635 -31.92 26.15 15.26
C LEU B 635 -31.10 25.19 14.40
N THR B 636 -31.38 23.89 14.51
CA THR B 636 -30.81 22.91 13.58
C THR B 636 -31.32 23.14 12.18
N ILE B 637 -32.60 23.51 12.05
CA ILE B 637 -33.15 23.89 10.77
C ILE B 637 -32.66 25.26 10.33
N GLY B 638 -32.50 26.20 11.26
CA GLY B 638 -32.19 27.58 10.94
C GLY B 638 -33.38 28.50 10.98
N LEU B 639 -34.48 28.08 11.63
CA LEU B 639 -35.71 28.87 11.59
C LEU B 639 -35.71 29.96 12.66
N GLY B 640 -34.99 29.73 13.76
CA GLY B 640 -34.87 30.76 14.78
C GLY B 640 -33.98 31.90 14.32
N ASP B 641 -34.33 33.11 14.75
CA ASP B 641 -33.69 34.32 14.25
C ASP B 641 -33.47 35.30 15.39
N LEU B 642 -33.23 36.56 15.01
CA LEU B 642 -32.74 37.55 15.96
C LEU B 642 -33.84 38.04 16.91
N ASN B 643 -35.09 38.05 16.45
CA ASN B 643 -36.16 38.62 17.26
C ASN B 643 -36.56 37.70 18.40
N ILE B 644 -36.38 36.39 18.23
CA ILE B 644 -36.68 35.47 19.33
C ILE B 644 -35.54 35.48 20.35
N GLN B 645 -34.38 36.01 19.97
CA GLN B 645 -33.27 36.12 20.90
C GLN B 645 -33.48 37.19 21.96
N GLN B 646 -34.40 38.12 21.75
CA GLN B 646 -34.61 39.25 22.65
C GLN B 646 -35.31 38.74 23.91
N ASN B 647 -34.47 38.25 24.84
CA ASN B 647 -34.96 37.56 26.03
C ASN B 647 -35.43 38.58 27.07
N SER B 648 -36.05 38.08 28.13
CA SER B 648 -36.50 38.94 29.21
C SER B 648 -35.45 39.06 30.31
N THR B 649 -34.75 37.96 30.61
CA THR B 649 -33.72 37.94 31.64
C THR B 649 -32.37 37.58 31.03
N TYR B 650 -31.36 38.40 31.35
CA TYR B 650 -29.95 38.21 31.01
C TYR B 650 -29.72 38.00 29.51
N PRO B 651 -29.79 39.06 28.70
CA PRO B 651 -29.54 38.89 27.26
C PRO B 651 -28.11 38.51 26.93
N ILE B 652 -27.16 38.88 27.80
CA ILE B 652 -25.76 38.51 27.59
C ILE B 652 -25.55 37.02 27.85
N LEU B 653 -26.32 36.46 28.79
CA LEU B 653 -26.19 35.04 29.08
C LEU B 653 -26.96 34.20 28.08
N PHE B 654 -28.06 34.74 27.56
CA PHE B 654 -28.82 34.02 26.54
C PHE B 654 -28.08 34.04 25.20
N LEU B 655 -27.26 35.06 24.98
CA LEU B 655 -26.47 35.13 23.75
C LEU B 655 -25.34 34.10 23.77
N PHE B 656 -24.89 33.72 24.96
CA PHE B 656 -23.78 32.77 25.05
C PHE B 656 -24.25 31.35 24.80
N LEU B 657 -25.39 30.97 25.38
CA LEU B 657 -25.82 29.57 25.35
C LEU B 657 -26.32 29.16 23.97
N LEU B 658 -26.70 30.13 23.14
CA LEU B 658 -27.07 29.84 21.76
C LEU B 658 -25.84 29.48 20.94
N ILE B 659 -24.83 30.36 20.95
CA ILE B 659 -23.70 30.23 20.02
C ILE B 659 -22.80 29.07 20.42
N THR B 660 -22.83 28.67 21.70
CA THR B 660 -22.09 27.49 22.11
C THR B 660 -22.76 26.22 21.60
N TYR B 661 -24.09 26.25 21.49
CA TYR B 661 -24.79 25.08 20.96
C TYR B 661 -24.64 24.99 19.44
N VAL B 662 -24.53 26.14 18.77
CA VAL B 662 -24.42 26.16 17.32
C VAL B 662 -23.09 25.56 16.88
N ILE B 663 -22.00 26.00 17.51
CA ILE B 663 -20.66 25.58 17.12
C ILE B 663 -20.44 24.11 17.47
N LEU B 664 -20.86 23.71 18.66
CA LEU B 664 -20.65 22.33 19.11
C LEU B 664 -21.47 21.34 18.29
N THR B 665 -22.63 21.77 17.80
CA THR B 665 -23.38 20.93 16.87
C THR B 665 -22.63 20.80 15.55
N PHE B 666 -22.01 21.89 15.11
CA PHE B 666 -21.17 21.85 13.91
C PHE B 666 -19.89 21.06 14.18
N VAL B 667 -19.49 20.96 15.45
CA VAL B 667 -18.38 20.08 15.80
C VAL B 667 -18.82 18.63 15.72
N LEU B 668 -19.93 18.29 16.39
CA LEU B 668 -20.32 16.89 16.53
C LEU B 668 -20.81 16.30 15.23
N LEU B 669 -21.60 17.05 14.45
CA LEU B 669 -22.14 16.53 13.21
C LEU B 669 -21.05 16.37 12.17
N LEU B 670 -20.01 17.20 12.25
CA LEU B 670 -18.85 16.97 11.39
C LEU B 670 -18.04 15.78 11.88
N ASN B 671 -18.08 15.50 13.19
CA ASN B 671 -17.22 14.46 13.75
C ASN B 671 -17.71 13.07 13.36
N MET B 672 -19.03 12.84 13.44
CA MET B 672 -19.57 11.55 13.04
C MET B 672 -19.47 11.37 11.53
N LEU B 673 -19.44 12.48 10.79
CA LEU B 673 -19.21 12.44 9.36
C LEU B 673 -17.80 11.95 9.06
N ILE B 674 -16.81 12.41 9.82
CA ILE B 674 -15.43 11.98 9.58
C ILE B 674 -15.21 10.56 10.07
N ALA B 675 -15.72 10.25 11.26
CA ALA B 675 -15.38 9.00 11.92
C ALA B 675 -16.04 7.81 11.24
N LEU B 676 -17.14 8.05 10.53
CA LEU B 676 -17.78 6.96 9.81
C LEU B 676 -16.96 6.57 8.59
N MET B 677 -16.30 7.54 7.95
CA MET B 677 -15.54 7.26 6.75
C MET B 677 -14.26 6.49 7.08
N GLY B 678 -13.57 6.90 8.14
CA GLY B 678 -12.29 6.28 8.46
C GLY B 678 -12.45 4.88 9.02
N GLU B 679 -13.61 4.59 9.61
CA GLU B 679 -13.80 3.27 10.21
C GLU B 679 -14.39 2.30 9.19
N THR B 680 -15.42 2.73 8.46
CA THR B 680 -16.13 1.80 7.58
C THR B 680 -15.44 1.60 6.23
N VAL B 681 -14.26 2.17 6.02
CA VAL B 681 -13.56 1.96 4.76
C VAL B 681 -12.91 0.58 4.76
N GLU B 682 -13.13 -0.16 3.67
CA GLU B 682 -12.39 -1.35 3.24
C GLU B 682 -12.64 -2.57 4.12
N ASN B 683 -13.32 -2.41 5.25
CA ASN B 683 -13.66 -3.54 6.10
C ASN B 683 -15.14 -3.88 5.96
N VAL B 684 -16.01 -2.89 6.12
CA VAL B 684 -17.42 -3.05 5.82
C VAL B 684 -17.62 -3.13 4.31
N SER B 685 -16.71 -2.50 3.56
CA SER B 685 -16.77 -2.51 2.10
C SER B 685 -16.53 -3.91 1.54
N LYS B 686 -15.71 -4.71 2.21
CA LYS B 686 -15.53 -6.09 1.77
C LYS B 686 -16.56 -7.02 2.40
N GLU B 687 -17.00 -6.72 3.62
CA GLU B 687 -17.91 -7.63 4.31
C GLU B 687 -19.31 -7.57 3.69
N SER B 688 -19.58 -6.53 2.90
CA SER B 688 -20.84 -6.41 2.18
C SER B 688 -21.03 -7.56 1.19
N GLU B 689 -20.05 -7.79 0.32
CA GLU B 689 -20.24 -8.84 -0.68
C GLU B 689 -20.02 -10.23 -0.09
N ARG B 690 -19.41 -10.31 1.10
CA ARG B 690 -19.39 -11.57 1.84
C ARG B 690 -20.80 -12.07 2.13
N ILE B 691 -21.64 -11.20 2.68
CA ILE B 691 -22.99 -11.63 3.07
C ILE B 691 -23.85 -11.76 1.83
N TRP B 692 -23.51 -11.02 0.79
CA TRP B 692 -24.13 -11.19 -0.52
C TRP B 692 -23.88 -12.59 -1.06
N ARG B 693 -22.68 -13.11 -0.85
CA ARG B 693 -22.44 -14.51 -1.20
C ARG B 693 -23.17 -15.43 -0.23
N LEU B 694 -23.49 -14.95 0.96
CA LEU B 694 -24.20 -15.78 1.91
C LEU B 694 -25.70 -15.76 1.65
N GLN B 695 -26.32 -14.59 1.76
CA GLN B 695 -27.78 -14.52 1.81
C GLN B 695 -28.42 -14.87 0.48
N ARG B 696 -27.69 -14.70 -0.62
CA ARG B 696 -28.15 -15.30 -1.87
C ARG B 696 -28.14 -16.81 -1.76
N ALA B 697 -26.99 -17.37 -1.39
CA ALA B 697 -26.84 -18.82 -1.33
C ALA B 697 -27.63 -19.41 -0.18
N ARG B 698 -27.92 -18.60 0.83
CA ARG B 698 -28.88 -19.00 1.86
C ARG B 698 -30.24 -19.26 1.25
N THR B 699 -30.74 -18.31 0.47
CA THR B 699 -32.09 -18.41 -0.06
C THR B 699 -32.20 -19.45 -1.16
N ILE B 700 -31.10 -19.73 -1.86
CA ILE B 700 -31.11 -20.67 -2.98
C ILE B 700 -31.48 -22.06 -2.49
N LEU B 701 -30.84 -22.50 -1.41
CA LEU B 701 -31.21 -23.79 -0.84
C LEU B 701 -32.55 -23.69 -0.12
N GLU B 702 -32.90 -22.49 0.34
CA GLU B 702 -34.22 -22.29 0.91
C GLU B 702 -35.30 -22.39 -0.15
N PHE B 703 -34.99 -21.99 -1.39
CA PHE B 703 -35.93 -22.26 -2.47
C PHE B 703 -35.93 -23.74 -2.85
N GLU B 704 -34.83 -24.43 -2.59
CA GLU B 704 -34.67 -25.80 -3.07
C GLU B 704 -35.63 -26.74 -2.36
N LYS B 705 -35.83 -26.54 -1.06
CA LYS B 705 -36.76 -27.39 -0.32
C LYS B 705 -38.21 -27.05 -0.66
N MET B 706 -38.44 -25.89 -1.26
CA MET B 706 -39.80 -25.49 -1.59
C MET B 706 -40.29 -26.20 -2.85
N LEU B 707 -39.37 -26.64 -3.69
CA LEU B 707 -39.71 -27.38 -4.91
C LEU B 707 -40.24 -28.76 -4.57
N PRO B 708 -41.11 -29.34 -5.39
CA PRO B 708 -41.53 -30.72 -5.17
C PRO B 708 -40.45 -31.70 -5.62
N GLU B 709 -40.63 -32.94 -5.18
CA GLU B 709 -39.61 -33.96 -5.41
C GLU B 709 -39.57 -34.40 -6.86
N TRP B 710 -40.75 -34.53 -7.49
CA TRP B 710 -40.80 -35.02 -8.86
C TRP B 710 -40.23 -34.00 -9.83
N LEU B 711 -40.37 -32.71 -9.53
CA LEU B 711 -39.78 -31.70 -10.40
C LEU B 711 -38.30 -31.56 -10.12
N ARG B 712 -37.90 -31.77 -8.87
CA ARG B 712 -36.49 -31.90 -8.54
C ARG B 712 -35.86 -33.07 -9.26
N SER B 713 -36.63 -34.15 -9.45
CA SER B 713 -36.10 -35.37 -10.05
C SER B 713 -35.76 -35.16 -11.53
N ARG B 714 -36.41 -34.20 -12.18
CA ARG B 714 -36.03 -33.85 -13.54
C ARG B 714 -34.69 -33.14 -13.48
N PHE B 715 -34.60 -32.11 -12.65
CA PHE B 715 -33.40 -31.30 -12.59
C PHE B 715 -32.36 -31.91 -11.67
N ARG B 716 -31.56 -32.82 -12.20
CA ARG B 716 -30.44 -33.37 -11.45
C ARG B 716 -29.16 -33.00 -12.18
N MET B 717 -28.32 -32.22 -11.53
CA MET B 717 -27.08 -31.81 -12.15
C MET B 717 -26.11 -32.98 -12.16
N GLY B 718 -25.16 -32.91 -13.07
CA GLY B 718 -24.22 -34.01 -13.23
C GLY B 718 -24.82 -35.19 -13.95
N GLU B 719 -24.03 -36.27 -14.02
CA GLU B 719 -24.43 -37.43 -14.80
C GLU B 719 -23.77 -38.68 -14.25
N LEU B 720 -24.45 -39.80 -14.44
CA LEU B 720 -23.94 -41.09 -14.00
C LEU B 720 -22.81 -41.54 -14.93
N CYS B 721 -21.62 -41.71 -14.34
CA CYS B 721 -20.46 -42.09 -15.13
C CYS B 721 -19.71 -43.19 -14.42
N LYS B 722 -18.88 -43.90 -15.18
CA LYS B 722 -18.12 -45.05 -14.70
C LYS B 722 -16.65 -44.66 -14.63
N VAL B 723 -16.10 -44.58 -13.43
CA VAL B 723 -14.70 -44.22 -13.29
C VAL B 723 -13.83 -45.45 -13.09
N ALA B 724 -14.43 -46.55 -12.66
CA ALA B 724 -13.64 -47.73 -12.36
C ALA B 724 -14.52 -48.97 -12.49
N ASP B 725 -13.91 -50.13 -12.28
CA ASP B 725 -14.63 -51.38 -12.38
C ASP B 725 -15.64 -51.51 -11.25
N GLU B 726 -16.87 -51.89 -11.63
CA GLU B 726 -18.00 -52.06 -10.72
C GLU B 726 -18.31 -50.79 -9.94
N ASP B 727 -18.11 -49.63 -10.55
CA ASP B 727 -18.42 -48.37 -9.90
C ASP B 727 -19.12 -47.45 -10.88
N PHE B 728 -20.15 -46.76 -10.40
CA PHE B 728 -20.91 -45.83 -11.21
C PHE B 728 -21.32 -44.67 -10.32
N ARG B 729 -20.94 -43.45 -10.73
CA ARG B 729 -21.11 -42.30 -9.86
C ARG B 729 -21.66 -41.12 -10.64
N LEU B 730 -22.44 -40.31 -9.94
CA LEU B 730 -22.87 -39.02 -10.46
C LEU B 730 -21.76 -38.01 -10.19
N CYS B 731 -21.28 -37.37 -11.24
CA CYS B 731 -20.15 -36.45 -11.11
C CYS B 731 -20.40 -35.23 -11.98
N LEU B 732 -19.71 -34.14 -11.64
CA LEU B 732 -19.87 -32.87 -12.31
C LEU B 732 -18.67 -32.58 -13.19
N ARG B 733 -18.94 -32.21 -14.43
CA ARG B 733 -17.89 -31.97 -15.43
C ARG B 733 -17.58 -30.48 -15.50
N ILE B 734 -16.30 -30.15 -15.41
CA ILE B 734 -15.82 -28.78 -15.54
C ILE B 734 -14.61 -28.77 -16.46
N ASN B 735 -14.65 -27.93 -17.49
CA ASN B 735 -13.55 -27.75 -18.41
C ASN B 735 -12.67 -26.62 -17.92
N GLU B 736 -11.37 -26.74 -18.15
CA GLU B 736 -10.43 -25.71 -17.77
C GLU B 736 -9.19 -25.78 -18.66
N VAL B 737 -8.40 -24.71 -18.60
CA VAL B 737 -7.22 -24.54 -19.44
C VAL B 737 -6.05 -24.14 -18.56
N LYS B 738 -4.94 -24.89 -18.65
CA LYS B 738 -3.69 -24.52 -18.02
C LYS B 738 -2.62 -24.37 -19.08
N TRP B 739 -1.62 -23.55 -18.80
CA TRP B 739 -0.51 -23.34 -19.72
C TRP B 739 0.86 -23.50 -19.09
N THR B 740 0.99 -23.23 -17.79
CA THR B 740 2.29 -22.94 -17.21
C THR B 740 3.14 -24.20 -17.12
N GLU B 741 2.71 -25.17 -16.34
CA GLU B 741 3.41 -26.43 -16.25
C GLU B 741 3.01 -27.27 -17.43
N TRP B 742 3.80 -28.29 -17.71
CA TRP B 742 3.60 -29.15 -18.87
C TRP B 742 3.93 -30.57 -18.48
N LYS B 743 2.97 -31.47 -18.65
CA LYS B 743 3.20 -32.89 -18.35
C LYS B 743 2.49 -33.74 -19.38
N THR B 744 3.12 -34.85 -19.74
CA THR B 744 2.43 -35.84 -20.53
C THR B 744 1.38 -36.53 -19.68
N HIS B 745 0.33 -37.03 -20.32
CA HIS B 745 -0.82 -37.51 -19.57
C HIS B 745 -0.89 -39.02 -19.61
N VAL B 746 -1.13 -39.62 -18.45
CA VAL B 746 -1.23 -41.07 -18.35
C VAL B 746 -2.55 -41.52 -17.75
N SER B 747 -3.27 -40.69 -17.03
CA SER B 747 -4.52 -41.07 -16.40
C SER B 747 -5.67 -40.50 -17.23
N PHE B 748 -6.58 -41.37 -17.63
CA PHE B 748 -7.62 -41.02 -18.58
C PHE B 748 -8.94 -41.64 -18.15
N LEU B 749 -10.01 -40.87 -18.28
CA LEU B 749 -11.32 -41.50 -18.28
C LEU B 749 -11.63 -42.05 -19.67
N ASN B 750 -11.21 -41.33 -20.71
CA ASN B 750 -11.46 -41.73 -22.08
C ASN B 750 -10.22 -41.47 -22.91
N GLU B 751 -10.18 -42.10 -24.09
CA GLU B 751 -9.13 -41.78 -25.05
C GLU B 751 -9.52 -40.58 -25.89
N ASP B 752 -10.79 -40.47 -26.24
CA ASP B 752 -11.23 -39.43 -27.14
C ASP B 752 -11.57 -38.17 -26.36
N PRO B 753 -10.98 -37.02 -26.71
CA PRO B 753 -11.20 -35.81 -25.89
C PRO B 753 -12.61 -35.28 -25.95
N GLY B 754 -13.15 -35.07 -27.14
CA GLY B 754 -14.35 -34.26 -27.31
C GLY B 754 -15.63 -34.89 -26.78
N PRO B 755 -16.65 -34.06 -26.61
CA PRO B 755 -17.97 -34.59 -26.24
C PRO B 755 -18.56 -35.42 -27.37
N ILE B 756 -19.06 -36.60 -27.04
CA ILE B 756 -19.67 -37.46 -28.03
C ILE B 756 -21.18 -37.29 -28.00
N LYS C 115 65.91 23.26 24.47
CA LYS C 115 66.96 22.25 24.65
C LYS C 115 66.38 20.96 25.20
N LYS C 116 66.45 20.81 26.52
CA LYS C 116 65.90 19.61 27.15
C LYS C 116 64.39 19.66 27.22
N LYS C 117 63.79 20.85 27.18
CA LYS C 117 62.33 20.93 27.08
C LYS C 117 61.87 20.63 25.66
N ARG C 118 62.71 20.94 24.67
CA ARG C 118 62.51 20.46 23.31
C ARG C 118 62.60 18.95 23.25
N LEU C 119 63.47 18.36 24.08
CA LEU C 119 63.67 16.92 24.10
C LEU C 119 62.41 16.21 24.56
N LYS C 120 61.67 16.83 25.48
CA LYS C 120 60.39 16.28 25.92
C LYS C 120 59.37 16.28 24.78
N LYS C 121 59.30 17.37 24.04
CA LYS C 121 58.33 17.46 22.95
C LYS C 121 58.73 16.58 21.78
N ARG C 122 60.05 16.37 21.60
CA ARG C 122 60.51 15.45 20.56
C ARG C 122 60.08 14.03 20.85
N ILE C 123 60.05 13.67 22.14
CA ILE C 123 59.50 12.39 22.54
C ILE C 123 58.02 12.32 22.22
N PHE C 124 57.29 13.40 22.53
CA PHE C 124 55.86 13.47 22.23
C PHE C 124 55.60 13.41 20.72
N ALA C 125 56.51 13.98 19.94
CA ALA C 125 56.45 13.77 18.50
C ALA C 125 56.78 12.33 18.15
N ALA C 126 57.78 11.76 18.82
CA ALA C 126 58.11 10.35 18.60
C ALA C 126 57.01 9.45 19.12
N VAL C 127 56.29 9.90 20.15
CA VAL C 127 55.04 9.26 20.52
C VAL C 127 54.04 9.33 19.39
N SER C 128 53.95 10.47 18.73
CA SER C 128 52.94 10.70 17.71
C SER C 128 53.23 9.98 16.41
N GLU C 129 54.40 9.36 16.28
CA GLU C 129 54.80 8.70 15.04
C GLU C 129 55.26 7.29 15.35
N GLY C 130 55.53 6.54 14.29
CA GLY C 130 56.08 5.21 14.39
C GLY C 130 57.59 5.12 14.27
N CYS C 131 58.32 6.21 14.50
CA CYS C 131 59.77 6.21 14.37
C CYS C 131 60.39 5.40 15.51
N VAL C 132 60.66 4.13 15.23
CA VAL C 132 61.07 3.19 16.28
C VAL C 132 62.47 3.54 16.79
N GLU C 133 63.40 3.75 15.87
CA GLU C 133 64.78 3.98 16.24
C GLU C 133 64.94 5.33 16.93
N GLU C 134 64.20 6.32 16.46
CA GLU C 134 64.25 7.65 17.07
C GLU C 134 63.67 7.62 18.48
N LEU C 135 62.67 6.77 18.70
CA LEU C 135 62.09 6.65 20.03
C LEU C 135 63.06 5.99 20.99
N ARG C 136 63.87 5.07 20.49
CA ARG C 136 64.74 4.28 21.37
C ARG C 136 65.91 5.12 21.87
N GLU C 137 66.54 5.87 20.98
CA GLU C 137 67.75 6.59 21.35
C GLU C 137 67.46 7.76 22.27
N LEU C 138 66.23 8.31 22.20
CA LEU C 138 65.85 9.36 23.14
C LEU C 138 65.71 8.79 24.54
N LEU C 139 65.25 7.55 24.64
CA LEU C 139 65.18 6.90 25.94
C LEU C 139 66.58 6.63 26.48
N GLN C 140 67.52 6.33 25.57
CA GLN C 140 68.92 6.22 25.96
C GLN C 140 69.44 7.56 26.45
N ASP C 141 69.00 8.64 25.82
CA ASP C 141 69.35 9.98 26.29
C ASP C 141 68.68 10.27 27.63
N LEU C 142 67.43 9.81 27.79
CA LEU C 142 66.72 10.08 29.02
C LEU C 142 67.24 9.21 30.15
N GLN C 143 67.76 8.03 29.80
CA GLN C 143 68.42 7.19 30.80
C GLN C 143 69.69 7.86 31.32
N ASP C 144 70.39 8.58 30.45
CA ASP C 144 71.59 9.27 30.87
C ASP C 144 71.25 10.48 31.73
N LEU C 145 70.08 11.08 31.50
CA LEU C 145 69.60 12.14 32.36
C LEU C 145 69.28 11.63 33.75
N CYS C 146 68.75 10.41 33.85
CA CYS C 146 68.47 9.83 35.15
C CYS C 146 69.76 9.47 35.87
N ARG C 147 70.81 9.17 35.12
CA ARG C 147 72.10 8.90 35.73
C ARG C 147 72.71 10.16 36.32
N ARG C 148 72.58 11.28 35.60
CA ARG C 148 73.17 12.53 36.07
C ARG C 148 72.40 13.16 37.22
N ARG C 149 71.14 12.76 37.44
CA ARG C 149 70.37 13.27 38.56
C ARG C 149 70.49 12.33 39.75
N ARG C 150 71.58 12.48 40.53
CA ARG C 150 71.83 11.55 41.62
C ARG C 150 70.98 11.89 42.84
N GLY C 151 70.81 13.19 43.11
CA GLY C 151 70.18 13.59 44.35
C GLY C 151 68.68 13.37 44.37
N LEU C 152 68.06 13.32 43.20
CA LEU C 152 66.61 13.16 43.15
C LEU C 152 66.20 11.72 43.39
N ASP C 153 66.98 10.76 42.87
CA ASP C 153 66.74 9.34 42.71
C ASP C 153 65.58 9.07 41.76
N VAL C 154 65.28 10.01 40.85
CA VAL C 154 64.22 10.07 39.83
C VAL C 154 62.87 9.40 40.13
N PRO C 155 62.17 9.70 41.25
CA PRO C 155 60.79 9.23 41.35
C PRO C 155 59.89 10.02 40.42
N ASP C 156 59.97 11.33 40.55
CA ASP C 156 59.04 12.23 39.87
C ASP C 156 59.70 12.92 38.68
N PHE C 157 61.04 12.91 38.64
CA PHE C 157 61.74 13.41 37.47
C PHE C 157 61.43 12.56 36.25
N LEU C 158 61.28 11.25 36.46
CA LEU C 158 60.73 10.40 35.42
C LEU C 158 59.29 10.79 35.11
N MET C 159 58.52 11.12 36.16
CA MET C 159 57.12 11.49 35.97
C MET C 159 57.00 12.86 35.30
N HIS C 160 57.87 13.80 35.68
CA HIS C 160 57.77 15.15 35.15
C HIS C 160 58.14 15.22 33.69
N LYS C 161 59.07 14.37 33.26
CA LYS C 161 59.51 14.43 31.87
C LYS C 161 58.59 13.65 30.95
N LEU C 162 57.81 12.72 31.49
CA LEU C 162 56.93 11.91 30.65
C LEU C 162 55.49 12.41 30.64
N THR C 163 55.21 13.53 31.29
CA THR C 163 53.84 13.96 31.49
C THR C 163 53.75 15.48 31.49
N ALA C 164 52.85 16.00 30.66
CA ALA C 164 52.47 17.40 30.68
C ALA C 164 51.69 17.65 31.97
N SER C 165 52.18 18.56 32.80
CA SER C 165 51.66 18.72 34.15
C SER C 165 50.27 19.33 34.16
N ASP C 166 49.90 20.03 33.09
CA ASP C 166 48.59 20.66 33.04
C ASP C 166 47.48 19.64 32.84
N THR C 167 47.74 18.63 32.02
CA THR C 167 46.69 17.71 31.61
C THR C 167 46.85 16.31 32.19
N GLY C 168 48.04 15.95 32.67
CA GLY C 168 48.23 14.60 33.16
C GLY C 168 48.39 13.54 32.09
N LYS C 169 48.47 13.93 30.82
CA LYS C 169 48.62 12.95 29.75
C LYS C 169 50.04 12.42 29.73
N THR C 170 50.19 11.12 29.54
CA THR C 170 51.51 10.52 29.48
C THR C 170 51.85 10.10 28.06
N CYS C 171 53.06 9.57 27.92
CA CYS C 171 53.52 9.08 26.63
C CYS C 171 52.72 7.86 26.19
N LEU C 172 52.43 6.97 27.12
CA LEU C 172 51.63 5.80 26.81
C LEU C 172 50.20 6.21 26.49
N MET C 173 49.72 7.28 27.11
CA MET C 173 48.38 7.77 26.82
C MET C 173 48.29 8.30 25.40
N LYS C 174 49.21 9.18 25.01
CA LYS C 174 49.10 9.85 23.72
C LYS C 174 49.41 8.87 22.58
N ALA C 175 50.23 7.86 22.85
CA ALA C 175 50.50 6.86 21.84
C ALA C 175 49.26 6.02 21.58
N LEU C 176 48.45 5.80 22.62
CA LEU C 176 47.22 5.06 22.43
C LEU C 176 46.15 5.92 21.78
N LEU C 177 46.35 7.23 21.75
CA LEU C 177 45.46 8.08 20.98
C LEU C 177 45.67 7.90 19.49
N ASN C 178 46.92 7.87 19.06
CA ASN C 178 47.27 7.88 17.64
C ASN C 178 47.68 6.46 17.27
N ILE C 179 46.78 5.74 16.61
CA ILE C 179 47.06 4.36 16.29
C ILE C 179 47.67 4.25 14.90
N ASN C 180 48.85 3.66 14.84
CA ASN C 180 49.53 3.38 13.59
C ASN C 180 49.84 1.89 13.58
N PRO C 181 50.25 1.27 12.47
CA PRO C 181 50.57 -0.16 12.54
C PRO C 181 51.87 -0.47 13.29
N ASN C 182 52.62 0.55 13.72
CA ASN C 182 53.81 0.34 14.52
C ASN C 182 53.54 0.55 16.00
N THR C 183 52.27 0.56 16.41
CA THR C 183 51.91 0.94 17.76
C THR C 183 52.31 -0.13 18.77
N LYS C 184 52.27 -1.40 18.36
CA LYS C 184 52.56 -2.51 19.26
C LYS C 184 54.01 -2.46 19.71
N GLU C 185 54.91 -2.04 18.81
CA GLU C 185 56.30 -1.91 19.16
C GLU C 185 56.52 -0.76 20.11
N ILE C 186 55.68 0.28 20.02
CA ILE C 186 55.79 1.41 20.93
C ILE C 186 55.42 0.98 22.34
N VAL C 187 54.44 0.10 22.45
CA VAL C 187 53.96 -0.37 23.74
C VAL C 187 55.03 -1.20 24.43
N ARG C 188 55.66 -2.11 23.70
CA ARG C 188 56.59 -3.05 24.31
C ARG C 188 57.88 -2.37 24.71
N ILE C 189 58.16 -1.20 24.12
CA ILE C 189 59.36 -0.45 24.50
C ILE C 189 59.06 0.43 25.70
N LEU C 190 57.87 1.04 25.74
CA LEU C 190 57.49 1.85 26.88
C LEU C 190 57.38 1.03 28.16
N LEU C 191 56.89 -0.19 28.05
CA LEU C 191 56.83 -1.05 29.22
C LEU C 191 58.22 -1.56 29.59
N ALA C 192 59.09 -1.74 28.59
CA ALA C 192 60.46 -2.14 28.87
C ALA C 192 61.22 -1.01 29.52
N PHE C 193 60.86 0.23 29.21
CA PHE C 193 61.61 1.36 29.75
C PHE C 193 61.28 1.58 31.22
N ALA C 194 60.03 1.33 31.62
CA ALA C 194 59.63 1.62 32.98
C ALA C 194 60.08 0.53 33.95
N GLU C 195 60.38 -0.66 33.43
CA GLU C 195 60.56 -1.79 34.34
C GLU C 195 61.97 -1.81 34.93
N GLU C 196 62.96 -1.24 34.23
CA GLU C 196 64.22 -0.99 34.92
C GLU C 196 64.07 0.18 35.86
N ASN C 197 63.18 1.09 35.51
CA ASN C 197 62.94 2.29 36.29
C ASN C 197 61.96 2.06 37.43
N ASP C 198 61.33 0.88 37.45
CA ASP C 198 60.57 0.35 38.59
C ASP C 198 59.37 1.22 38.97
N ILE C 199 58.84 1.98 38.02
CA ILE C 199 57.79 2.96 38.33
C ILE C 199 56.57 2.69 37.46
N LEU C 200 56.44 1.45 36.98
CA LEU C 200 55.41 1.12 36.01
C LEU C 200 54.02 1.23 36.61
N ASP C 201 53.89 0.92 37.91
CA ASP C 201 52.62 1.08 38.59
C ASP C 201 52.23 2.55 38.65
N ARG C 202 53.20 3.43 38.91
CA ARG C 202 52.95 4.85 38.78
C ARG C 202 52.70 5.21 37.33
N PHE C 203 53.37 4.51 36.41
CA PHE C 203 53.29 4.87 35.00
C PHE C 203 51.97 4.44 34.39
N ILE C 204 51.58 3.19 34.61
CA ILE C 204 50.40 2.66 33.93
C ILE C 204 49.13 3.19 34.56
N ASN C 205 49.11 3.29 35.88
CA ASN C 205 47.91 3.73 36.59
C ASN C 205 47.86 5.24 36.76
N ALA C 206 48.54 5.98 35.88
CA ALA C 206 48.40 7.42 35.85
C ALA C 206 47.03 7.81 35.34
N GLU C 207 46.63 9.03 35.64
CA GLU C 207 45.27 9.47 35.38
C GLU C 207 45.25 10.96 35.06
N TYR C 208 44.12 11.42 34.55
CA TYR C 208 43.98 12.83 34.20
C TYR C 208 43.71 13.67 35.43
N THR C 209 44.27 14.88 35.42
CA THR C 209 44.21 15.79 36.56
C THR C 209 43.20 16.90 36.39
N GLU C 210 42.87 17.28 35.16
CA GLU C 210 41.85 18.30 34.94
C GLU C 210 40.47 17.73 35.26
N GLU C 211 39.52 18.64 35.51
CA GLU C 211 38.21 18.21 35.98
C GLU C 211 37.41 17.56 34.87
N ALA C 212 37.59 18.01 33.64
CA ALA C 212 37.09 17.24 32.52
C ALA C 212 37.98 16.02 32.32
N TYR C 213 37.40 14.98 31.72
CA TYR C 213 38.09 13.71 31.41
C TYR C 213 38.69 13.06 32.65
N GLU C 214 38.09 13.30 33.82
CA GLU C 214 38.82 13.23 35.07
C GLU C 214 39.19 11.80 35.44
N GLY C 215 40.49 11.52 35.40
CA GLY C 215 40.99 10.20 35.73
C GLY C 215 40.64 9.17 34.68
N GLN C 216 41.24 9.26 33.49
CA GLN C 216 40.75 8.40 32.41
C GLN C 216 41.51 7.09 32.35
N THR C 217 42.82 7.09 32.66
CA THR C 217 43.64 5.87 32.83
C THR C 217 43.65 4.97 31.60
N ALA C 218 44.50 5.29 30.62
CA ALA C 218 44.31 4.98 29.20
C ALA C 218 44.24 3.49 28.87
N LEU C 219 44.22 2.60 29.86
CA LEU C 219 43.59 1.30 29.65
C LEU C 219 42.19 1.45 29.09
N ASN C 220 41.45 2.43 29.61
CA ASN C 220 40.20 2.89 29.04
C ASN C 220 40.30 3.18 27.54
N ILE C 221 41.38 3.86 27.15
CA ILE C 221 41.54 4.28 25.75
C ILE C 221 41.70 3.06 24.85
N ALA C 222 42.51 2.09 25.28
CA ALA C 222 42.79 0.93 24.44
C ALA C 222 41.56 0.07 24.26
N ILE C 223 40.67 0.07 25.25
CA ILE C 223 39.35 -0.54 25.08
C ILE C 223 38.57 0.23 24.03
N GLU C 224 38.62 1.56 24.11
CA GLU C 224 37.86 2.38 23.18
C GLU C 224 38.47 2.31 21.79
N ARG C 225 39.78 2.09 21.70
CA ARG C 225 40.38 1.92 20.40
C ARG C 225 40.28 0.50 19.88
N ARG C 226 39.77 -0.42 20.68
CA ARG C 226 39.52 -1.82 20.30
C ARG C 226 40.81 -2.51 19.86
N GLN C 227 41.70 -2.74 20.81
CA GLN C 227 42.95 -3.46 20.57
C GLN C 227 43.06 -4.55 21.63
N GLY C 228 42.69 -5.77 21.25
CA GLY C 228 42.54 -6.82 22.25
C GLY C 228 43.85 -7.29 22.84
N ASP C 229 44.85 -7.49 22.00
CA ASP C 229 46.16 -7.91 22.49
C ASP C 229 46.83 -6.82 23.30
N ILE C 230 46.65 -5.56 22.89
CA ILE C 230 47.20 -4.44 23.62
C ILE C 230 46.53 -4.33 24.98
N THR C 231 45.23 -4.62 25.02
CA THR C 231 44.51 -4.68 26.28
C THR C 231 45.05 -5.81 27.15
N ALA C 232 45.38 -6.93 26.53
CA ALA C 232 45.82 -8.11 27.28
C ALA C 232 47.15 -7.87 27.96
N VAL C 233 48.04 -7.12 27.30
CA VAL C 233 49.35 -6.84 27.88
C VAL C 233 49.20 -5.92 29.08
N LEU C 234 48.30 -4.94 28.99
CA LEU C 234 48.06 -4.04 30.11
C LEU C 234 47.41 -4.77 31.26
N ILE C 235 46.56 -5.75 30.96
CA ILE C 235 46.08 -6.65 32.00
C ILE C 235 47.22 -7.48 32.54
N ALA C 236 48.09 -7.97 31.64
CA ALA C 236 49.27 -8.72 32.07
C ALA C 236 50.24 -7.83 32.82
N ALA C 237 50.24 -6.54 32.52
CA ALA C 237 50.96 -5.60 33.36
C ALA C 237 50.22 -5.38 34.67
N GLY C 238 48.89 -5.45 34.65
CA GLY C 238 48.12 -5.14 35.84
C GLY C 238 47.84 -3.66 35.87
N ALA C 239 46.57 -3.27 35.72
CA ALA C 239 46.27 -1.88 35.42
C ALA C 239 45.05 -1.35 36.18
N ASP C 240 44.68 -2.00 37.28
CA ASP C 240 43.59 -1.58 38.17
C ASP C 240 42.26 -1.48 37.41
N VAL C 241 41.80 -2.63 36.95
CA VAL C 241 40.84 -2.71 35.84
C VAL C 241 39.47 -2.18 36.24
N ASN C 242 39.21 -2.05 37.55
CA ASN C 242 38.00 -1.41 38.02
C ASN C 242 38.30 0.05 38.33
N ALA C 243 38.82 0.75 37.33
CA ALA C 243 39.19 2.15 37.44
C ALA C 243 37.97 3.01 37.15
N HIS C 244 37.50 3.72 38.17
CA HIS C 244 36.32 4.54 38.02
C HIS C 244 36.68 5.83 37.28
N ALA C 245 36.14 5.98 36.08
CA ALA C 245 36.33 7.24 35.40
C ALA C 245 35.38 8.28 35.99
N LYS C 246 35.81 9.54 35.96
CA LYS C 246 34.93 10.65 36.29
C LYS C 246 35.18 11.74 35.25
N GLY C 247 34.58 12.89 35.48
CA GLY C 247 34.72 13.97 34.53
C GLY C 247 33.37 14.43 33.99
N VAL C 248 33.33 15.70 33.60
CA VAL C 248 32.10 16.29 33.11
C VAL C 248 31.76 15.72 31.74
N PHE C 249 32.78 15.28 30.99
CA PHE C 249 32.54 14.66 29.70
C PHE C 249 31.92 13.28 29.86
N PHE C 250 32.44 12.50 30.80
CA PHE C 250 31.94 11.15 30.98
C PHE C 250 30.59 11.14 31.66
N ASN C 251 30.27 12.18 32.40
CA ASN C 251 28.93 12.35 32.95
C ASN C 251 28.38 13.66 32.42
N PRO C 252 27.83 13.69 31.21
CA PRO C 252 27.37 14.95 30.66
C PRO C 252 25.97 15.32 31.13
N LYS C 253 25.70 16.62 31.20
CA LYS C 253 24.34 17.05 31.50
C LYS C 253 23.44 16.90 30.29
N TYR C 254 24.01 17.00 29.10
CA TYR C 254 23.24 16.99 27.86
C TYR C 254 23.66 15.80 27.02
N GLN C 255 22.82 15.44 26.05
CA GLN C 255 23.10 14.28 25.22
C GLN C 255 24.22 14.58 24.23
N HIS C 256 24.29 15.81 23.74
CA HIS C 256 25.25 16.13 22.69
C HIS C 256 26.63 16.36 23.25
N GLU C 257 26.73 16.59 24.56
CA GLU C 257 28.00 17.04 25.13
C GLU C 257 28.96 15.89 25.31
N GLY C 258 28.50 14.78 25.87
CA GLY C 258 29.42 13.71 26.23
C GLY C 258 28.80 12.36 26.00
N PHE C 259 29.27 11.39 26.78
CA PHE C 259 28.88 10.00 26.61
C PHE C 259 28.88 9.28 27.94
N TYR C 260 27.72 8.77 28.34
CA TYR C 260 27.56 8.18 29.67
C TYR C 260 27.54 6.66 29.56
N PHE C 261 28.71 6.06 29.72
CA PHE C 261 28.75 4.61 29.73
C PHE C 261 28.75 4.03 31.13
N GLY C 262 28.76 4.87 32.15
CA GLY C 262 28.77 4.36 33.50
C GLY C 262 30.13 4.09 34.10
N GLU C 263 31.18 4.77 33.62
CA GLU C 263 32.39 5.03 34.38
C GLU C 263 33.22 3.77 34.64
N THR C 264 33.01 2.75 33.83
CA THR C 264 33.60 1.45 34.12
C THR C 264 34.20 0.84 32.86
N PRO C 265 35.46 0.40 32.94
CA PRO C 265 36.10 -0.21 31.77
C PRO C 265 35.42 -1.48 31.31
N LEU C 266 34.88 -2.24 32.25
CA LEU C 266 34.09 -3.40 31.88
C LEU C 266 32.81 -2.98 31.17
N ALA C 267 32.12 -1.98 31.72
CA ALA C 267 30.86 -1.55 31.14
C ALA C 267 31.06 -0.85 29.82
N LEU C 268 32.25 -0.27 29.62
CA LEU C 268 32.55 0.39 28.36
C LEU C 268 32.57 -0.61 27.22
N ALA C 269 33.33 -1.69 27.37
CA ALA C 269 33.40 -2.72 26.34
C ALA C 269 32.05 -3.40 26.16
N ALA C 270 31.29 -3.47 27.24
CA ALA C 270 29.90 -3.91 27.13
C ALA C 270 29.10 -2.94 26.29
N CYS C 271 29.27 -1.64 26.54
CA CYS C 271 28.47 -0.65 25.83
C CYS C 271 28.94 -0.48 24.39
N THR C 272 30.17 -0.83 24.09
CA THR C 272 30.72 -0.63 22.76
C THR C 272 30.82 -1.92 21.96
N ASN C 273 30.19 -3.00 22.46
CA ASN C 273 29.95 -4.24 21.72
C ASN C 273 31.26 -4.93 21.33
N GLN C 274 32.10 -5.19 22.33
CA GLN C 274 33.40 -5.82 22.12
C GLN C 274 33.44 -7.02 23.07
N PRO C 275 32.80 -8.13 22.70
CA PRO C 275 32.50 -9.18 23.69
C PRO C 275 33.71 -9.96 24.15
N GLU C 276 34.74 -10.05 23.32
CA GLU C 276 35.96 -10.73 23.74
C GLU C 276 36.68 -9.92 24.81
N ILE C 277 36.61 -8.60 24.71
CA ILE C 277 37.14 -7.75 25.77
C ILE C 277 36.29 -7.92 27.01
N VAL C 278 34.97 -8.03 26.83
CA VAL C 278 34.07 -8.37 27.92
C VAL C 278 34.41 -9.74 28.46
N GLN C 279 34.80 -10.66 27.57
CA GLN C 279 35.24 -11.97 28.00
C GLN C 279 36.58 -11.90 28.71
N LEU C 280 37.51 -11.09 28.20
CA LEU C 280 38.84 -11.07 28.78
C LEU C 280 38.85 -10.35 30.12
N LEU C 281 37.98 -9.36 30.29
CA LEU C 281 37.92 -8.69 31.59
C LEU C 281 37.14 -9.51 32.60
N MET C 282 36.47 -10.56 32.14
CA MET C 282 35.57 -11.29 33.02
C MET C 282 36.32 -12.16 34.01
N GLU C 283 37.44 -12.74 33.61
CA GLU C 283 38.17 -13.62 34.52
C GLU C 283 39.39 -12.98 35.15
N ASN C 284 39.37 -11.69 35.46
CA ASN C 284 40.45 -11.10 36.23
C ASN C 284 40.09 -11.31 37.70
N GLU C 285 41.10 -11.28 38.55
CA GLU C 285 41.00 -11.60 39.98
C GLU C 285 40.22 -10.48 40.67
N GLN C 286 40.49 -9.21 40.38
CA GLN C 286 39.97 -8.12 41.20
C GLN C 286 38.97 -7.32 40.37
N THR C 287 38.13 -8.06 39.66
CA THR C 287 37.23 -7.41 38.69
C THR C 287 36.11 -6.67 39.38
N ASP C 288 35.44 -7.32 40.35
CA ASP C 288 34.35 -6.75 41.14
C ASP C 288 33.18 -6.29 40.27
N ILE C 289 32.49 -7.30 39.69
CA ILE C 289 31.33 -7.07 38.83
C ILE C 289 30.25 -6.26 39.54
N THR C 290 30.16 -6.39 40.86
CA THR C 290 29.12 -5.73 41.64
C THR C 290 29.39 -4.25 41.89
N SER C 291 30.27 -3.61 41.14
CA SER C 291 30.70 -2.28 41.48
C SER C 291 29.63 -1.23 41.20
N GLN C 292 29.64 -0.19 42.03
CA GLN C 292 28.80 0.99 41.83
C GLN C 292 29.70 2.18 41.51
N ASP C 293 29.07 3.28 41.11
CA ASP C 293 29.83 4.44 40.66
C ASP C 293 29.18 5.74 41.12
N SER C 294 29.65 6.85 40.55
CA SER C 294 28.91 8.08 40.62
C SER C 294 27.59 7.90 39.88
N ARG C 295 26.53 8.50 40.43
CA ARG C 295 25.10 8.35 40.17
C ARG C 295 24.59 7.02 40.75
N GLY C 296 25.48 6.17 41.29
CA GLY C 296 25.08 4.98 42.00
C GLY C 296 24.75 3.80 41.12
N ASN C 297 25.09 3.84 39.85
CA ASN C 297 24.60 2.81 38.94
C ASN C 297 25.48 1.57 39.00
N ASN C 298 24.93 0.48 38.53
CA ASN C 298 25.67 -0.73 38.26
C ASN C 298 25.77 -0.92 36.76
N ILE C 299 26.44 -2.01 36.37
CA ILE C 299 26.75 -2.26 34.97
C ILE C 299 25.48 -2.49 34.18
N LEU C 300 24.45 -3.03 34.82
CA LEU C 300 23.23 -3.33 34.09
C LEU C 300 22.44 -2.06 33.83
N HIS C 301 22.60 -1.06 34.70
CA HIS C 301 21.87 0.18 34.56
C HIS C 301 22.30 0.93 33.31
N ALA C 302 23.60 1.04 33.09
CA ALA C 302 24.11 1.75 31.92
C ALA C 302 23.74 1.01 30.64
N LEU C 303 23.68 -0.32 30.71
CA LEU C 303 23.20 -1.10 29.59
C LEU C 303 21.75 -0.78 29.30
N VAL C 304 20.95 -0.56 30.34
CA VAL C 304 19.59 -0.10 30.13
C VAL C 304 19.60 1.34 29.65
N THR C 305 20.46 2.16 30.25
CA THR C 305 20.54 3.59 29.98
C THR C 305 20.96 3.83 28.54
N VAL C 306 21.87 3.00 28.06
CA VAL C 306 22.27 3.10 26.67
C VAL C 306 21.65 1.95 25.92
N ALA C 307 20.47 2.17 25.34
CA ALA C 307 19.78 1.17 24.55
C ALA C 307 18.80 1.89 23.65
N GLU C 308 18.52 1.28 22.51
CA GLU C 308 17.54 1.85 21.58
C GLU C 308 16.65 0.73 21.08
N ASP C 309 15.86 1.05 20.05
CA ASP C 309 14.96 0.09 19.46
C ASP C 309 15.73 -0.86 18.55
N PHE C 310 15.01 -1.72 17.83
CA PHE C 310 15.71 -2.58 16.89
C PHE C 310 16.19 -1.79 15.69
N LYS C 311 15.51 -0.70 15.37
CA LYS C 311 16.14 0.28 14.49
C LYS C 311 17.30 0.92 15.23
N THR C 312 18.42 1.00 14.53
CA THR C 312 19.68 1.70 14.84
C THR C 312 20.47 0.90 15.89
N GLN C 313 19.88 -0.10 16.54
CA GLN C 313 20.66 -0.99 17.38
C GLN C 313 20.14 -2.41 17.24
N ASN C 314 21.05 -3.36 17.08
CA ASN C 314 20.67 -4.75 16.86
C ASN C 314 21.21 -5.62 17.99
N ASP C 315 20.37 -5.80 19.01
CA ASP C 315 20.29 -6.91 19.99
C ASP C 315 21.57 -7.19 20.77
N PHE C 316 22.62 -6.39 20.60
CA PHE C 316 23.84 -6.64 21.37
C PHE C 316 23.68 -6.15 22.79
N VAL C 317 22.88 -5.10 22.96
CA VAL C 317 22.54 -4.62 24.30
C VAL C 317 21.81 -5.71 25.07
N LYS C 318 20.93 -6.42 24.36
CA LYS C 318 20.29 -7.59 24.94
C LYS C 318 21.31 -8.68 25.23
N ARG C 319 22.19 -8.97 24.28
CA ARG C 319 23.07 -10.11 24.42
C ARG C 319 24.18 -9.85 25.43
N MET C 320 24.68 -8.62 25.46
CA MET C 320 25.70 -8.31 26.47
C MET C 320 25.07 -8.19 27.85
N TYR C 321 23.77 -7.88 27.91
CA TYR C 321 23.05 -8.02 29.17
C TYR C 321 23.01 -9.48 29.59
N ASP C 322 22.84 -10.37 28.62
CA ASP C 322 22.79 -11.79 28.93
C ASP C 322 24.15 -12.31 29.34
N MET C 323 25.19 -11.93 28.60
CA MET C 323 26.50 -12.55 28.75
C MET C 323 27.11 -12.25 30.11
N ILE C 324 26.87 -11.05 30.62
CA ILE C 324 27.40 -10.72 31.94
C ILE C 324 26.54 -11.37 33.02
N LEU C 325 25.29 -11.68 32.70
CA LEU C 325 24.37 -12.14 33.73
C LEU C 325 24.63 -13.59 34.07
N LEU C 326 25.06 -14.38 33.08
CA LEU C 326 25.37 -15.78 33.34
C LEU C 326 26.61 -15.94 34.20
N ARG C 327 27.52 -14.97 34.12
CA ARG C 327 28.70 -15.03 34.97
C ARG C 327 28.35 -14.69 36.41
N SER C 328 27.31 -13.87 36.60
CA SER C 328 26.92 -13.36 37.90
C SER C 328 26.54 -14.45 38.91
N GLY C 329 25.50 -15.21 38.61
CA GLY C 329 25.12 -16.32 39.45
C GLY C 329 24.47 -15.94 40.77
N ASN C 330 24.01 -14.71 40.94
CA ASN C 330 23.39 -14.30 42.17
C ASN C 330 22.21 -13.40 41.83
N TRP C 331 21.19 -13.42 42.69
CA TRP C 331 20.08 -12.49 42.55
C TRP C 331 20.52 -11.06 42.81
N GLU C 332 21.53 -10.87 43.65
CA GLU C 332 22.13 -9.56 43.74
C GLU C 332 22.82 -9.23 42.43
N LEU C 333 23.02 -7.92 42.22
CA LEU C 333 23.38 -7.22 40.98
C LEU C 333 22.14 -7.18 40.08
N GLU C 334 20.98 -7.47 40.65
CA GLU C 334 19.71 -6.93 40.19
C GLU C 334 18.90 -6.33 41.32
N THR C 335 19.16 -6.76 42.55
CA THR C 335 18.42 -6.24 43.69
C THR C 335 18.96 -4.89 44.11
N MET C 336 20.15 -4.52 43.64
CA MET C 336 20.74 -3.24 43.99
C MET C 336 19.93 -2.09 43.41
N ARG C 337 19.96 -0.97 44.11
CA ARG C 337 19.30 0.23 43.65
C ARG C 337 20.33 1.35 43.55
N ASN C 338 20.04 2.32 42.70
CA ASN C 338 20.99 3.38 42.41
C ASN C 338 20.87 4.51 43.44
N ASN C 339 21.55 5.63 43.18
CA ASN C 339 21.33 6.79 44.02
C ASN C 339 19.98 7.40 43.78
N ASP C 340 19.38 7.12 42.62
CA ASP C 340 17.97 7.45 42.47
C ASP C 340 17.11 6.46 43.24
N GLY C 341 17.65 5.30 43.60
CA GLY C 341 16.92 4.34 44.38
C GLY C 341 16.18 3.32 43.57
N LEU C 342 16.64 3.01 42.36
CA LEU C 342 15.84 2.20 41.45
C LEU C 342 16.58 0.94 41.04
N THR C 343 15.82 -0.13 40.84
CA THR C 343 16.36 -1.37 40.30
C THR C 343 16.62 -1.17 38.82
N PRO C 344 17.42 -2.04 38.19
CA PRO C 344 17.51 -2.00 36.72
C PRO C 344 16.19 -2.25 36.04
N LEU C 345 15.36 -3.10 36.63
CA LEU C 345 14.00 -3.25 36.12
C LEU C 345 13.19 -1.99 36.31
N GLN C 346 13.35 -1.33 37.45
CA GLN C 346 12.67 -0.06 37.67
C GLN C 346 13.22 1.02 36.75
N LEU C 347 14.53 1.01 36.53
CA LEU C 347 15.13 2.01 35.66
C LEU C 347 14.76 1.73 34.21
N ALA C 348 14.47 0.47 33.89
CA ALA C 348 13.95 0.14 32.57
C ALA C 348 12.60 0.77 32.35
N ALA C 349 11.80 0.85 33.42
CA ALA C 349 10.49 1.46 33.31
C ALA C 349 10.62 2.97 33.13
N LYS C 350 11.44 3.61 33.96
CA LYS C 350 11.49 5.06 33.97
C LYS C 350 12.16 5.60 32.71
N MET C 351 13.17 4.90 32.22
CA MET C 351 13.73 5.26 30.92
C MET C 351 12.79 4.86 29.80
N GLY C 352 11.94 3.86 30.04
CA GLY C 352 11.02 3.41 29.04
C GLY C 352 11.64 2.64 27.89
N LYS C 353 12.85 2.11 28.06
CA LYS C 353 13.46 1.31 27.00
C LYS C 353 12.70 0.00 26.84
N ALA C 354 12.01 -0.14 25.73
CA ALA C 354 11.08 -1.24 25.55
C ALA C 354 11.74 -2.58 25.26
N GLU C 355 12.76 -2.60 24.40
CA GLU C 355 13.28 -3.87 23.91
C GLU C 355 14.02 -4.64 24.99
N ILE C 356 14.65 -3.93 25.91
CA ILE C 356 15.30 -4.63 27.01
C ILE C 356 14.25 -5.17 27.98
N LEU C 357 13.10 -4.50 28.07
CA LEU C 357 12.11 -4.85 29.08
C LEU C 357 11.41 -6.15 28.72
N LYS C 358 11.34 -6.44 27.42
CA LYS C 358 10.83 -7.74 26.99
C LYS C 358 11.76 -8.85 27.42
N TYR C 359 13.07 -8.59 27.40
CA TYR C 359 14.02 -9.63 27.74
C TYR C 359 14.00 -9.93 29.23
N ILE C 360 13.66 -8.94 30.04
CA ILE C 360 13.68 -9.13 31.49
C ILE C 360 12.58 -10.08 31.91
N LEU C 361 11.40 -9.91 31.33
CA LEU C 361 10.24 -10.64 31.82
C LEU C 361 10.26 -12.08 31.34
N SER C 362 10.82 -12.34 30.17
CA SER C 362 10.81 -13.68 29.60
C SER C 362 12.19 -14.33 29.70
N ARG C 363 12.95 -14.00 30.74
CA ARG C 363 14.32 -14.47 30.87
C ARG C 363 14.32 -15.85 31.51
N GLU C 364 14.28 -16.89 30.67
CA GLU C 364 14.31 -18.27 31.14
C GLU C 364 15.62 -18.92 30.68
N ILE C 365 16.11 -19.87 31.47
CA ILE C 365 17.39 -20.52 31.22
C ILE C 365 17.19 -22.02 31.40
N LYS C 366 17.57 -22.79 30.38
CA LYS C 366 17.43 -24.24 30.43
C LYS C 366 18.55 -24.89 31.22
N GLU C 367 19.69 -24.21 31.32
CA GLU C 367 20.91 -24.82 31.83
C GLU C 367 20.85 -25.02 33.34
N LYS C 368 21.02 -26.27 33.76
CA LYS C 368 20.54 -26.75 35.05
C LYS C 368 21.05 -26.04 36.31
N PRO C 369 22.38 -25.89 36.57
CA PRO C 369 22.78 -25.53 37.94
C PRO C 369 22.47 -24.10 38.33
N LEU C 370 21.99 -23.31 37.38
CA LEU C 370 21.61 -21.93 37.60
C LEU C 370 20.25 -21.60 36.98
N ARG C 371 19.35 -22.58 36.95
CA ARG C 371 17.99 -22.30 36.50
C ARG C 371 17.20 -21.47 37.50
N SER C 372 17.74 -21.28 38.71
CA SER C 372 17.10 -20.40 39.68
C SER C 372 17.00 -18.98 39.14
N LEU C 373 18.12 -18.41 38.70
CA LEU C 373 18.11 -17.06 38.12
C LEU C 373 17.44 -17.10 36.75
N SER C 374 16.12 -17.17 36.78
CA SER C 374 15.32 -17.26 35.58
C SER C 374 13.93 -16.72 35.91
N ARG C 375 13.25 -16.26 34.86
CA ARG C 375 11.84 -15.91 34.95
C ARG C 375 11.15 -16.61 33.81
N LYS C 376 9.81 -16.51 33.78
CA LYS C 376 8.95 -17.30 32.89
C LYS C 376 9.24 -18.80 33.06
N PHE C 377 8.87 -19.32 34.22
CA PHE C 377 9.07 -20.73 34.48
C PHE C 377 8.07 -21.57 33.72
N THR C 378 8.56 -22.59 33.03
CA THR C 378 7.72 -23.51 32.28
C THR C 378 7.02 -24.46 33.23
N ASP C 379 5.68 -24.43 33.23
CA ASP C 379 4.90 -25.25 34.14
C ASP C 379 4.92 -26.71 33.69
N TRP C 380 4.38 -26.95 32.51
CA TRP C 380 4.27 -28.27 31.92
C TRP C 380 4.02 -28.10 30.44
N ALA C 381 4.43 -29.08 29.66
CA ALA C 381 4.21 -29.08 28.22
C ALA C 381 3.80 -30.47 27.80
N TYR C 382 2.78 -30.57 26.96
CA TYR C 382 2.38 -31.86 26.42
C TYR C 382 2.12 -31.69 24.94
N GLY C 383 3.15 -31.92 24.14
CA GLY C 383 3.07 -31.69 22.73
C GLY C 383 2.92 -30.21 22.44
N PRO C 384 1.88 -29.86 21.70
CA PRO C 384 1.71 -28.48 21.25
C PRO C 384 1.13 -27.54 22.29
N VAL C 385 0.81 -28.04 23.49
CA VAL C 385 0.18 -27.24 24.52
C VAL C 385 1.12 -27.17 25.71
N SER C 386 1.38 -25.96 26.17
CA SER C 386 2.25 -25.75 27.32
C SER C 386 1.66 -24.67 28.21
N SER C 387 2.14 -24.62 29.45
CA SER C 387 1.77 -23.57 30.38
C SER C 387 3.02 -23.01 31.02
N SER C 388 2.93 -21.78 31.50
CA SER C 388 4.09 -21.07 32.01
C SER C 388 3.70 -20.20 33.20
N LEU C 389 4.71 -19.86 33.98
CA LEU C 389 4.54 -19.00 35.15
C LEU C 389 5.45 -17.78 35.03
N TYR C 390 4.84 -16.62 34.83
CA TYR C 390 5.56 -15.35 34.84
C TYR C 390 5.68 -14.86 36.27
N ASP C 391 6.87 -14.40 36.65
CA ASP C 391 7.12 -13.97 38.02
C ASP C 391 6.50 -12.60 38.27
N LEU C 392 6.20 -12.34 39.55
CA LEU C 392 5.63 -11.08 39.99
C LEU C 392 6.42 -10.54 41.16
N THR C 393 7.74 -10.48 41.03
CA THR C 393 8.58 -10.05 42.14
C THR C 393 8.36 -8.57 42.44
N ASN C 394 8.38 -7.73 41.41
CA ASN C 394 8.18 -6.32 41.61
C ASN C 394 7.24 -5.71 40.60
N VAL C 395 6.53 -6.53 39.81
CA VAL C 395 5.66 -5.97 38.79
C VAL C 395 4.34 -5.53 39.39
N ASP C 396 3.76 -6.37 40.24
CA ASP C 396 2.47 -6.08 40.83
C ASP C 396 2.59 -4.98 41.87
N THR C 397 1.48 -4.28 42.12
CA THR C 397 1.42 -3.12 42.98
C THR C 397 1.39 -3.44 44.46
N THR C 398 1.82 -4.62 44.87
CA THR C 398 1.88 -4.95 46.28
C THR C 398 3.05 -4.23 46.97
N THR C 399 3.96 -3.66 46.19
CA THR C 399 5.10 -2.91 46.70
C THR C 399 4.88 -1.47 46.28
N ASP C 400 5.45 -0.53 47.05
CA ASP C 400 5.23 0.92 46.93
C ASP C 400 5.65 1.40 45.54
N ASN C 401 6.82 1.00 45.03
CA ASN C 401 7.10 1.22 43.63
C ASN C 401 7.02 -0.10 42.88
N SER C 402 6.22 -0.11 41.81
CA SER C 402 6.07 -1.30 41.00
C SER C 402 6.30 -0.94 39.55
N VAL C 403 6.53 -1.97 38.75
CA VAL C 403 6.75 -1.80 37.32
C VAL C 403 5.53 -1.21 36.66
N LEU C 404 4.36 -1.74 37.00
CA LEU C 404 3.12 -1.33 36.36
C LEU C 404 2.76 0.11 36.71
N GLU C 405 3.11 0.53 37.93
CA GLU C 405 2.77 1.88 38.37
C GLU C 405 3.56 2.92 37.61
N ILE C 406 4.84 2.65 37.38
CA ILE C 406 5.72 3.64 36.76
C ILE C 406 5.37 3.82 35.30
N ILE C 407 4.92 2.73 34.65
CA ILE C 407 4.52 2.82 33.25
C ILE C 407 3.24 3.62 33.12
N VAL C 408 2.35 3.52 34.11
CA VAL C 408 1.13 4.31 34.07
C VAL C 408 1.42 5.76 34.42
N TYR C 409 1.96 6.01 35.62
CA TYR C 409 2.04 7.37 36.10
C TYR C 409 3.26 8.13 35.60
N ASN C 410 3.51 8.08 34.31
CA ASN C 410 4.46 8.97 33.68
C ASN C 410 3.96 9.37 32.30
N THR C 411 4.07 10.66 32.02
CA THR C 411 3.69 11.20 30.74
C THR C 411 4.89 11.59 29.92
N ASN C 412 6.02 11.82 30.58
CA ASN C 412 7.12 12.50 29.93
C ASN C 412 7.94 11.58 29.05
N ILE C 413 7.76 10.25 29.15
CA ILE C 413 8.78 9.38 28.58
C ILE C 413 8.60 9.25 27.07
N ASP C 414 7.70 8.34 26.65
CA ASP C 414 7.16 8.11 25.31
C ASP C 414 6.36 6.81 25.40
N ASN C 415 5.65 6.46 24.33
CA ASN C 415 5.58 5.09 23.82
C ASN C 415 4.92 4.12 24.78
N ARG C 416 3.93 4.58 25.54
CA ARG C 416 3.36 3.74 26.58
C ARG C 416 2.50 2.63 26.00
N HIS C 417 2.03 2.81 24.76
CA HIS C 417 1.22 1.79 24.12
C HIS C 417 2.05 0.54 23.81
N GLU C 418 3.34 0.72 23.56
CA GLU C 418 4.18 -0.42 23.21
C GLU C 418 4.45 -1.28 24.42
N MET C 419 4.76 -0.66 25.56
CA MET C 419 5.22 -1.41 26.72
C MET C 419 4.09 -2.20 27.36
N LEU C 420 2.86 -1.71 27.22
CA LEU C 420 1.75 -2.40 27.85
C LEU C 420 1.28 -3.59 27.04
N THR C 421 1.85 -3.78 25.85
CA THR C 421 1.50 -4.92 25.01
C THR C 421 2.25 -6.14 25.54
N LEU C 422 3.29 -5.90 26.34
CA LEU C 422 4.14 -6.98 26.83
C LEU C 422 3.41 -7.84 27.85
N GLU C 423 3.80 -9.10 27.91
CA GLU C 423 2.87 -10.15 28.34
C GLU C 423 2.50 -10.14 29.82
N PRO C 424 3.42 -10.12 30.80
CA PRO C 424 2.94 -10.22 32.20
C PRO C 424 2.25 -8.96 32.67
N LEU C 425 2.51 -7.85 32.01
CA LEU C 425 1.69 -6.66 32.24
C LEU C 425 0.30 -6.85 31.68
N HIS C 426 0.22 -7.36 30.45
CA HIS C 426 -0.98 -7.25 29.64
C HIS C 426 -2.12 -8.09 30.18
N THR C 427 -1.82 -9.33 30.56
CA THR C 427 -2.84 -10.20 31.10
C THR C 427 -3.26 -9.75 32.49
N LEU C 428 -2.29 -9.36 33.32
CA LEU C 428 -2.57 -8.91 34.68
C LEU C 428 -3.41 -7.64 34.68
N LEU C 429 -3.16 -6.76 33.71
CA LEU C 429 -4.00 -5.58 33.56
C LEU C 429 -5.41 -5.96 33.15
N HIS C 430 -5.55 -7.00 32.33
CA HIS C 430 -6.87 -7.41 31.88
C HIS C 430 -7.67 -8.03 33.01
N THR C 431 -7.00 -8.75 33.90
CA THR C 431 -7.71 -9.41 35.00
C THR C 431 -8.22 -8.40 36.01
N LYS C 432 -7.48 -7.31 36.21
CA LYS C 432 -7.90 -6.32 37.20
C LYS C 432 -9.12 -5.55 36.73
N TRP C 433 -9.30 -5.43 35.41
CA TRP C 433 -10.55 -4.89 34.89
C TRP C 433 -11.71 -5.82 35.21
N LYS C 434 -11.51 -7.13 35.01
CA LYS C 434 -12.61 -8.07 35.04
C LYS C 434 -13.10 -8.30 36.46
N LYS C 435 -12.18 -8.37 37.42
CA LYS C 435 -12.58 -8.65 38.79
C LYS C 435 -12.86 -7.41 39.60
N PHE C 436 -12.37 -6.24 39.18
CA PHE C 436 -12.72 -5.03 39.90
C PHE C 436 -13.52 -4.01 39.11
N ALA C 437 -12.93 -3.54 38.03
CA ALA C 437 -13.26 -2.18 37.61
C ALA C 437 -14.46 -2.11 36.69
N LYS C 438 -14.79 -3.23 36.03
CA LYS C 438 -16.01 -3.28 35.24
C LYS C 438 -17.23 -3.13 36.11
N TYR C 439 -17.16 -3.61 37.36
CA TYR C 439 -18.17 -3.28 38.33
C TYR C 439 -17.99 -1.86 38.83
N MET C 440 -16.73 -1.43 39.02
CA MET C 440 -16.48 -0.14 39.64
C MET C 440 -16.80 1.01 38.70
N PHE C 441 -16.47 0.87 37.42
CA PHE C 441 -16.72 1.96 36.49
C PHE C 441 -18.19 2.10 36.17
N PHE C 442 -18.91 0.97 36.03
CA PHE C 442 -20.33 1.02 35.77
C PHE C 442 -21.10 1.58 36.97
N LEU C 443 -20.62 1.29 38.18
CA LEU C 443 -21.28 1.82 39.37
C LEU C 443 -21.06 3.33 39.48
N SER C 444 -19.85 3.78 39.17
CA SER C 444 -19.57 5.21 39.14
C SER C 444 -20.32 5.90 38.03
N PHE C 445 -20.55 5.18 36.93
CA PHE C 445 -21.28 5.74 35.81
C PHE C 445 -22.74 5.96 36.16
N CYS C 446 -23.33 5.02 36.89
CA CYS C 446 -24.76 5.10 37.18
C CYS C 446 -25.06 6.15 38.25
N PHE C 447 -24.16 6.32 39.22
CA PHE C 447 -24.38 7.30 40.28
C PHE C 447 -24.33 8.72 39.74
N TYR C 448 -23.36 9.01 38.88
CA TYR C 448 -23.28 10.35 38.33
C TYR C 448 -24.36 10.60 37.30
N PHE C 449 -24.84 9.53 36.65
CA PHE C 449 -25.98 9.65 35.75
C PHE C 449 -27.25 9.98 36.52
N PHE C 450 -27.42 9.40 37.70
CA PHE C 450 -28.55 9.77 38.54
C PHE C 450 -28.35 11.16 39.13
N TYR C 451 -27.10 11.58 39.27
CA TYR C 451 -26.81 12.86 39.90
C TYR C 451 -27.20 14.02 39.01
N ASN C 452 -27.01 13.87 37.69
CA ASN C 452 -27.33 14.96 36.78
C ASN C 452 -28.83 15.13 36.64
N ILE C 453 -29.57 14.02 36.69
CA ILE C 453 -31.03 14.08 36.71
C ILE C 453 -31.50 14.72 38.01
N THR C 454 -30.78 14.45 39.09
CA THR C 454 -31.14 15.00 40.40
C THR C 454 -30.89 16.51 40.44
N LEU C 455 -29.95 16.99 39.63
CA LEU C 455 -29.69 18.43 39.56
C LEU C 455 -30.83 19.16 38.89
N THR C 456 -31.20 18.72 37.68
CA THR C 456 -31.97 19.56 36.78
C THR C 456 -33.44 19.61 37.17
N LEU C 457 -33.94 18.55 37.81
CA LEU C 457 -35.37 18.47 38.10
C LEU C 457 -35.76 19.42 39.22
N VAL C 458 -34.98 19.44 40.30
CA VAL C 458 -35.38 20.22 41.47
C VAL C 458 -34.77 21.63 41.39
N SER C 459 -34.35 22.04 40.19
CA SER C 459 -33.89 23.39 39.94
C SER C 459 -35.00 24.40 40.24
N TYR C 460 -36.06 24.41 39.43
CA TYR C 460 -37.27 25.12 39.78
C TYR C 460 -38.54 24.39 39.35
N TYR C 461 -38.43 23.19 38.79
CA TYR C 461 -39.61 22.51 38.25
C TYR C 461 -40.47 21.95 39.37
N ARG C 462 -39.87 21.57 40.48
CA ARG C 462 -40.64 21.10 41.62
C ARG C 462 -40.49 22.06 42.78
N HIS C 477 -41.99 22.26 53.51
CA HIS C 477 -40.75 21.52 53.69
C HIS C 477 -40.76 20.71 55.00
N LYS C 478 -41.95 20.23 55.37
CA LYS C 478 -42.09 19.54 56.65
C LYS C 478 -42.26 18.03 56.45
N MET C 479 -43.19 17.63 55.58
CA MET C 479 -43.44 16.23 55.28
C MET C 479 -42.93 15.86 53.89
N SER C 480 -42.57 16.85 53.07
CA SER C 480 -42.04 16.61 51.74
C SER C 480 -40.60 16.11 51.83
N TRP C 481 -40.43 14.82 52.13
CA TRP C 481 -39.12 14.30 52.49
C TRP C 481 -38.23 14.14 51.27
N LEU C 482 -38.77 13.56 50.20
CA LEU C 482 -37.92 13.17 49.08
C LEU C 482 -37.57 14.35 48.19
N GLN C 483 -38.29 15.47 48.31
CA GLN C 483 -37.81 16.71 47.73
C GLN C 483 -36.62 17.24 48.53
N LEU C 484 -36.74 17.23 49.87
CA LEU C 484 -35.66 17.72 50.71
C LEU C 484 -34.46 16.76 50.73
N LEU C 485 -34.71 15.45 50.84
CA LEU C 485 -33.60 14.50 50.89
C LEU C 485 -32.92 14.37 49.53
N GLY C 486 -33.61 14.76 48.46
CA GLY C 486 -32.97 14.81 47.16
C GLY C 486 -31.92 15.90 47.08
N ARG C 487 -32.25 17.10 47.57
CA ARG C 487 -31.27 18.19 47.60
C ARG C 487 -30.16 17.89 48.59
N MET C 488 -30.48 17.19 49.67
CA MET C 488 -29.45 16.74 50.61
C MET C 488 -28.51 15.75 49.96
N PHE C 489 -29.04 14.89 49.09
CA PHE C 489 -28.22 13.89 48.43
C PHE C 489 -27.29 14.53 47.40
N VAL C 490 -27.70 15.66 46.84
CA VAL C 490 -26.84 16.43 45.96
C VAL C 490 -25.64 16.96 46.74
N LEU C 491 -25.90 17.51 47.92
CA LEU C 491 -24.89 18.28 48.64
C LEU C 491 -23.83 17.36 49.23
N ILE C 492 -24.21 16.16 49.67
CA ILE C 492 -23.26 15.29 50.35
C ILE C 492 -22.28 14.66 49.36
N TRP C 493 -22.74 14.41 48.13
CA TRP C 493 -21.91 13.67 47.19
C TRP C 493 -21.00 14.61 46.42
N ALA C 494 -21.43 15.86 46.22
CA ALA C 494 -20.62 16.82 45.47
C ALA C 494 -19.40 17.24 46.27
N THR C 495 -19.50 17.21 47.60
CA THR C 495 -18.35 17.55 48.44
C THR C 495 -17.26 16.50 48.33
N CYS C 496 -17.64 15.22 48.41
CA CYS C 496 -16.66 14.14 48.41
C CYS C 496 -15.92 14.05 47.09
N ILE C 497 -16.58 14.43 45.99
CA ILE C 497 -15.88 14.56 44.73
C ILE C 497 -14.94 15.76 44.78
N SER C 498 -15.40 16.86 45.37
CA SER C 498 -14.61 18.09 45.40
C SER C 498 -13.42 17.95 46.35
N VAL C 499 -13.58 17.17 47.41
CA VAL C 499 -12.47 16.94 48.34
C VAL C 499 -11.42 16.05 47.69
N LYS C 500 -11.87 14.96 47.05
CA LYS C 500 -10.94 14.00 46.48
C LYS C 500 -10.22 14.57 45.27
N GLU C 501 -10.92 15.36 44.45
CA GLU C 501 -10.27 15.99 43.32
C GLU C 501 -9.37 17.15 43.77
N GLY C 502 -9.75 17.82 44.86
CA GLY C 502 -8.95 18.93 45.33
C GLY C 502 -7.59 18.50 45.84
N ILE C 503 -7.53 17.32 46.46
CA ILE C 503 -6.23 16.77 46.86
C ILE C 503 -5.46 16.31 45.64
N ALA C 504 -6.15 15.68 44.68
CA ALA C 504 -5.49 15.05 43.55
C ALA C 504 -4.89 16.06 42.59
N ILE C 505 -5.57 17.20 42.40
CA ILE C 505 -4.99 18.28 41.61
C ILE C 505 -3.78 18.87 42.33
N PHE C 506 -3.85 18.93 43.67
CA PHE C 506 -2.75 19.49 44.44
C PHE C 506 -1.54 18.55 44.44
N LEU C 507 -1.76 17.27 44.11
CA LEU C 507 -0.64 16.34 44.00
C LEU C 507 0.19 16.62 42.76
N LEU C 508 -0.44 17.14 41.71
CA LEU C 508 0.29 17.52 40.51
C LEU C 508 0.37 19.05 40.46
N GLN C 514 1.78 19.42 28.77
CA GLN C 514 1.90 18.43 29.84
C GLN C 514 0.54 17.90 30.28
N SER C 515 -0.23 18.76 30.93
CA SER C 515 -1.38 18.30 31.71
C SER C 515 -2.68 18.37 30.91
N ILE C 516 -2.90 19.50 30.21
CA ILE C 516 -4.21 19.73 29.60
C ILE C 516 -4.39 18.95 28.31
N LEU C 517 -3.32 18.29 27.83
CA LEU C 517 -3.43 17.46 26.65
C LEU C 517 -4.21 16.19 26.94
N SER C 518 -4.13 15.69 28.18
CA SER C 518 -4.77 14.44 28.55
C SER C 518 -5.10 14.41 30.03
N ASP C 519 -6.40 14.35 30.31
CA ASP C 519 -7.01 13.85 31.55
C ASP C 519 -6.84 14.75 32.78
N ALA C 520 -5.90 15.69 32.75
CA ALA C 520 -5.75 16.57 33.89
C ALA C 520 -6.66 17.77 33.74
N TRP C 521 -6.81 18.25 32.50
CA TRP C 521 -7.88 19.20 32.18
C TRP C 521 -9.25 18.60 32.47
N PHE C 522 -9.40 17.29 32.26
CA PHE C 522 -10.66 16.63 32.59
C PHE C 522 -10.90 16.61 34.09
N HIS C 523 -9.87 16.26 34.88
CA HIS C 523 -10.02 16.27 36.34
C HIS C 523 -10.15 17.68 36.89
N PHE C 524 -9.78 18.70 36.10
CA PHE C 524 -10.10 20.07 36.47
C PHE C 524 -11.61 20.30 36.44
N VAL C 525 -12.26 19.85 35.36
CA VAL C 525 -13.66 20.18 35.13
C VAL C 525 -14.56 19.46 36.13
N PHE C 526 -14.16 18.26 36.55
CA PHE C 526 -14.87 17.57 37.64
C PHE C 526 -14.81 18.38 38.93
N PHE C 527 -13.67 19.01 39.21
CA PHE C 527 -13.56 19.79 40.43
C PHE C 527 -14.32 21.10 40.31
N VAL C 528 -14.29 21.73 39.13
CA VAL C 528 -14.93 23.03 38.94
C VAL C 528 -16.44 22.88 39.02
N GLN C 529 -16.98 21.82 38.42
CA GLN C 529 -18.42 21.61 38.41
C GLN C 529 -18.94 21.28 39.80
N ALA C 530 -18.11 20.64 40.63
CA ALA C 530 -18.54 20.30 41.99
C ALA C 530 -18.60 21.53 42.87
N VAL C 531 -17.66 22.47 42.69
CA VAL C 531 -17.58 23.63 43.56
C VAL C 531 -18.73 24.59 43.26
N LEU C 532 -19.06 24.76 41.98
CA LEU C 532 -20.09 25.72 41.60
C LEU C 532 -21.47 25.27 42.04
N VAL C 533 -21.66 23.96 42.22
CA VAL C 533 -22.87 23.48 42.89
C VAL C 533 -22.88 23.92 44.35
N ILE C 534 -21.75 23.78 45.01
CA ILE C 534 -21.65 24.15 46.41
C ILE C 534 -21.68 25.68 46.56
N LEU C 535 -21.09 26.39 45.58
CA LEU C 535 -20.99 27.83 45.69
C LEU C 535 -22.33 28.52 45.46
N SER C 536 -23.14 27.98 44.55
CA SER C 536 -24.39 28.65 44.18
C SER C 536 -25.42 28.56 45.31
N VAL C 537 -25.45 27.44 46.01
CA VAL C 537 -26.39 27.29 47.13
C VAL C 537 -25.96 28.16 48.30
N PHE C 538 -24.65 28.35 48.47
CA PHE C 538 -24.16 29.23 49.52
C PHE C 538 -24.42 30.70 49.21
N LEU C 539 -24.67 31.03 47.94
CA LEU C 539 -25.11 32.38 47.61
C LEU C 539 -26.56 32.60 48.03
N TYR C 540 -27.35 31.52 48.09
CA TYR C 540 -28.73 31.64 48.54
C TYR C 540 -28.79 31.88 50.04
N LEU C 541 -27.78 31.41 50.79
CA LEU C 541 -27.74 31.67 52.22
C LEU C 541 -27.48 33.14 52.51
N PHE C 542 -26.60 33.78 51.74
CA PHE C 542 -26.36 35.21 51.86
C PHE C 542 -27.21 36.02 50.90
N ALA C 543 -28.14 35.37 50.20
CA ALA C 543 -29.25 35.95 49.45
C ALA C 543 -28.82 36.87 48.31
N TYR C 544 -27.60 36.77 47.83
CA TYR C 544 -27.22 37.48 46.62
C TYR C 544 -27.88 36.83 45.41
N LYS C 545 -28.36 37.67 44.49
CA LYS C 545 -29.36 37.25 43.50
C LYS C 545 -28.78 36.30 42.46
N GLU C 546 -27.45 36.30 42.31
CA GLU C 546 -26.79 35.48 41.31
C GLU C 546 -26.72 34.00 41.67
N TYR C 547 -27.43 33.57 42.72
CA TYR C 547 -27.46 32.16 43.09
C TYR C 547 -28.17 31.33 42.02
N LEU C 548 -29.16 31.93 41.35
CA LEU C 548 -29.88 31.20 40.31
C LEU C 548 -29.03 31.09 39.05
N ALA C 549 -28.30 32.16 38.72
CA ALA C 549 -27.49 32.16 37.50
C ALA C 549 -26.28 31.25 37.63
N CYS C 550 -25.70 31.17 38.83
CA CYS C 550 -24.59 30.24 39.06
C CYS C 550 -25.09 28.80 39.10
N LEU C 551 -26.37 28.61 39.41
CA LEU C 551 -26.92 27.26 39.46
C LEU C 551 -27.09 26.69 38.05
N VAL C 552 -27.37 27.56 37.08
CA VAL C 552 -27.56 27.11 35.70
C VAL C 552 -26.22 26.69 35.10
N LEU C 553 -25.17 27.46 35.39
CA LEU C 553 -23.83 27.13 34.90
C LEU C 553 -23.31 25.85 35.52
N ALA C 554 -23.70 25.57 36.76
CA ALA C 554 -23.32 24.32 37.42
C ALA C 554 -24.03 23.14 36.76
N MET C 555 -25.31 23.31 36.42
CA MET C 555 -26.04 22.23 35.77
C MET C 555 -25.60 22.06 34.32
N ALA C 556 -25.07 23.13 33.72
CA ALA C 556 -24.59 23.05 32.34
C ALA C 556 -23.34 22.18 32.26
N LEU C 557 -22.39 22.40 33.17
CA LEU C 557 -21.15 21.64 33.14
C LEU C 557 -21.35 20.24 33.73
N GLY C 558 -22.47 20.03 34.41
CA GLY C 558 -22.80 18.69 34.89
C GLY C 558 -23.07 17.72 33.75
N TRP C 559 -23.60 18.23 32.65
CA TRP C 559 -23.78 17.38 31.48
C TRP C 559 -22.51 17.34 30.64
N ALA C 560 -21.63 18.32 30.82
CA ALA C 560 -20.34 18.28 30.15
C ALA C 560 -19.46 17.17 30.74
N ASN C 561 -19.46 17.03 32.06
CA ASN C 561 -18.77 15.89 32.66
C ASN C 561 -19.54 14.59 32.43
N MET C 562 -20.83 14.68 32.13
CA MET C 562 -21.56 13.47 31.74
C MET C 562 -21.08 12.96 30.40
N LEU C 563 -20.66 13.88 29.52
CA LEU C 563 -20.00 13.49 28.28
C LEU C 563 -18.61 12.94 28.56
N ALA C 564 -18.03 13.30 29.71
CA ALA C 564 -16.66 12.89 30.00
C ALA C 564 -16.57 11.42 30.38
N TYR C 565 -17.67 10.82 30.83
CA TYR C 565 -17.63 9.37 31.04
C TYR C 565 -17.83 8.58 29.77
N THR C 566 -18.14 9.23 28.65
CA THR C 566 -18.47 8.48 27.44
C THR C 566 -17.22 7.84 26.82
N ARG C 567 -16.03 8.36 27.16
CA ARG C 567 -14.80 7.74 26.69
C ARG C 567 -14.58 6.39 27.34
N GLY C 568 -15.17 6.17 28.52
CA GLY C 568 -14.94 4.95 29.27
C GLY C 568 -15.54 3.70 28.66
N PHE C 569 -16.37 3.83 27.63
CA PHE C 569 -16.79 2.67 26.88
C PHE C 569 -15.64 2.22 25.97
N GLN C 570 -15.71 0.97 25.52
CA GLN C 570 -14.63 0.37 24.75
C GLN C 570 -14.46 1.06 23.39
N SER C 571 -15.56 1.54 22.82
CA SER C 571 -15.48 2.08 21.47
C SER C 571 -15.89 3.54 21.37
N MET C 572 -17.09 3.85 21.87
CA MET C 572 -17.88 4.96 21.34
C MET C 572 -17.33 6.34 21.64
N GLY C 573 -16.74 6.54 22.82
CA GLY C 573 -16.21 7.86 23.14
C GLY C 573 -14.84 8.08 22.51
N MET C 574 -14.08 7.00 22.37
CA MET C 574 -12.62 7.13 22.27
C MET C 574 -12.17 7.62 20.89
N TYR C 575 -12.88 7.27 19.83
CA TYR C 575 -12.55 7.90 18.55
C TYR C 575 -12.97 9.36 18.52
N SER C 576 -13.96 9.72 19.34
CA SER C 576 -14.45 11.09 19.39
C SER C 576 -13.62 11.93 20.35
N VAL C 577 -13.34 11.39 21.55
CA VAL C 577 -12.77 12.21 22.62
C VAL C 577 -11.35 12.63 22.30
N MET C 578 -10.54 11.71 21.76
CA MET C 578 -9.20 12.12 21.35
C MET C 578 -9.21 12.95 20.08
N ILE C 579 -10.30 12.90 19.32
CA ILE C 579 -10.34 13.79 18.18
C ILE C 579 -11.03 15.11 18.56
N GLN C 580 -11.74 15.14 19.69
CA GLN C 580 -12.08 16.44 20.30
C GLN C 580 -10.84 17.24 20.66
N LYS C 581 -9.74 16.55 21.01
CA LYS C 581 -8.45 17.24 21.08
C LYS C 581 -8.07 17.80 19.72
N VAL C 582 -8.35 17.05 18.66
CA VAL C 582 -7.90 17.43 17.33
C VAL C 582 -8.89 18.38 16.65
N ILE C 583 -10.19 18.12 16.76
CA ILE C 583 -11.16 18.91 16.00
C ILE C 583 -11.35 20.28 16.65
N LEU C 584 -11.04 20.42 17.94
CA LEU C 584 -11.06 21.76 18.54
C LEU C 584 -9.82 22.53 18.13
N HIS C 585 -8.77 21.82 17.74
CA HIS C 585 -7.57 22.53 17.28
C HIS C 585 -7.75 23.01 15.85
N ASP C 586 -8.26 22.14 14.96
CA ASP C 586 -8.20 22.40 13.53
C ASP C 586 -9.35 23.29 13.07
N VAL C 587 -10.49 23.20 13.74
CA VAL C 587 -11.64 23.98 13.30
C VAL C 587 -11.57 25.39 13.87
N LEU C 588 -11.04 25.53 15.09
CA LEU C 588 -10.93 26.85 15.70
C LEU C 588 -9.91 27.72 14.98
N LYS C 589 -8.83 27.12 14.49
CA LYS C 589 -7.88 27.89 13.70
C LYS C 589 -8.48 28.28 12.36
N PHE C 590 -9.39 27.45 11.84
CA PHE C 590 -10.19 27.87 10.70
C PHE C 590 -11.18 28.94 11.11
N LEU C 591 -11.76 28.81 12.30
CA LEU C 591 -12.73 29.80 12.76
C LEU C 591 -12.05 31.10 13.16
N PHE C 592 -10.82 31.04 13.66
CA PHE C 592 -10.08 32.27 13.94
C PHE C 592 -9.73 33.00 12.65
N VAL C 593 -9.55 32.25 11.56
CA VAL C 593 -9.50 32.85 10.24
C VAL C 593 -10.88 33.39 9.87
N TYR C 594 -11.92 32.58 10.06
CA TYR C 594 -13.23 32.88 9.48
C TYR C 594 -13.93 34.02 10.19
N ILE C 595 -13.79 34.11 11.52
CA ILE C 595 -14.32 35.25 12.25
C ILE C 595 -13.59 36.53 11.84
N LEU C 596 -12.28 36.43 11.62
CA LEU C 596 -11.55 37.56 11.07
C LEU C 596 -11.91 37.76 9.60
N PHE C 597 -12.24 36.68 8.91
CA PHE C 597 -12.74 36.81 7.54
C PHE C 597 -14.13 37.42 7.54
N LEU C 598 -14.88 37.20 8.62
CA LEU C 598 -16.21 37.79 8.75
C LEU C 598 -16.13 39.30 8.97
N LEU C 599 -15.28 39.74 9.89
CA LEU C 599 -15.31 41.14 10.31
C LEU C 599 -14.67 42.05 9.27
N GLY C 600 -13.89 41.49 8.36
CA GLY C 600 -13.36 42.29 7.27
C GLY C 600 -14.42 42.70 6.27
N PHE C 601 -15.29 41.75 5.90
CA PHE C 601 -16.42 42.07 5.04
C PHE C 601 -17.49 42.87 5.79
N GLY C 602 -17.53 42.72 7.12
CA GLY C 602 -18.58 43.37 7.89
C GLY C 602 -18.42 44.88 7.95
N VAL C 603 -17.18 45.35 8.05
CA VAL C 603 -16.95 46.78 8.09
C VAL C 603 -16.99 47.36 6.67
N ALA C 604 -16.80 46.50 5.67
CA ALA C 604 -16.83 46.96 4.29
C ALA C 604 -18.25 47.32 3.86
N LEU C 605 -19.21 46.45 4.17
CA LEU C 605 -20.60 46.72 3.79
C LEU C 605 -21.23 47.75 4.70
N ALA C 606 -20.69 47.90 5.92
CA ALA C 606 -21.17 48.96 6.80
C ALA C 606 -20.77 50.33 6.28
N SER C 607 -19.67 50.39 5.53
CA SER C 607 -19.32 51.62 4.83
C SER C 607 -20.22 51.91 3.64
N LEU C 608 -20.93 50.90 3.13
CA LEU C 608 -21.92 51.10 2.07
C LEU C 608 -23.18 51.66 2.69
N ILE C 609 -23.53 52.89 2.33
CA ILE C 609 -24.71 53.54 2.87
C ILE C 609 -25.81 53.61 1.82
N GLY C 623 -25.86 49.50 17.87
CA GLY C 623 -24.81 49.76 16.91
C GLY C 623 -25.11 49.21 15.51
N SER C 624 -24.94 50.07 14.51
CA SER C 624 -25.15 49.64 13.13
C SER C 624 -24.05 48.70 12.67
N PHE C 625 -22.86 48.82 13.26
CA PHE C 625 -21.78 47.89 12.97
C PHE C 625 -22.10 46.48 13.48
N SER C 626 -22.70 46.40 14.67
CA SER C 626 -23.11 45.09 15.18
C SER C 626 -24.28 44.53 14.40
N ASP C 627 -25.13 45.41 13.86
CA ASP C 627 -26.23 44.97 13.01
C ASP C 627 -25.70 44.44 11.68
N ALA C 628 -24.60 45.02 11.19
CA ALA C 628 -24.00 44.55 9.94
C ALA C 628 -23.40 43.16 10.10
N VAL C 629 -22.94 42.84 11.31
CA VAL C 629 -22.49 41.48 11.61
C VAL C 629 -23.68 40.52 11.57
N LEU C 630 -24.81 40.95 12.13
CA LEU C 630 -25.99 40.11 12.17
C LEU C 630 -26.62 39.96 10.79
N GLU C 631 -26.49 40.98 9.94
CA GLU C 631 -26.96 40.87 8.57
C GLU C 631 -26.13 39.88 7.76
N LEU C 632 -24.81 39.91 7.96
CA LEU C 632 -23.93 39.08 7.14
C LEU C 632 -23.93 37.65 7.64
N PHE C 633 -24.29 37.44 8.91
CA PHE C 633 -24.41 36.08 9.43
C PHE C 633 -25.67 35.42 8.89
N LYS C 634 -26.66 36.23 8.49
CA LYS C 634 -27.86 35.70 7.82
C LYS C 634 -27.51 35.14 6.45
N LEU C 635 -26.46 35.68 5.83
CA LEU C 635 -26.05 35.20 4.51
C LEU C 635 -25.47 33.79 4.60
N THR C 636 -24.80 33.47 5.71
CA THR C 636 -24.39 32.09 5.97
C THR C 636 -25.61 31.20 6.16
N ILE C 637 -26.64 31.73 6.82
CA ILE C 637 -27.91 31.01 6.94
C ILE C 637 -28.67 31.00 5.61
N GLY C 638 -28.62 32.09 4.85
CA GLY C 638 -29.43 32.26 3.67
C GLY C 638 -30.65 33.11 3.87
N LEU C 639 -30.70 33.90 4.94
CA LEU C 639 -31.90 34.64 5.27
C LEU C 639 -31.97 35.97 4.50
N GLY C 640 -30.81 36.53 4.17
CA GLY C 640 -30.79 37.74 3.37
C GLY C 640 -31.19 37.47 1.93
N ASP C 641 -31.88 38.44 1.34
CA ASP C 641 -32.48 38.26 0.03
C ASP C 641 -32.32 39.52 -0.81
N LEU C 642 -33.13 39.61 -1.87
CA LEU C 642 -32.90 40.61 -2.90
C LEU C 642 -33.32 42.01 -2.45
N ASN C 643 -34.31 42.11 -1.57
CA ASN C 643 -34.84 43.41 -1.21
C ASN C 643 -33.90 44.16 -0.27
N ILE C 644 -33.12 43.44 0.52
CA ILE C 644 -32.16 44.10 1.40
C ILE C 644 -30.93 44.52 0.60
N GLN C 645 -30.76 43.98 -0.61
CA GLN C 645 -29.66 44.38 -1.47
C GLN C 645 -29.84 45.77 -2.06
N GLN C 646 -31.06 46.31 -2.06
CA GLN C 646 -31.35 47.59 -2.70
C GLN C 646 -30.75 48.71 -1.82
N ASN C 647 -29.47 48.96 -2.07
CA ASN C 647 -28.70 49.87 -1.23
C ASN C 647 -29.02 51.33 -1.60
N SER C 648 -28.50 52.25 -0.79
CA SER C 648 -28.68 53.67 -1.07
C SER C 648 -27.52 54.24 -1.89
N THR C 649 -26.30 53.80 -1.61
CA THR C 649 -25.12 54.25 -2.32
C THR C 649 -24.44 53.09 -3.04
N TYR C 650 -24.15 53.29 -4.33
CA TYR C 650 -23.40 52.40 -5.20
C TYR C 650 -23.95 50.98 -5.23
N PRO C 651 -25.06 50.74 -5.95
CA PRO C 651 -25.60 49.38 -6.00
C PRO C 651 -24.71 48.42 -6.76
N ILE C 652 -23.90 48.92 -7.69
CA ILE C 652 -22.97 48.07 -8.43
C ILE C 652 -21.82 47.62 -7.53
N LEU C 653 -21.43 48.48 -6.59
CA LEU C 653 -20.34 48.11 -5.68
C LEU C 653 -20.85 47.23 -4.54
N PHE C 654 -22.11 47.42 -4.15
CA PHE C 654 -22.69 46.57 -3.12
C PHE C 654 -23.00 45.18 -3.66
N LEU C 655 -23.24 45.08 -4.98
CA LEU C 655 -23.49 43.79 -5.60
C LEU C 655 -22.21 42.97 -5.68
N PHE C 656 -21.06 43.64 -5.72
CA PHE C 656 -19.80 42.93 -5.84
C PHE C 656 -19.38 42.33 -4.51
N LEU C 657 -19.50 43.09 -3.42
CA LEU C 657 -18.93 42.67 -2.14
C LEU C 657 -19.75 41.55 -1.51
N LEU C 658 -21.00 41.39 -1.93
CA LEU C 658 -21.80 40.26 -1.48
C LEU C 658 -21.32 38.97 -2.11
N ILE C 659 -21.25 38.94 -3.44
CA ILE C 659 -21.01 37.68 -4.16
C ILE C 659 -19.57 37.22 -3.98
N THR C 660 -18.65 38.14 -3.67
CA THR C 660 -17.28 37.73 -3.36
C THR C 660 -17.22 37.06 -2.01
N TYR C 661 -18.07 37.48 -1.07
CA TYR C 661 -18.08 36.83 0.23
C TYR C 661 -18.77 35.48 0.17
N VAL C 662 -19.76 35.33 -0.72
CA VAL C 662 -20.50 34.07 -0.82
C VAL C 662 -19.60 32.97 -1.35
N ILE C 663 -18.88 33.26 -2.43
CA ILE C 663 -18.05 32.26 -3.10
C ILE C 663 -16.86 31.88 -2.22
N LEU C 664 -16.20 32.88 -1.63
CA LEU C 664 -15.02 32.63 -0.80
C LEU C 664 -15.36 31.87 0.47
N THR C 665 -16.59 32.06 1.00
CA THR C 665 -17.04 31.24 2.11
C THR C 665 -17.24 29.80 1.65
N PHE C 666 -17.76 29.63 0.44
CA PHE C 666 -17.89 28.29 -0.14
C PHE C 666 -16.53 27.72 -0.49
N VAL C 667 -15.54 28.59 -0.71
CA VAL C 667 -14.16 28.11 -0.87
C VAL C 667 -13.61 27.63 0.46
N LEU C 668 -13.70 28.48 1.49
CA LEU C 668 -13.02 28.20 2.76
C LEU C 668 -13.68 27.06 3.52
N LEU C 669 -15.01 27.01 3.53
CA LEU C 669 -15.70 25.96 4.28
C LEU C 669 -15.53 24.61 3.60
N LEU C 670 -15.37 24.61 2.28
CA LEU C 670 -15.02 23.38 1.61
C LEU C 670 -13.57 23.01 1.87
N ASN C 671 -12.71 24.00 2.10
CA ASN C 671 -11.28 23.73 2.23
C ASN C 671 -10.95 23.05 3.55
N MET C 672 -11.56 23.52 4.64
CA MET C 672 -11.33 22.87 5.94
C MET C 672 -12.00 21.51 5.98
N LEU C 673 -13.04 21.33 5.17
CA LEU C 673 -13.66 20.01 5.01
C LEU C 673 -12.70 19.02 4.37
N ILE C 674 -11.98 19.48 3.34
CA ILE C 674 -11.05 18.59 2.65
C ILE C 674 -9.81 18.35 3.50
N ALA C 675 -9.27 19.42 4.10
CA ALA C 675 -7.96 19.33 4.73
C ALA C 675 -8.02 18.55 6.03
N LEU C 676 -9.20 18.47 6.64
CA LEU C 676 -9.33 17.67 7.86
C LEU C 676 -9.28 16.18 7.53
N MET C 677 -9.82 15.80 6.38
CA MET C 677 -9.86 14.39 6.01
C MET C 677 -8.47 13.87 5.65
N GLY C 678 -7.72 14.65 4.88
CA GLY C 678 -6.43 14.20 4.41
C GLY C 678 -5.38 14.16 5.51
N GLU C 679 -5.56 14.99 6.54
CA GLU C 679 -4.57 15.03 7.61
C GLU C 679 -4.90 14.02 8.70
N THR C 680 -6.16 13.97 9.14
CA THR C 680 -6.53 13.14 10.28
C THR C 680 -6.74 11.67 9.92
N VAL C 681 -6.49 11.27 8.67
CA VAL C 681 -6.64 9.87 8.30
C VAL C 681 -5.45 9.07 8.81
N GLU C 682 -5.74 7.95 9.48
CA GLU C 682 -4.83 6.84 9.78
C GLU C 682 -3.76 7.19 10.83
N ASN C 683 -3.65 8.47 11.20
CA ASN C 683 -2.72 8.84 12.26
C ASN C 683 -3.46 9.17 13.55
N VAL C 684 -4.48 10.01 13.46
CA VAL C 684 -5.38 10.23 14.59
C VAL C 684 -6.28 9.01 14.77
N SER C 685 -6.54 8.30 13.67
CA SER C 685 -7.35 7.10 13.72
C SER C 685 -6.70 5.99 14.52
N LYS C 686 -5.37 5.91 14.50
CA LYS C 686 -4.68 4.93 15.33
C LYS C 686 -4.39 5.47 16.72
N GLU C 687 -4.16 6.78 16.84
CA GLU C 687 -3.79 7.34 18.14
C GLU C 687 -4.99 7.38 19.08
N SER C 688 -6.20 7.23 18.53
CA SER C 688 -7.41 7.16 19.35
C SER C 688 -7.38 5.95 20.28
N GLU C 689 -7.14 4.76 19.73
CA GLU C 689 -7.18 3.58 20.60
C GLU C 689 -5.91 3.44 21.41
N ARG C 690 -4.85 4.18 21.05
CA ARG C 690 -3.68 4.29 21.93
C ARG C 690 -4.06 4.86 23.29
N ILE C 691 -4.77 5.99 23.29
CA ILE C 691 -5.10 6.65 24.55
C ILE C 691 -6.21 5.89 25.24
N TRP C 692 -7.02 5.18 24.46
CA TRP C 692 -8.00 4.26 25.02
C TRP C 692 -7.33 3.15 25.82
N ARG C 693 -6.18 2.66 25.33
CA ARG C 693 -5.42 1.73 26.13
C ARG C 693 -4.76 2.44 27.31
N LEU C 694 -4.58 3.76 27.21
CA LEU C 694 -3.99 4.50 28.31
C LEU C 694 -5.03 4.85 29.37
N GLN C 695 -6.03 5.64 28.98
CA GLN C 695 -6.91 6.26 29.98
C GLN C 695 -7.80 5.26 30.66
N ARG C 696 -8.09 4.13 30.02
CA ARG C 696 -8.67 3.02 30.75
C ARG C 696 -7.72 2.51 31.81
N ALA C 697 -6.50 2.16 31.39
CA ALA C 697 -5.53 1.57 32.30
C ALA C 697 -5.02 2.61 33.29
N ARG C 698 -5.11 3.89 32.93
CA ARG C 698 -4.88 4.95 33.90
C ARG C 698 -5.86 4.85 35.05
N THR C 699 -7.15 4.76 34.73
CA THR C 699 -8.17 4.79 35.76
C THR C 699 -8.23 3.51 36.55
N ILE C 700 -7.79 2.40 35.96
CA ILE C 700 -7.86 1.10 36.62
C ILE C 700 -6.98 1.09 37.86
N LEU C 701 -5.76 1.57 37.73
CA LEU C 701 -4.90 1.67 38.90
C LEU C 701 -5.35 2.82 39.78
N GLU C 702 -6.02 3.82 39.20
CA GLU C 702 -6.60 4.88 40.01
C GLU C 702 -7.77 4.36 40.84
N PHE C 703 -8.49 3.37 40.33
CA PHE C 703 -9.48 2.70 41.17
C PHE C 703 -8.82 1.81 42.21
N GLU C 704 -7.61 1.32 41.90
CA GLU C 704 -6.98 0.33 42.76
C GLU C 704 -6.60 0.91 44.11
N LYS C 705 -6.12 2.16 44.12
CA LYS C 705 -5.76 2.80 45.38
C LYS C 705 -7.00 3.20 46.17
N MET C 706 -8.16 3.25 45.51
CA MET C 706 -9.38 3.64 46.20
C MET C 706 -9.94 2.49 47.04
N LEU C 707 -9.59 1.27 46.69
CA LEU C 707 -10.02 0.08 47.43
C LEU C 707 -9.33 0.01 48.79
N PRO C 708 -9.96 -0.57 49.81
CA PRO C 708 -9.27 -0.78 51.07
C PRO C 708 -8.29 -1.95 50.98
N GLU C 709 -7.43 -2.01 51.99
CA GLU C 709 -6.35 -2.99 51.97
C GLU C 709 -6.86 -4.39 52.24
N TRP C 710 -7.82 -4.53 53.16
CA TRP C 710 -8.32 -5.84 53.53
C TRP C 710 -9.11 -6.47 52.39
N LEU C 711 -9.80 -5.65 51.61
CA LEU C 711 -10.52 -6.20 50.47
C LEU C 711 -9.58 -6.47 49.31
N ARG C 712 -8.52 -5.67 49.19
CA ARG C 712 -7.44 -5.97 48.27
C ARG C 712 -6.76 -7.28 48.65
N SER C 713 -6.69 -7.57 49.94
CA SER C 713 -5.99 -8.75 50.42
C SER C 713 -6.72 -10.04 50.01
N ARG C 714 -8.02 -9.96 49.80
CA ARG C 714 -8.75 -11.10 49.27
C ARG C 714 -8.34 -11.28 47.82
N PHE C 715 -8.45 -10.22 47.04
CA PHE C 715 -8.19 -10.29 45.61
C PHE C 715 -6.71 -10.16 45.31
N ARG C 716 -5.98 -11.27 45.37
CA ARG C 716 -4.59 -11.28 44.97
C ARG C 716 -4.45 -12.23 43.80
N MET C 717 -4.06 -11.70 42.66
CA MET C 717 -3.92 -12.52 41.48
C MET C 717 -2.66 -13.36 41.60
N GLY C 718 -2.63 -14.46 40.87
CA GLY C 718 -1.51 -15.38 40.97
C GLY C 718 -1.56 -16.23 42.23
N GLU C 719 -0.50 -17.01 42.42
CA GLU C 719 -0.47 -17.97 43.51
C GLU C 719 0.95 -18.26 43.93
N LEU C 720 1.11 -18.60 45.20
CA LEU C 720 2.42 -18.95 45.73
C LEU C 720 2.85 -20.31 45.23
N CYS C 721 3.97 -20.35 44.51
CA CYS C 721 4.44 -21.60 43.94
C CYS C 721 5.94 -21.72 44.19
N LYS C 722 6.42 -22.96 44.09
CA LYS C 722 7.82 -23.30 44.36
C LYS C 722 8.49 -23.64 43.04
N VAL C 723 9.43 -22.81 42.61
CA VAL C 723 10.12 -23.09 41.35
C VAL C 723 11.47 -23.74 41.61
N ALA C 724 12.01 -23.59 42.80
CA ALA C 724 13.35 -24.10 43.08
C ALA C 724 13.47 -24.36 44.57
N ASP C 725 14.64 -24.88 44.95
CA ASP C 725 14.90 -25.19 46.35
C ASP C 725 15.00 -23.92 47.16
N GLU C 726 14.30 -23.91 48.30
CA GLU C 726 14.22 -22.79 49.25
C GLU C 726 13.71 -21.51 48.58
N ASP C 727 12.82 -21.65 47.61
CA ASP C 727 12.24 -20.49 46.94
C ASP C 727 10.74 -20.68 46.80
N PHE C 728 10.00 -19.62 47.05
CA PHE C 728 8.54 -19.63 46.94
C PHE C 728 8.11 -18.27 46.41
N ARG C 729 7.39 -18.28 45.29
CA ARG C 729 7.08 -17.03 44.60
C ARG C 729 5.63 -17.01 44.17
N LEU C 730 5.07 -15.80 44.15
CA LEU C 730 3.77 -15.56 43.55
C LEU C 730 3.97 -15.35 42.06
N CYS C 731 3.31 -16.17 41.26
CA CYS C 731 3.50 -16.12 39.81
C CYS C 731 2.15 -16.27 39.12
N LEU C 732 2.10 -15.80 37.87
CA LEU C 732 0.88 -15.81 37.08
C LEU C 732 0.95 -16.89 36.02
N ARG C 733 -0.12 -17.68 35.93
CA ARG C 733 -0.20 -18.82 35.02
C ARG C 733 -0.92 -18.40 33.75
N ILE C 734 -0.32 -18.68 32.60
CA ILE C 734 -0.92 -18.43 31.30
C ILE C 734 -0.71 -19.66 30.42
N ASN C 735 -1.80 -20.16 29.85
CA ASN C 735 -1.77 -21.28 28.93
C ASN C 735 -1.63 -20.75 27.52
N GLU C 736 -0.92 -21.49 26.68
CA GLU C 736 -0.77 -21.11 25.28
C GLU C 736 -0.48 -22.35 24.44
N VAL C 737 -0.63 -22.19 23.12
CA VAL C 737 -0.49 -23.27 22.16
C VAL C 737 0.46 -22.81 21.06
N LYS C 738 1.50 -23.62 20.79
CA LYS C 738 2.37 -23.41 19.64
C LYS C 738 2.33 -24.65 18.77
N TRP C 739 2.59 -24.47 17.48
CA TRP C 739 2.62 -25.57 16.54
C TRP C 739 3.86 -25.62 15.68
N THR C 740 4.49 -24.49 15.41
CA THR C 740 5.42 -24.37 14.29
C THR C 740 6.71 -25.12 14.56
N GLU C 741 7.46 -24.69 15.57
CA GLU C 741 8.67 -25.38 15.94
C GLU C 741 8.28 -26.55 16.82
N TRP C 742 9.20 -27.49 16.96
CA TRP C 742 8.95 -28.72 17.70
C TRP C 742 10.21 -29.09 18.46
N LYS C 743 10.08 -29.22 19.77
CA LYS C 743 11.21 -29.61 20.60
C LYS C 743 10.74 -30.55 21.70
N THR C 744 11.57 -31.52 22.04
CA THR C 744 11.31 -32.32 23.22
C THR C 744 11.57 -31.48 24.45
N HIS C 745 10.89 -31.81 25.54
CA HIS C 745 10.90 -30.94 26.70
C HIS C 745 11.73 -31.55 27.81
N VAL C 746 12.58 -30.73 28.41
CA VAL C 746 13.44 -31.18 29.51
C VAL C 746 13.26 -30.37 30.77
N SER C 747 12.73 -29.14 30.70
CA SER C 747 12.56 -28.29 31.86
C SER C 747 11.09 -28.33 32.28
N PHE C 748 10.85 -28.66 33.53
CA PHE C 748 9.50 -28.93 34.02
C PHE C 748 9.33 -28.31 35.39
N LEU C 749 8.17 -27.70 35.62
CA LEU C 749 7.77 -27.47 37.00
C LEU C 749 7.16 -28.72 37.59
N ASN C 750 6.41 -29.47 36.77
CA ASN C 750 5.75 -30.68 37.21
C ASN C 750 5.87 -31.75 36.14
N GLU C 751 5.62 -32.99 36.54
CA GLU C 751 5.52 -34.06 35.57
C GLU C 751 4.12 -34.14 34.99
N ASP C 752 3.11 -33.90 35.81
CA ASP C 752 1.74 -34.09 35.39
C ASP C 752 1.23 -32.81 34.75
N PRO C 753 0.70 -32.86 33.52
CA PRO C 753 0.30 -31.62 32.85
C PRO C 753 -0.89 -30.92 33.47
N GLY C 754 -1.98 -31.63 33.70
CA GLY C 754 -3.25 -31.00 33.98
C GLY C 754 -3.34 -30.32 35.33
N PRO C 755 -4.35 -29.46 35.50
CA PRO C 755 -4.61 -28.86 36.80
C PRO C 755 -5.09 -29.91 37.79
N ILE C 756 -4.50 -29.91 38.97
CA ILE C 756 -4.89 -30.85 40.01
C ILE C 756 -5.87 -30.19 40.97
N LYS D 115 38.66 4.99 -63.08
CA LYS D 115 39.97 4.34 -63.11
C LYS D 115 40.70 4.51 -61.80
N LYS D 116 41.55 5.54 -61.72
CA LYS D 116 42.28 5.78 -60.49
C LYS D 116 41.39 6.44 -59.42
N LYS D 117 40.32 7.10 -59.84
CA LYS D 117 39.35 7.59 -58.86
C LYS D 117 38.48 6.46 -58.34
N ARG D 118 38.25 5.44 -59.17
CA ARG D 118 37.67 4.18 -58.70
C ARG D 118 38.59 3.49 -57.70
N LEU D 119 39.91 3.64 -57.91
CA LEU D 119 40.88 3.01 -57.03
C LEU D 119 40.81 3.58 -55.63
N LYS D 120 40.50 4.88 -55.52
CA LYS D 120 40.32 5.51 -54.23
C LYS D 120 39.10 4.94 -53.51
N LYS D 121 37.99 4.77 -54.23
CA LYS D 121 36.78 4.26 -53.62
C LYS D 121 36.90 2.77 -53.31
N ARG D 122 37.70 2.04 -54.09
CA ARG D 122 37.95 0.64 -53.80
C ARG D 122 38.69 0.48 -52.49
N ILE D 123 39.59 1.42 -52.21
CA ILE D 123 40.25 1.46 -50.91
C ILE D 123 39.24 1.72 -49.81
N PHE D 124 38.33 2.68 -50.03
CA PHE D 124 37.29 2.99 -49.07
C PHE D 124 36.34 1.82 -48.87
N ALA D 125 36.12 1.04 -49.93
CA ALA D 125 35.42 -0.23 -49.75
C ALA D 125 36.27 -1.22 -48.99
N ALA D 126 37.57 -1.25 -49.28
CA ALA D 126 38.47 -2.13 -48.55
C ALA D 126 38.65 -1.63 -47.11
N VAL D 127 38.51 -0.33 -46.91
CA VAL D 127 38.36 0.21 -45.56
C VAL D 127 37.10 -0.35 -44.91
N SER D 128 36.01 -0.41 -45.66
CA SER D 128 34.72 -0.79 -45.11
C SER D 128 34.61 -2.28 -44.82
N GLU D 129 35.60 -3.07 -45.23
CA GLU D 129 35.54 -4.51 -45.07
C GLU D 129 36.82 -4.99 -44.40
N GLY D 130 36.85 -6.28 -44.10
CA GLY D 130 38.02 -6.93 -43.54
C GLY D 130 38.90 -7.64 -44.56
N CYS D 131 38.80 -7.28 -45.84
CA CYS D 131 39.61 -7.94 -46.87
C CYS D 131 41.06 -7.53 -46.74
N VAL D 132 41.83 -8.37 -46.04
CA VAL D 132 43.20 -8.04 -45.66
C VAL D 132 44.10 -7.99 -46.89
N GLU D 133 44.03 -9.03 -47.72
CA GLU D 133 44.91 -9.13 -48.86
C GLU D 133 44.59 -8.08 -49.91
N GLU D 134 43.29 -7.79 -50.08
CA GLU D 134 42.87 -6.78 -51.04
C GLU D 134 43.32 -5.40 -50.59
N LEU D 135 43.36 -5.18 -49.28
CA LEU D 135 43.80 -3.90 -48.76
C LEU D 135 45.30 -3.72 -48.98
N ARG D 136 46.05 -4.81 -48.92
CA ARG D 136 47.50 -4.71 -48.97
C ARG D 136 47.98 -4.39 -50.38
N GLU D 137 47.43 -5.08 -51.37
CA GLU D 137 47.92 -4.95 -52.74
C GLU D 137 47.55 -3.59 -53.34
N LEU D 138 46.46 -2.98 -52.86
CA LEU D 138 46.12 -1.62 -53.30
C LEU D 138 47.13 -0.62 -52.79
N LEU D 139 47.66 -0.86 -51.59
CA LEU D 139 48.72 -0.01 -51.08
C LEU D 139 50.00 -0.19 -51.86
N GLN D 140 50.24 -1.42 -52.34
CA GLN D 140 51.35 -1.66 -53.26
C GLN D 140 51.13 -0.92 -54.56
N ASP D 141 49.88 -0.86 -55.01
CA ASP D 141 49.57 -0.05 -56.19
C ASP D 141 49.72 1.43 -55.90
N LEU D 142 49.33 1.85 -54.70
CA LEU D 142 49.43 3.26 -54.35
C LEU D 142 50.87 3.66 -54.10
N GLN D 143 51.69 2.71 -53.65
CA GLN D 143 53.12 2.96 -53.52
C GLN D 143 53.76 3.18 -54.88
N ASP D 144 53.27 2.47 -55.90
CA ASP D 144 53.80 2.66 -57.24
C ASP D 144 53.36 3.98 -57.82
N LEU D 145 52.18 4.46 -57.42
CA LEU D 145 51.74 5.80 -57.81
C LEU D 145 52.62 6.87 -57.21
N CYS D 146 53.08 6.67 -55.98
CA CYS D 146 53.96 7.64 -55.35
C CYS D 146 55.34 7.62 -56.00
N ARG D 147 55.73 6.46 -56.56
CA ARG D 147 56.99 6.39 -57.28
C ARG D 147 56.91 7.14 -58.59
N ARG D 148 55.79 7.05 -59.29
CA ARG D 148 55.65 7.71 -60.58
C ARG D 148 55.45 9.21 -60.45
N ARG D 149 55.07 9.71 -59.28
CA ARG D 149 54.92 11.14 -59.07
C ARG D 149 56.21 11.72 -58.48
N ARG D 150 57.19 12.02 -59.34
CA ARG D 150 58.48 12.47 -58.87
C ARG D 150 58.44 13.95 -58.49
N GLY D 151 57.72 14.75 -59.26
CA GLY D 151 57.78 16.20 -59.08
C GLY D 151 57.03 16.69 -57.86
N LEU D 152 56.05 15.92 -57.40
CA LEU D 152 55.26 16.35 -56.24
C LEU D 152 56.01 16.13 -54.94
N ASP D 153 56.75 15.03 -54.84
CA ASP D 153 57.37 14.42 -53.67
C ASP D 153 56.32 13.95 -52.68
N VAL D 154 55.09 13.67 -53.12
CA VAL D 154 53.87 13.25 -52.42
C VAL D 154 53.64 13.74 -50.99
N PRO D 155 53.65 15.06 -50.69
CA PRO D 155 53.16 15.47 -49.37
C PRO D 155 51.65 15.34 -49.28
N ASP D 156 50.99 15.95 -50.27
CA ASP D 156 49.55 16.08 -50.24
C ASP D 156 48.88 15.11 -51.21
N PHE D 157 49.65 14.56 -52.16
CA PHE D 157 49.14 13.52 -53.03
C PHE D 157 48.79 12.28 -52.22
N LEU D 158 49.58 11.99 -51.20
CA LEU D 158 49.19 11.00 -50.22
C LEU D 158 47.94 11.44 -49.48
N MET D 159 47.86 12.72 -49.14
CA MET D 159 46.71 13.24 -48.41
C MET D 159 45.47 13.27 -49.30
N HIS D 160 45.63 13.63 -50.57
CA HIS D 160 44.48 13.77 -51.45
C HIS D 160 43.86 12.43 -51.78
N LYS D 161 44.68 11.39 -51.86
CA LYS D 161 44.14 10.08 -52.23
C LYS D 161 43.56 9.34 -51.03
N LEU D 162 43.95 9.72 -49.81
CA LEU D 162 43.45 9.03 -48.64
C LEU D 162 42.29 9.76 -47.96
N THR D 163 41.81 10.86 -48.54
CA THR D 163 40.85 11.70 -47.86
C THR D 163 39.90 12.34 -48.86
N ALA D 164 38.61 12.18 -48.60
CA ALA D 164 37.57 12.92 -49.31
C ALA D 164 37.66 14.38 -48.90
N SER D 165 37.86 15.25 -49.89
CA SER D 165 38.21 16.64 -49.61
C SER D 165 37.02 17.42 -49.05
N ASP D 166 35.80 16.94 -49.29
CA ASP D 166 34.63 17.64 -48.80
C ASP D 166 34.47 17.48 -47.30
N THR D 167 34.77 16.30 -46.77
CA THR D 167 34.48 15.99 -45.38
C THR D 167 35.71 15.86 -44.51
N GLY D 168 36.89 15.66 -45.09
CA GLY D 168 38.07 15.46 -44.29
C GLY D 168 38.21 14.09 -43.67
N LYS D 169 37.33 13.15 -44.02
CA LYS D 169 37.42 11.81 -43.45
C LYS D 169 38.56 11.04 -44.09
N THR D 170 39.31 10.31 -43.29
CA THR D 170 40.42 9.53 -43.81
C THR D 170 40.08 8.05 -43.78
N CYS D 171 41.05 7.26 -44.27
CA CYS D 171 40.90 5.81 -44.27
C CYS D 171 40.91 5.26 -42.86
N LEU D 172 41.78 5.80 -42.01
CA LEU D 172 41.82 5.38 -40.62
C LEU D 172 40.56 5.79 -39.89
N MET D 173 39.98 6.93 -40.28
CA MET D 173 38.74 7.39 -39.69
C MET D 173 37.60 6.43 -40.00
N LYS D 174 37.40 6.13 -41.28
CA LYS D 174 36.25 5.34 -41.70
C LYS D 174 36.37 3.90 -41.25
N ALA D 175 37.61 3.40 -41.13
CA ALA D 175 37.81 2.06 -40.62
C ALA D 175 37.43 1.97 -39.16
N LEU D 176 37.65 3.05 -38.42
CA LEU D 176 37.25 3.07 -37.02
C LEU D 176 35.76 3.26 -36.87
N LEU D 177 35.08 3.69 -37.92
CA LEU D 177 33.63 3.72 -37.89
C LEU D 177 33.05 2.32 -37.94
N ASN D 178 33.57 1.47 -38.82
CA ASN D 178 33.00 0.16 -39.08
C ASN D 178 33.87 -0.87 -38.39
N ILE D 179 33.41 -1.37 -37.25
CA ILE D 179 34.22 -2.30 -36.49
C ILE D 179 33.89 -3.73 -36.86
N ASN D 180 34.90 -4.46 -37.30
CA ASN D 180 34.79 -5.87 -37.60
C ASN D 180 35.86 -6.58 -36.78
N PRO D 181 35.85 -7.92 -36.64
CA PRO D 181 36.94 -8.54 -35.88
C PRO D 181 38.28 -8.53 -36.58
N ASN D 182 38.36 -8.05 -37.81
CA ASN D 182 39.62 -7.91 -38.51
C ASN D 182 40.16 -6.48 -38.44
N THR D 183 39.62 -5.67 -37.54
CA THR D 183 39.93 -4.24 -37.54
C THR D 183 41.34 -3.97 -37.06
N LYS D 184 41.84 -4.80 -36.14
CA LYS D 184 43.16 -4.61 -35.56
C LYS D 184 44.24 -4.76 -36.62
N GLU D 185 44.03 -5.67 -37.56
CA GLU D 185 44.97 -5.86 -38.65
C GLU D 185 44.94 -4.67 -39.61
N ILE D 186 43.78 -4.02 -39.73
CA ILE D 186 43.67 -2.86 -40.59
C ILE D 186 44.47 -1.71 -40.01
N VAL D 187 44.48 -1.60 -38.68
CA VAL D 187 45.19 -0.53 -38.00
C VAL D 187 46.68 -0.67 -38.18
N ARG D 188 47.19 -1.89 -37.98
CA ARG D 188 48.64 -2.10 -37.98
C ARG D 188 49.21 -1.98 -39.39
N ILE D 189 48.37 -2.11 -40.40
CA ILE D 189 48.83 -1.95 -41.77
C ILE D 189 48.80 -0.48 -42.17
N LEU D 190 47.76 0.24 -41.74
CA LEU D 190 47.67 1.67 -42.04
C LEU D 190 48.78 2.45 -41.36
N LEU D 191 49.16 2.05 -40.16
CA LEU D 191 50.28 2.72 -39.50
C LEU D 191 51.60 2.30 -40.13
N ALA D 192 51.67 1.06 -40.62
CA ALA D 192 52.88 0.63 -41.32
C ALA D 192 53.02 1.34 -42.66
N PHE D 193 51.90 1.71 -43.27
CA PHE D 193 51.97 2.33 -44.58
C PHE D 193 52.45 3.76 -44.49
N ALA D 194 52.08 4.46 -43.41
CA ALA D 194 52.40 5.88 -43.31
C ALA D 194 53.84 6.08 -42.87
N GLU D 195 54.45 5.07 -42.24
CA GLU D 195 55.72 5.30 -41.58
C GLU D 195 56.89 5.26 -42.56
N GLU D 196 56.76 4.53 -43.67
CA GLU D 196 57.74 4.74 -44.73
C GLU D 196 57.46 6.05 -45.44
N ASN D 197 56.20 6.45 -45.45
CA ASN D 197 55.78 7.66 -46.10
C ASN D 197 55.96 8.89 -45.23
N ASP D 198 56.29 8.69 -43.95
CA ASP D 198 56.78 9.72 -43.02
C ASP D 198 55.76 10.82 -42.77
N ILE D 199 54.48 10.54 -42.94
CA ILE D 199 53.46 11.57 -42.87
C ILE D 199 52.41 11.20 -41.83
N LEU D 200 52.81 10.35 -40.88
CA LEU D 200 51.86 9.79 -39.92
C LEU D 200 51.31 10.87 -38.99
N ASP D 201 52.12 11.87 -38.67
CA ASP D 201 51.64 12.99 -37.87
C ASP D 201 50.58 13.77 -38.62
N ARG D 202 50.78 13.97 -39.93
CA ARG D 202 49.70 14.52 -40.74
C ARG D 202 48.55 13.55 -40.84
N PHE D 203 48.87 12.25 -40.82
CA PHE D 203 47.84 11.24 -41.05
C PHE D 203 46.97 11.05 -39.81
N ILE D 204 47.60 10.89 -38.66
CA ILE D 204 46.84 10.55 -37.46
C ILE D 204 46.12 11.77 -36.91
N ASN D 205 46.78 12.92 -36.94
CA ASN D 205 46.19 14.13 -36.39
C ASN D 205 45.36 14.89 -37.41
N ALA D 206 44.86 14.20 -38.42
CA ALA D 206 43.89 14.80 -39.34
C ALA D 206 42.57 15.04 -38.64
N GLU D 207 41.77 15.93 -39.20
CA GLU D 207 40.57 16.39 -38.55
C GLU D 207 39.50 16.73 -39.59
N TYR D 208 38.28 16.90 -39.11
CA TYR D 208 37.17 17.22 -39.99
C TYR D 208 37.19 18.69 -40.38
N THR D 209 36.79 18.96 -41.62
CA THR D 209 36.85 20.28 -42.21
C THR D 209 35.50 20.98 -42.27
N GLU D 210 34.40 20.22 -42.32
CA GLU D 210 33.09 20.82 -42.30
C GLU D 210 32.77 21.38 -40.92
N GLU D 211 31.82 22.31 -40.88
CA GLU D 211 31.55 23.03 -39.64
C GLU D 211 30.84 22.13 -38.62
N ALA D 212 30.02 21.20 -39.09
CA ALA D 212 29.56 20.16 -38.20
C ALA D 212 30.70 19.17 -37.99
N TYR D 213 30.65 18.47 -36.85
CA TYR D 213 31.64 17.45 -36.46
C TYR D 213 33.06 18.00 -36.41
N GLU D 214 33.20 19.30 -36.13
CA GLU D 214 34.36 20.05 -36.60
C GLU D 214 35.62 19.65 -35.85
N GLY D 215 36.54 19.03 -36.58
CA GLY D 215 37.79 18.58 -36.01
C GLY D 215 37.62 17.43 -35.04
N GLN D 216 37.28 16.25 -35.54
CA GLN D 216 36.91 15.19 -34.62
C GLN D 216 38.10 14.33 -34.24
N THR D 217 39.04 14.08 -35.17
CA THR D 217 40.34 13.44 -34.89
C THR D 217 40.21 12.05 -34.29
N ALA D 218 39.98 11.04 -35.14
CA ALA D 218 39.28 9.80 -34.80
C ALA D 218 39.93 8.95 -33.70
N LEU D 219 41.00 9.43 -33.06
CA LEU D 219 41.29 8.98 -31.70
C LEU D 219 40.06 9.10 -30.82
N ASN D 220 39.32 10.20 -30.97
CA ASN D 220 37.99 10.38 -30.39
C ASN D 220 37.07 9.20 -30.70
N ILE D 221 37.08 8.73 -31.95
CA ILE D 221 36.18 7.67 -32.37
C ILE D 221 36.49 6.37 -31.65
N ALA D 222 37.78 6.04 -31.54
CA ALA D 222 38.18 4.77 -30.93
C ALA D 222 37.85 4.74 -29.45
N ILE D 223 37.88 5.90 -28.80
CA ILE D 223 37.36 6.01 -27.45
C ILE D 223 35.87 5.73 -27.44
N GLU D 224 35.16 6.31 -28.41
CA GLU D 224 33.71 6.14 -28.45
C GLU D 224 33.35 4.72 -28.86
N ARG D 225 34.21 4.08 -29.63
CA ARG D 225 33.96 2.68 -29.97
C ARG D 225 34.45 1.73 -28.91
N ARG D 226 35.14 2.23 -27.88
CA ARG D 226 35.61 1.44 -26.73
C ARG D 226 36.53 0.32 -27.18
N GLN D 227 37.72 0.69 -27.64
CA GLN D 227 38.75 -0.27 -28.02
C GLN D 227 40.04 0.14 -27.33
N GLY D 228 40.34 -0.52 -26.21
CA GLY D 228 41.41 -0.05 -25.35
C GLY D 228 42.79 -0.23 -25.95
N ASP D 229 43.05 -1.40 -26.54
CA ASP D 229 44.34 -1.65 -27.16
C ASP D 229 44.53 -0.78 -28.40
N ILE D 230 43.46 -0.56 -29.16
CA ILE D 230 43.51 0.30 -30.33
C ILE D 230 43.79 1.73 -29.91
N THR D 231 43.22 2.14 -28.78
CA THR D 231 43.53 3.43 -28.20
C THR D 231 44.98 3.52 -27.79
N ALA D 232 45.52 2.43 -27.24
CA ALA D 232 46.88 2.41 -26.73
C ALA D 232 47.90 2.58 -27.84
N VAL D 233 47.62 1.99 -29.00
CA VAL D 233 48.54 2.10 -30.13
C VAL D 233 48.57 3.53 -30.65
N LEU D 234 47.40 4.17 -30.69
CA LEU D 234 47.34 5.56 -31.14
C LEU D 234 48.02 6.49 -30.15
N ILE D 235 47.93 6.16 -28.86
CA ILE D 235 48.74 6.85 -27.87
C ILE D 235 50.21 6.53 -28.10
N ALA D 236 50.52 5.27 -28.39
CA ALA D 236 51.89 4.89 -28.69
C ALA D 236 52.35 5.52 -30.00
N ALA D 237 51.43 5.77 -30.91
CA ALA D 237 51.75 6.58 -32.07
C ALA D 237 51.90 8.05 -31.68
N GLY D 238 51.15 8.50 -30.69
CA GLY D 238 51.16 9.89 -30.33
C GLY D 238 50.13 10.63 -31.17
N ALA D 239 49.08 11.12 -30.54
CA ALA D 239 47.91 11.55 -31.31
C ALA D 239 47.29 12.84 -30.80
N ASP D 240 48.05 13.66 -30.06
CA ASP D 240 47.64 14.98 -29.57
C ASP D 240 46.38 14.88 -28.70
N VAL D 241 46.54 14.20 -27.57
CA VAL D 241 45.41 13.61 -26.84
C VAL D 241 44.51 14.67 -26.23
N ASN D 242 44.99 15.90 -26.12
CA ASN D 242 44.15 17.01 -25.70
C ASN D 242 43.63 17.75 -26.95
N ALA D 243 42.97 16.98 -27.81
CA ALA D 243 42.43 17.50 -29.05
C ALA D 243 41.05 18.05 -28.79
N HIS D 244 40.90 19.35 -28.94
CA HIS D 244 39.62 20.01 -28.68
C HIS D 244 38.69 19.76 -29.85
N ALA D 245 37.62 19.03 -29.59
CA ALA D 245 36.60 18.88 -30.61
C ALA D 245 35.75 20.15 -30.66
N LYS D 246 35.24 20.47 -31.85
CA LYS D 246 34.25 21.51 -32.00
C LYS D 246 33.18 20.98 -32.94
N GLY D 247 32.27 21.85 -33.33
CA GLY D 247 31.19 21.44 -34.19
C GLY D 247 29.83 21.67 -33.56
N VAL D 248 28.84 21.87 -34.43
CA VAL D 248 27.49 22.14 -33.97
C VAL D 248 26.87 20.90 -33.34
N PHE D 249 27.34 19.72 -33.77
CA PHE D 249 26.84 18.48 -33.18
C PHE D 249 27.39 18.29 -31.77
N PHE D 250 28.67 18.59 -31.58
CA PHE D 250 29.28 18.38 -30.27
C PHE D 250 28.85 19.45 -29.29
N ASN D 251 28.45 20.61 -29.80
CA ASN D 251 27.86 21.64 -28.95
C ASN D 251 26.46 21.93 -29.48
N PRO D 252 25.47 21.13 -29.13
CA PRO D 252 24.13 21.34 -29.69
C PRO D 252 23.36 22.41 -28.95
N LYS D 253 22.46 23.08 -29.66
CA LYS D 253 21.57 24.03 -29.00
C LYS D 253 20.46 23.28 -28.25
N TYR D 254 20.09 22.12 -28.75
CA TYR D 254 18.96 21.36 -28.22
C TYR D 254 19.45 20.02 -27.69
N GLN D 255 18.63 19.39 -26.85
CA GLN D 255 19.04 18.12 -26.25
C GLN D 255 18.98 16.99 -27.26
N HIS D 256 18.03 17.06 -28.18
CA HIS D 256 17.83 15.94 -29.10
C HIS D 256 18.82 15.98 -30.25
N GLU D 257 19.46 17.13 -30.46
CA GLU D 257 20.25 17.30 -31.67
C GLU D 257 21.61 16.64 -31.55
N GLY D 258 22.31 16.84 -30.43
CA GLY D 258 23.67 16.37 -30.34
C GLY D 258 23.97 15.88 -28.95
N PHE D 259 25.25 15.96 -28.60
CA PHE D 259 25.76 15.42 -27.35
C PHE D 259 26.91 16.25 -26.84
N TYR D 260 26.75 16.82 -25.64
CA TYR D 260 27.73 17.76 -25.09
C TYR D 260 28.55 17.06 -24.01
N PHE D 261 29.69 16.52 -24.42
CA PHE D 261 30.57 15.93 -23.43
C PHE D 261 31.69 16.88 -23.03
N GLY D 262 31.76 18.07 -23.60
CA GLY D 262 32.80 18.99 -23.22
C GLY D 262 34.08 18.87 -24.00
N GLU D 263 34.04 18.35 -25.23
CA GLU D 263 35.02 18.63 -26.27
C GLU D 263 36.40 18.04 -25.97
N THR D 264 36.44 17.03 -25.11
CA THR D 264 37.71 16.54 -24.63
C THR D 264 37.75 15.01 -24.64
N PRO D 265 38.80 14.43 -25.22
CA PRO D 265 38.89 12.96 -25.27
C PRO D 265 39.00 12.33 -23.90
N LEU D 266 39.64 13.02 -22.97
CA LEU D 266 39.65 12.55 -21.60
C LEU D 266 38.26 12.60 -20.99
N ALA D 267 37.55 13.71 -21.19
CA ALA D 267 36.24 13.88 -20.59
C ALA D 267 35.23 12.98 -21.26
N LEU D 268 35.48 12.60 -22.51
CA LEU D 268 34.58 11.69 -23.20
C LEU D 268 34.56 10.32 -22.53
N ALA D 269 35.73 9.74 -22.31
CA ALA D 269 35.81 8.44 -21.66
C ALA D 269 35.33 8.53 -20.23
N ALA D 270 35.50 9.69 -19.61
CA ALA D 270 34.88 9.94 -18.32
C ALA D 270 33.37 9.92 -18.44
N CYS D 271 32.84 10.58 -19.46
CA CYS D 271 31.39 10.68 -19.60
C CYS D 271 30.78 9.37 -20.07
N THR D 272 31.56 8.51 -20.71
CA THR D 272 31.04 7.27 -21.25
C THR D 272 31.42 6.06 -20.43
N ASN D 273 31.96 6.29 -19.23
CA ASN D 273 32.15 5.26 -18.19
C ASN D 273 33.12 4.18 -18.66
N GLN D 274 34.31 4.59 -19.05
CA GLN D 274 35.34 3.68 -19.53
C GLN D 274 36.60 3.96 -18.72
N PRO D 275 36.67 3.47 -17.48
CA PRO D 275 37.66 3.99 -16.53
C PRO D 275 39.08 3.61 -16.83
N GLU D 276 39.30 2.49 -17.52
CA GLU D 276 40.65 2.11 -17.90
C GLU D 276 41.18 3.06 -18.97
N ILE D 277 40.31 3.53 -19.85
CA ILE D 277 40.70 4.56 -20.80
C ILE D 277 40.97 5.86 -20.07
N VAL D 278 40.15 6.15 -19.05
CA VAL D 278 40.42 7.27 -18.16
C VAL D 278 41.73 7.04 -17.43
N GLN D 279 42.01 5.78 -17.08
CA GLN D 279 43.28 5.46 -16.46
C GLN D 279 44.42 5.59 -17.45
N LEU D 280 44.22 5.13 -18.69
CA LEU D 280 45.31 5.12 -19.65
C LEU D 280 45.63 6.53 -20.15
N LEU D 281 44.63 7.39 -20.22
CA LEU D 281 44.89 8.76 -20.62
C LEU D 281 45.47 9.58 -19.48
N MET D 282 45.45 9.02 -18.28
CA MET D 282 45.82 9.81 -17.11
C MET D 282 47.34 10.01 -17.02
N GLU D 283 48.12 9.02 -17.43
CA GLU D 283 49.56 9.16 -17.31
C GLU D 283 50.26 9.49 -18.62
N ASN D 284 49.65 10.27 -19.50
CA ASN D 284 50.36 10.74 -20.68
C ASN D 284 51.08 12.02 -20.25
N GLU D 285 52.13 12.37 -20.99
CA GLU D 285 53.03 13.47 -20.68
C GLU D 285 52.28 14.79 -20.90
N GLN D 286 51.53 14.95 -21.99
CA GLN D 286 51.02 16.26 -22.37
C GLN D 286 49.50 16.26 -22.23
N THR D 287 49.05 15.70 -21.11
CA THR D 287 47.62 15.47 -20.94
C THR D 287 46.89 16.77 -20.65
N ASP D 288 47.41 17.56 -19.71
CA ASP D 288 46.86 18.88 -19.31
C ASP D 288 45.42 18.75 -18.82
N ILE D 289 45.29 18.15 -17.63
CA ILE D 289 44.00 17.94 -16.97
C ILE D 289 43.27 19.26 -16.76
N THR D 290 44.01 20.35 -16.59
CA THR D 290 43.43 21.66 -16.29
C THR D 290 42.85 22.35 -17.52
N SER D 291 42.58 21.64 -18.60
CA SER D 291 42.23 22.30 -19.86
C SER D 291 40.83 22.90 -19.82
N GLN D 292 40.66 23.99 -20.54
CA GLN D 292 39.37 24.61 -20.78
C GLN D 292 39.01 24.47 -22.26
N ASP D 293 37.78 24.81 -22.59
CA ASP D 293 37.30 24.62 -23.94
C ASP D 293 36.39 25.76 -24.39
N SER D 294 35.71 25.55 -25.50
CA SER D 294 34.57 26.38 -25.84
C SER D 294 33.49 26.18 -24.79
N ARG D 295 32.81 27.27 -24.44
CA ARG D 295 31.91 27.53 -23.31
C ARG D 295 32.71 27.68 -22.02
N GLY D 296 34.03 27.46 -22.05
CA GLY D 296 34.89 27.73 -20.92
C GLY D 296 34.91 26.66 -19.86
N ASN D 297 34.40 25.48 -20.15
CA ASN D 297 34.22 24.50 -19.10
C ASN D 297 35.50 23.72 -18.86
N ASN D 298 35.57 23.10 -17.70
CA ASN D 298 36.58 22.12 -17.38
C ASN D 298 35.93 20.74 -17.34
N ILE D 299 36.76 19.73 -17.06
CA ILE D 299 36.32 18.35 -17.13
C ILE D 299 35.27 18.06 -16.07
N LEU D 300 35.33 18.77 -14.95
CA LEU D 300 34.40 18.50 -13.88
C LEU D 300 33.03 19.08 -14.21
N HIS D 301 33.02 20.16 -15.01
CA HIS D 301 31.76 20.80 -15.36
C HIS D 301 30.89 19.90 -16.21
N ALA D 302 31.48 19.26 -17.23
CA ALA D 302 30.72 18.38 -18.08
C ALA D 302 30.25 17.15 -17.33
N LEU D 303 31.04 16.71 -16.35
CA LEU D 303 30.59 15.63 -15.48
C LEU D 303 29.38 16.06 -14.67
N VAL D 304 29.36 17.33 -14.25
CA VAL D 304 28.16 17.84 -13.61
C VAL D 304 27.05 18.00 -14.63
N THR D 305 27.40 18.51 -15.81
CA THR D 305 26.46 18.82 -16.87
C THR D 305 25.78 17.56 -17.35
N VAL D 306 26.54 16.48 -17.43
CA VAL D 306 25.95 15.21 -17.80
C VAL D 306 25.86 14.35 -16.55
N ALA D 307 24.71 14.40 -15.88
CA ALA D 307 24.47 13.61 -14.70
C ALA D 307 22.96 13.50 -14.51
N GLU D 308 22.54 12.41 -13.90
CA GLU D 308 21.12 12.22 -13.61
C GLU D 308 20.98 11.70 -12.20
N ASP D 309 19.76 11.25 -11.88
CA ASP D 309 19.47 10.72 -10.56
C ASP D 309 19.99 9.29 -10.47
N PHE D 310 19.68 8.62 -9.35
CA PHE D 310 20.09 7.22 -9.26
C PHE D 310 19.25 6.35 -10.18
N LYS D 311 18.02 6.77 -10.46
CA LYS D 311 17.35 6.19 -11.60
C LYS D 311 18.05 6.64 -12.87
N THR D 312 18.29 5.64 -13.74
CA THR D 312 18.79 5.71 -15.13
C THR D 312 20.30 5.98 -15.11
N GLN D 313 20.89 6.36 -13.99
CA GLN D 313 22.35 6.41 -13.90
C GLN D 313 22.81 5.92 -12.53
N ASN D 314 23.81 5.07 -12.52
CA ASN D 314 24.30 4.47 -11.28
C ASN D 314 25.75 4.88 -11.05
N ASP D 315 25.92 5.97 -10.29
CA ASP D 315 27.06 6.38 -9.47
C ASP D 315 28.42 6.44 -10.16
N PHE D 316 28.47 6.22 -11.48
CA PHE D 316 29.75 6.31 -12.16
C PHE D 316 30.14 7.76 -12.37
N VAL D 317 29.15 8.62 -12.53
CA VAL D 317 29.40 10.05 -12.61
C VAL D 317 30.02 10.54 -11.31
N LYS D 318 29.54 10.00 -10.20
CA LYS D 318 30.17 10.26 -8.92
C LYS D 318 31.58 9.68 -8.87
N ARG D 319 31.75 8.44 -9.30
CA ARG D 319 33.03 7.77 -9.13
C ARG D 319 34.08 8.31 -10.09
N MET D 320 33.68 8.63 -11.33
CA MET D 320 34.64 9.22 -12.24
C MET D 320 34.95 10.66 -11.86
N TYR D 321 34.03 11.31 -11.15
CA TYR D 321 34.37 12.59 -10.53
C TYR D 321 35.44 12.37 -9.46
N ASP D 322 35.34 11.27 -8.74
CA ASP D 322 36.32 10.98 -7.70
C ASP D 322 37.66 10.61 -8.30
N MET D 323 37.64 9.75 -9.31
CA MET D 323 38.86 9.14 -9.82
C MET D 323 39.79 10.17 -10.44
N ILE D 324 39.22 11.16 -11.11
CA ILE D 324 40.07 12.20 -11.70
C ILE D 324 40.53 13.17 -10.62
N LEU D 325 39.80 13.24 -9.51
CA LEU D 325 40.09 14.27 -8.52
C LEU D 325 41.29 13.88 -7.69
N LEU D 326 41.47 12.58 -7.45
CA LEU D 326 42.62 12.12 -6.69
C LEU D 326 43.92 12.32 -7.45
N ARG D 327 43.84 12.28 -8.78
CA ARG D 327 45.04 12.54 -9.57
C ARG D 327 45.41 14.01 -9.52
N SER D 328 44.42 14.88 -9.36
CA SER D 328 44.60 16.34 -9.42
C SER D 328 45.57 16.87 -8.38
N GLY D 329 45.24 16.71 -7.11
CA GLY D 329 46.13 17.12 -6.05
C GLY D 329 46.25 18.62 -5.83
N ASN D 330 45.33 19.41 -6.37
CA ASN D 330 45.40 20.85 -6.19
C ASN D 330 43.98 21.36 -5.99
N TRP D 331 43.87 22.46 -5.24
CA TRP D 331 42.58 23.13 -5.10
C TRP D 331 42.12 23.75 -6.40
N GLU D 332 43.07 24.15 -7.26
CA GLU D 332 42.71 24.53 -8.61
C GLU D 332 42.20 23.29 -9.34
N LEU D 333 41.43 23.56 -10.41
CA LEU D 333 40.55 22.68 -11.17
C LEU D 333 39.30 22.40 -10.33
N GLU D 334 39.10 23.20 -9.28
CA GLU D 334 37.78 23.50 -8.76
C GLU D 334 37.56 24.99 -8.60
N THR D 335 38.64 25.75 -8.46
CA THR D 335 38.52 27.19 -8.28
C THR D 335 38.26 27.89 -9.61
N MET D 336 38.49 27.18 -10.72
CA MET D 336 38.28 27.76 -12.03
C MET D 336 36.81 28.04 -12.28
N ARG D 337 36.54 29.06 -13.07
CA ARG D 337 35.18 29.40 -13.45
C ARG D 337 35.08 29.37 -14.96
N ASN D 338 33.86 29.15 -15.46
CA ASN D 338 33.64 28.97 -16.89
C ASN D 338 33.47 30.32 -17.57
N ASN D 339 33.07 30.30 -18.84
CA ASN D 339 32.71 31.55 -19.49
C ASN D 339 31.41 32.10 -18.95
N ASP D 340 30.59 31.26 -18.35
CA ASP D 340 29.48 31.77 -17.58
C ASP D 340 29.96 32.36 -16.26
N GLY D 341 31.17 32.00 -15.83
CA GLY D 341 31.74 32.54 -14.63
C GLY D 341 31.46 31.73 -13.39
N LEU D 342 31.26 30.43 -13.51
CA LEU D 342 30.76 29.64 -12.39
C LEU D 342 31.72 28.51 -12.04
N THR D 343 31.79 28.21 -10.76
CA THR D 343 32.56 27.07 -10.27
C THR D 343 31.79 25.81 -10.62
N PRO D 344 32.43 24.63 -10.59
CA PRO D 344 31.66 23.39 -10.71
C PRO D 344 30.66 23.21 -9.58
N LEU D 345 30.98 23.69 -8.39
CA LEU D 345 29.99 23.70 -7.32
C LEU D 345 28.87 24.67 -7.63
N GLN D 346 29.20 25.83 -8.19
CA GLN D 346 28.16 26.76 -8.59
C GLN D 346 27.34 26.22 -9.76
N LEU D 347 28.01 25.55 -10.69
CA LEU D 347 27.29 24.98 -11.82
C LEU D 347 26.44 23.80 -11.39
N ALA D 348 26.84 23.13 -10.30
CA ALA D 348 26.01 22.10 -9.72
C ALA D 348 24.72 22.68 -9.19
N ALA D 349 24.78 23.89 -8.66
CA ALA D 349 23.59 24.54 -8.17
C ALA D 349 22.67 24.94 -9.31
N LYS D 350 23.24 25.58 -10.34
CA LYS D 350 22.41 26.14 -11.40
C LYS D 350 21.80 25.05 -12.26
N MET D 351 22.55 23.98 -12.49
CA MET D 351 21.95 22.84 -13.16
C MET D 351 21.02 22.08 -12.23
N GLY D 352 21.24 22.21 -10.92
CA GLY D 352 20.41 21.54 -9.96
C GLY D 352 20.60 20.04 -9.88
N LYS D 353 21.72 19.52 -10.36
CA LYS D 353 21.99 18.08 -10.26
C LYS D 353 22.23 17.71 -8.81
N ALA D 354 21.29 16.98 -8.22
CA ALA D 354 21.29 16.74 -6.79
C ALA D 354 22.32 15.73 -6.32
N GLU D 355 22.47 14.61 -7.05
CA GLU D 355 23.25 13.50 -6.54
C GLU D 355 24.74 13.82 -6.51
N ILE D 356 25.20 14.64 -7.45
CA ILE D 356 26.60 15.05 -7.41
C ILE D 356 26.83 16.03 -6.26
N LEU D 357 25.80 16.80 -5.91
CA LEU D 357 25.98 17.88 -4.96
C LEU D 357 26.13 17.33 -3.54
N LYS D 358 25.55 16.16 -3.31
CA LYS D 358 25.77 15.46 -2.04
C LYS D 358 27.22 15.04 -1.91
N TYR D 359 27.83 14.62 -3.02
CA TYR D 359 29.19 14.14 -2.98
C TYR D 359 30.17 15.27 -2.74
N ILE D 360 29.83 16.48 -3.19
CA ILE D 360 30.75 17.61 -3.04
C ILE D 360 30.89 18.00 -1.58
N LEU D 361 29.77 18.02 -0.86
CA LEU D 361 29.79 18.57 0.48
C LEU D 361 30.40 17.59 1.48
N SER D 362 30.24 16.30 1.24
CA SER D 362 30.72 15.30 2.17
C SER D 362 31.97 14.60 1.65
N ARG D 363 32.79 15.31 0.89
CA ARG D 363 33.95 14.73 0.24
C ARG D 363 35.11 14.71 1.22
N GLU D 364 35.26 13.62 1.96
CA GLU D 364 36.35 13.44 2.91
C GLU D 364 37.25 12.32 2.43
N ILE D 365 38.53 12.42 2.76
CA ILE D 365 39.55 11.47 2.31
C ILE D 365 40.42 11.09 3.50
N LYS D 366 40.53 9.79 3.75
CA LYS D 366 41.34 9.31 4.88
C LYS D 366 42.82 9.29 4.53
N GLU D 367 43.15 9.21 3.24
CA GLU D 367 44.51 8.94 2.82
C GLU D 367 45.40 10.15 3.01
N LYS D 368 46.48 9.93 3.78
CA LYS D 368 47.19 11.00 4.48
C LYS D 368 47.76 12.15 3.62
N PRO D 369 48.59 11.93 2.58
CA PRO D 369 49.38 13.07 2.05
C PRO D 369 48.55 14.09 1.29
N LEU D 370 47.29 13.79 1.05
CA LEU D 370 46.36 14.66 0.36
C LEU D 370 45.03 14.78 1.08
N ARG D 371 45.05 14.71 2.41
CA ARG D 371 43.83 14.95 3.20
C ARG D 371 43.43 16.41 3.19
N SER D 372 44.29 17.30 2.69
CA SER D 372 43.92 18.70 2.53
C SER D 372 42.73 18.86 1.61
N LEU D 373 42.81 18.28 0.40
CA LEU D 373 41.69 18.34 -0.55
C LEU D 373 40.58 17.43 -0.05
N SER D 374 39.85 17.93 0.93
CA SER D 374 38.77 17.19 1.55
C SER D 374 37.81 18.19 2.16
N ARG D 375 36.57 17.77 2.31
CA ARG D 375 35.57 18.50 3.06
C ARG D 375 34.95 17.53 4.04
N LYS D 376 34.08 18.05 4.92
CA LYS D 376 33.55 17.31 6.08
C LYS D 376 34.70 16.75 6.92
N PHE D 377 35.43 17.65 7.57
CA PHE D 377 36.53 17.23 8.41
C PHE D 377 36.01 16.63 9.72
N THR D 378 36.53 15.47 10.07
CA THR D 378 36.16 14.80 11.30
C THR D 378 36.83 15.47 12.48
N ASP D 379 36.03 15.98 13.40
CA ASP D 379 36.55 16.71 14.56
C ASP D 379 37.17 15.75 15.56
N TRP D 380 36.34 14.88 16.10
CA TRP D 380 36.75 13.90 17.10
C TRP D 380 35.68 12.82 17.14
N ALA D 381 36.08 11.62 17.52
CA ALA D 381 35.16 10.50 17.66
C ALA D 381 35.52 9.74 18.92
N TYR D 382 34.52 9.38 19.70
CA TYR D 382 34.75 8.57 20.88
C TYR D 382 33.68 7.50 20.94
N GLY D 383 33.99 6.35 20.36
CA GLY D 383 33.04 5.29 20.22
C GLY D 383 31.91 5.69 19.30
N PRO D 384 30.69 5.59 19.79
CA PRO D 384 29.52 5.84 18.93
C PRO D 384 29.19 7.30 18.70
N VAL D 385 29.95 8.22 19.30
CA VAL D 385 29.67 9.64 19.20
C VAL D 385 30.83 10.31 18.48
N SER D 386 30.53 11.10 17.47
CA SER D 386 31.53 11.80 16.71
C SER D 386 31.03 13.20 16.38
N SER D 387 31.97 14.07 16.02
CA SER D 387 31.64 15.41 15.57
C SER D 387 32.40 15.71 14.29
N SER D 388 31.88 16.63 13.50
CA SER D 388 32.42 16.89 12.18
C SER D 388 32.33 18.38 11.86
N LEU D 389 33.15 18.80 10.91
CA LEU D 389 33.19 20.18 10.44
C LEU D 389 32.93 20.23 8.94
N TYR D 390 31.77 20.76 8.55
CA TYR D 390 31.46 21.00 7.16
C TYR D 390 32.02 22.34 6.75
N ASP D 391 32.66 22.39 5.58
CA ASP D 391 33.30 23.62 5.12
C ASP D 391 32.27 24.61 4.61
N LEU D 392 32.62 25.88 4.66
CA LEU D 392 31.79 26.98 4.19
C LEU D 392 32.57 27.87 3.25
N THR D 393 33.25 27.29 2.27
CA THR D 393 34.09 28.08 1.38
C THR D 393 33.26 28.99 0.51
N ASN D 394 32.21 28.45 -0.11
CA ASN D 394 31.36 29.27 -0.95
C ASN D 394 29.88 29.02 -0.72
N VAL D 395 29.53 28.29 0.34
CA VAL D 395 28.13 27.98 0.56
C VAL D 395 27.41 29.16 1.21
N ASP D 396 28.03 29.76 2.21
CA ASP D 396 27.41 30.85 2.93
C ASP D 396 27.40 32.13 2.09
N THR D 397 26.47 33.01 2.40
CA THR D 397 26.21 34.22 1.63
C THR D 397 27.19 35.35 1.90
N THR D 398 28.38 35.05 2.44
CA THR D 398 29.38 36.09 2.63
C THR D 398 30.01 36.51 1.31
N THR D 399 29.79 35.74 0.25
CA THR D 399 30.31 36.04 -1.08
C THR D 399 29.09 36.35 -1.95
N ASP D 400 29.29 37.14 -3.00
CA ASP D 400 28.23 37.71 -3.85
C ASP D 400 27.44 36.57 -4.51
N ASN D 401 28.10 35.56 -5.07
CA ASN D 401 27.37 34.35 -5.44
C ASN D 401 27.68 33.24 -4.47
N SER D 402 26.65 32.64 -3.91
CA SER D 402 26.81 31.54 -2.98
C SER D 402 25.94 30.38 -3.42
N VAL D 403 26.25 29.22 -2.86
CA VAL D 403 25.50 28.00 -3.16
C VAL D 403 24.06 28.15 -2.71
N LEU D 404 23.87 28.66 -1.50
CA LEU D 404 22.53 28.75 -0.91
C LEU D 404 21.67 29.76 -1.66
N GLU D 405 22.29 30.81 -2.19
CA GLU D 405 21.54 31.84 -2.88
C GLU D 405 20.96 31.33 -4.19
N ILE D 406 21.76 30.54 -4.92
CA ILE D 406 21.36 30.09 -6.24
C ILE D 406 20.24 29.06 -6.13
N ILE D 407 20.27 28.26 -5.07
CA ILE D 407 19.22 27.28 -4.86
C ILE D 407 17.91 27.97 -4.51
N VAL D 408 17.98 29.08 -3.79
CA VAL D 408 16.78 29.83 -3.47
C VAL D 408 16.28 30.59 -4.69
N TYR D 409 17.11 31.48 -5.24
CA TYR D 409 16.60 32.40 -6.25
C TYR D 409 16.61 31.82 -7.65
N ASN D 410 16.07 30.63 -7.81
CA ASN D 410 15.77 30.09 -9.13
C ASN D 410 14.49 29.30 -9.06
N THR D 411 13.64 29.53 -10.04
CA THR D 411 12.38 28.81 -10.17
C THR D 411 12.43 27.83 -11.32
N ASN D 412 13.31 28.06 -12.28
CA ASN D 412 13.21 27.37 -13.54
C ASN D 412 13.76 25.95 -13.49
N ILE D 413 14.49 25.57 -12.43
CA ILE D 413 15.30 24.37 -12.56
C ILE D 413 14.45 23.12 -12.36
N ASP D 414 14.23 22.75 -11.09
CA ASP D 414 13.30 21.73 -10.55
C ASP D 414 13.64 21.59 -9.07
N ASN D 415 12.85 20.83 -8.34
CA ASN D 415 13.34 19.88 -7.33
C ASN D 415 14.05 20.55 -6.16
N ARG D 416 13.60 21.75 -5.77
CA ARG D 416 14.34 22.49 -4.75
C ARG D 416 14.17 21.89 -3.38
N HIS D 417 13.12 21.09 -3.19
CA HIS D 417 12.89 20.46 -1.90
C HIS D 417 13.93 19.40 -1.62
N GLU D 418 14.46 18.77 -2.67
CA GLU D 418 15.44 17.71 -2.47
C GLU D 418 16.78 18.28 -2.05
N MET D 419 17.21 19.36 -2.70
CA MET D 419 18.56 19.86 -2.49
C MET D 419 18.72 20.50 -1.12
N LEU D 420 17.63 21.05 -0.58
CA LEU D 420 17.71 21.73 0.71
C LEU D 420 17.70 20.73 1.86
N THR D 421 17.49 19.45 1.58
CA THR D 421 17.50 18.43 2.60
C THR D 421 18.96 18.11 2.94
N LEU D 422 19.87 18.48 2.05
CA LEU D 422 21.27 18.14 2.19
C LEU D 422 21.91 18.93 3.33
N GLU D 423 22.93 18.34 3.94
CA GLU D 423 23.23 18.63 5.34
C GLU D 423 23.81 20.01 5.63
N PRO D 424 24.88 20.49 4.97
CA PRO D 424 25.43 21.80 5.39
C PRO D 424 24.53 22.95 5.02
N LEU D 425 23.65 22.75 4.04
CA LEU D 425 22.60 23.71 3.78
C LEU D 425 21.58 23.69 4.91
N HIS D 426 21.16 22.49 5.31
CA HIS D 426 19.94 22.32 6.07
C HIS D 426 20.07 22.86 7.48
N THR D 427 21.18 22.58 8.14
CA THR D 427 21.40 23.07 9.49
C THR D 427 21.64 24.57 9.49
N LEU D 428 22.43 25.05 8.52
CA LEU D 428 22.74 26.48 8.44
C LEU D 428 21.49 27.29 8.15
N LEU D 429 20.59 26.74 7.35
CA LEU D 429 19.31 27.39 7.10
C LEU D 429 18.47 27.44 8.37
N HIS D 430 18.56 26.38 9.19
CA HIS D 430 17.78 26.34 10.41
C HIS D 430 18.29 27.34 11.44
N THR D 431 19.60 27.54 11.48
CA THR D 431 20.17 28.47 12.45
C THR D 431 19.81 29.91 12.13
N LYS D 432 19.71 30.23 10.84
CA LYS D 432 19.43 31.61 10.45
C LYS D 432 17.99 31.99 10.77
N TRP D 433 17.10 31.00 10.80
CA TRP D 433 15.75 31.25 11.31
C TRP D 433 15.79 31.57 12.80
N LYS D 434 16.57 30.81 13.56
CA LYS D 434 16.49 30.87 15.01
C LYS D 434 17.12 32.15 15.54
N LYS D 435 18.22 32.59 14.94
CA LYS D 435 18.91 33.77 15.45
C LYS D 435 18.45 35.05 14.79
N PHE D 436 17.83 34.98 13.61
CA PHE D 436 17.29 36.21 13.02
C PHE D 436 15.79 36.24 12.87
N ALA D 437 15.25 35.30 12.10
CA ALA D 437 14.04 35.61 11.37
C ALA D 437 12.78 35.32 12.17
N LYS D 438 12.89 34.45 13.18
CA LYS D 438 11.76 34.22 14.07
C LYS D 438 11.42 35.47 14.87
N TYR D 439 12.44 36.30 15.15
CA TYR D 439 12.17 37.63 15.66
C TYR D 439 11.70 38.54 14.54
N MET D 440 12.29 38.40 13.35
CA MET D 440 12.03 39.33 12.27
C MET D 440 10.64 39.13 11.68
N PHE D 441 10.23 37.87 11.53
CA PHE D 441 8.92 37.62 10.93
C PHE D 441 7.79 37.96 11.88
N PHE D 442 7.96 37.66 13.18
CA PHE D 442 6.94 38.01 14.15
C PHE D 442 6.82 39.51 14.32
N LEU D 443 7.93 40.24 14.20
CA LEU D 443 7.88 41.69 14.31
C LEU D 443 7.18 42.30 13.11
N SER D 444 7.45 41.76 11.92
CA SER D 444 6.76 42.20 10.72
C SER D 444 5.29 41.83 10.76
N PHE D 445 4.98 40.70 11.41
CA PHE D 445 3.60 40.27 11.52
C PHE D 445 2.81 41.19 12.41
N CYS D 446 3.41 41.67 13.51
CA CYS D 446 2.67 42.48 14.47
C CYS D 446 2.46 43.89 13.95
N PHE D 447 3.43 44.42 13.20
CA PHE D 447 3.29 45.79 12.70
C PHE D 447 2.19 45.89 11.66
N TYR D 448 2.12 44.92 10.76
CA TYR D 448 1.07 44.96 9.74
C TYR D 448 -0.28 44.60 10.34
N PHE D 449 -0.28 43.82 11.42
CA PHE D 449 -1.51 43.54 12.13
C PHE D 449 -2.05 44.78 12.82
N PHE D 450 -1.16 45.61 13.35
CA PHE D 450 -1.59 46.89 13.91
C PHE D 450 -1.97 47.85 12.80
N TYR D 451 -1.41 47.66 11.62
CA TYR D 451 -1.64 48.59 10.53
C TYR D 451 -3.06 48.45 9.97
N ASN D 452 -3.57 47.23 9.93
CA ASN D 452 -4.90 47.01 9.39
C ASN D 452 -5.97 47.53 10.34
N ILE D 453 -5.72 47.41 11.65
CA ILE D 453 -6.61 47.99 12.64
C ILE D 453 -6.56 49.51 12.55
N THR D 454 -5.37 50.05 12.23
CA THR D 454 -5.21 51.49 12.12
C THR D 454 -5.93 52.03 10.90
N LEU D 455 -6.10 51.20 9.87
CA LEU D 455 -6.82 51.61 8.68
C LEU D 455 -8.31 51.76 8.97
N THR D 456 -8.92 50.72 9.52
CA THR D 456 -10.37 50.60 9.46
C THR D 456 -11.06 51.48 10.49
N LEU D 457 -10.38 51.79 11.60
CA LEU D 457 -11.02 52.54 12.67
C LEU D 457 -11.20 54.00 12.30
N VAL D 458 -10.16 54.62 11.75
CA VAL D 458 -10.22 56.05 11.49
C VAL D 458 -10.74 56.32 10.08
N SER D 459 -11.38 55.33 9.47
CA SER D 459 -12.06 55.48 8.19
C SER D 459 -13.14 56.54 8.28
N TYR D 460 -14.21 56.27 9.01
CA TYR D 460 -15.16 57.30 9.39
C TYR D 460 -15.72 57.12 10.79
N TYR D 461 -15.25 56.13 11.56
CA TYR D 461 -15.84 55.86 12.86
C TYR D 461 -15.41 56.89 13.89
N ARG D 462 -14.22 57.45 13.74
CA ARG D 462 -13.78 58.51 14.63
C ARG D 462 -13.62 59.80 13.87
N HIS D 477 -8.76 69.42 14.94
CA HIS D 477 -7.48 68.82 14.57
C HIS D 477 -6.30 69.60 15.16
N LYS D 478 -6.52 70.17 16.35
CA LYS D 478 -5.49 71.01 16.95
C LYS D 478 -4.80 70.31 18.13
N MET D 479 -5.59 69.77 19.05
CA MET D 479 -5.08 69.06 20.22
C MET D 479 -5.32 67.56 20.10
N SER D 480 -6.14 67.14 19.14
CA SER D 480 -6.41 65.72 18.91
C SER D 480 -5.21 65.06 18.24
N TRP D 481 -4.18 64.74 19.03
CA TRP D 481 -2.90 64.34 18.45
C TRP D 481 -2.95 62.92 17.91
N LEU D 482 -3.51 61.99 18.69
CA LEU D 482 -3.39 60.58 18.35
C LEU D 482 -4.36 60.16 17.25
N GLN D 483 -5.39 60.99 17.00
CA GLN D 483 -6.15 60.82 15.77
C GLN D 483 -5.33 61.26 14.56
N LEU D 484 -4.66 62.40 14.68
CA LEU D 484 -3.85 62.90 13.57
C LEU D 484 -2.57 62.09 13.39
N LEU D 485 -1.88 61.76 14.48
CA LEU D 485 -0.64 61.00 14.37
C LEU D 485 -0.89 59.56 13.96
N GLY D 486 -2.12 59.08 14.16
CA GLY D 486 -2.48 57.77 13.65
C GLY D 486 -2.56 57.73 12.14
N ARG D 487 -3.18 58.75 11.53
CA ARG D 487 -3.23 58.83 10.08
C ARG D 487 -1.86 59.13 9.49
N MET D 488 -1.03 59.89 10.23
CA MET D 488 0.35 60.11 9.82
C MET D 488 1.14 58.81 9.84
N PHE D 489 0.86 57.94 10.81
CA PHE D 489 1.57 56.68 10.92
C PHE D 489 1.18 55.72 9.80
N VAL D 490 -0.04 55.86 9.28
CA VAL D 490 -0.46 55.10 8.12
C VAL D 490 0.36 55.51 6.90
N LEU D 491 0.52 56.82 6.72
CA LEU D 491 1.07 57.34 5.47
C LEU D 491 2.57 57.08 5.36
N ILE D 492 3.28 57.11 6.48
CA ILE D 492 4.73 56.98 6.42
C ILE D 492 5.14 55.54 6.16
N TRP D 493 4.34 54.59 6.64
CA TRP D 493 4.76 53.18 6.56
C TRP D 493 4.32 52.56 5.24
N ALA D 494 3.22 53.05 4.67
CA ALA D 494 2.72 52.52 3.41
C ALA D 494 3.63 52.89 2.26
N THR D 495 4.32 54.03 2.36
CA THR D 495 5.25 54.44 1.32
C THR D 495 6.47 53.52 1.28
N CYS D 496 7.03 53.21 2.45
CA CYS D 496 8.26 52.42 2.51
C CYS D 496 8.03 51.00 2.02
N ILE D 497 6.82 50.48 2.22
CA ILE D 497 6.46 49.21 1.60
C ILE D 497 6.34 49.38 0.09
N SER D 498 5.73 50.48 -0.34
CA SER D 498 5.49 50.70 -1.77
C SER D 498 6.79 50.99 -2.51
N VAL D 499 7.75 51.64 -1.83
CA VAL D 499 9.04 51.89 -2.45
C VAL D 499 9.84 50.61 -2.58
N LYS D 500 9.87 49.81 -1.51
CA LYS D 500 10.67 48.60 -1.50
C LYS D 500 10.11 47.54 -2.43
N GLU D 501 8.78 47.44 -2.50
CA GLU D 501 8.17 46.49 -3.42
C GLU D 501 8.25 46.99 -4.85
N GLY D 502 8.23 48.31 -5.04
CA GLY D 502 8.30 48.85 -6.40
C GLY D 502 9.64 48.60 -7.05
N ILE D 503 10.71 48.62 -6.27
CA ILE D 503 12.02 48.26 -6.80
C ILE D 503 12.08 46.75 -7.04
N ALA D 504 11.52 45.96 -6.12
CA ALA D 504 11.69 44.52 -6.16
C ALA D 504 10.91 43.89 -7.31
N ILE D 505 9.73 44.44 -7.63
CA ILE D 505 9.00 43.99 -8.81
C ILE D 505 9.75 44.37 -10.07
N PHE D 506 10.41 45.54 -10.05
CA PHE D 506 11.16 45.99 -11.21
C PHE D 506 12.43 45.17 -11.42
N LEU D 507 12.88 44.47 -10.38
CA LEU D 507 14.04 43.59 -10.52
C LEU D 507 13.68 42.35 -11.33
N LEU D 508 12.43 41.91 -11.25
CA LEU D 508 11.97 40.79 -12.06
C LEU D 508 11.09 41.31 -13.18
N GLN D 514 5.32 31.15 -14.60
CA GLN D 514 6.55 31.61 -13.98
C GLN D 514 6.31 32.28 -12.63
N SER D 515 5.69 33.45 -12.69
CA SER D 515 5.71 34.35 -11.53
C SER D 515 4.46 34.20 -10.67
N ILE D 516 3.28 34.15 -11.30
CA ILE D 516 2.03 34.22 -10.54
C ILE D 516 1.69 32.89 -9.89
N LEU D 517 2.45 31.83 -10.19
CA LEU D 517 2.23 30.54 -9.54
C LEU D 517 2.68 30.58 -8.08
N SER D 518 3.70 31.40 -7.78
CA SER D 518 4.27 31.45 -6.44
C SER D 518 4.89 32.80 -6.17
N ASP D 519 4.32 33.51 -5.19
CA ASP D 519 4.93 34.56 -4.39
C ASP D 519 5.18 35.88 -5.13
N ALA D 520 5.15 35.88 -6.46
CA ALA D 520 5.35 37.13 -7.17
C ALA D 520 4.01 37.83 -7.37
N TRP D 521 2.96 37.04 -7.60
CA TRP D 521 1.60 37.55 -7.52
C TRP D 521 1.29 38.07 -6.12
N PHE D 522 1.86 37.43 -5.10
CA PHE D 522 1.69 37.92 -3.74
C PHE D 522 2.39 39.25 -3.52
N HIS D 523 3.63 39.38 -4.00
CA HIS D 523 4.32 40.66 -3.89
C HIS D 523 3.72 41.74 -4.78
N PHE D 524 2.90 41.34 -5.76
CA PHE D 524 2.10 42.32 -6.48
C PHE D 524 1.06 42.94 -5.58
N VAL D 525 0.35 42.10 -4.80
CA VAL D 525 -0.81 42.57 -4.04
C VAL D 525 -0.36 43.47 -2.89
N PHE D 526 0.83 43.19 -2.33
CA PHE D 526 1.39 44.09 -1.32
C PHE D 526 1.66 45.47 -1.91
N PHE D 527 2.12 45.53 -3.16
CA PHE D 527 2.38 46.82 -3.78
C PHE D 527 1.09 47.53 -4.15
N VAL D 528 0.10 46.77 -4.63
CA VAL D 528 -1.15 47.37 -5.08
C VAL D 528 -1.93 47.95 -3.90
N GLN D 529 -1.94 47.22 -2.78
CA GLN D 529 -2.68 47.68 -1.61
C GLN D 529 -2.02 48.91 -0.99
N ALA D 530 -0.69 49.04 -1.12
CA ALA D 530 -0.02 50.20 -0.55
C ALA D 530 -0.30 51.45 -1.37
N VAL D 531 -0.38 51.32 -2.69
CA VAL D 531 -0.56 52.48 -3.56
C VAL D 531 -1.97 53.04 -3.41
N LEU D 532 -2.96 52.16 -3.31
CA LEU D 532 -4.35 52.61 -3.26
C LEU D 532 -4.66 53.32 -1.95
N VAL D 533 -3.90 53.03 -0.90
CA VAL D 533 -3.97 53.84 0.32
C VAL D 533 -3.44 55.24 0.04
N ILE D 534 -2.32 55.31 -0.68
CA ILE D 534 -1.72 56.61 -0.99
C ILE D 534 -2.56 57.34 -2.03
N LEU D 535 -3.16 56.59 -2.95
CA LEU D 535 -3.90 57.21 -4.06
C LEU D 535 -5.22 57.80 -3.57
N SER D 536 -5.88 57.12 -2.63
CA SER D 536 -7.21 57.55 -2.22
C SER D 536 -7.16 58.84 -1.41
N VAL D 537 -6.13 59.01 -0.58
CA VAL D 537 -5.99 60.23 0.21
C VAL D 537 -5.61 61.39 -0.70
N PHE D 538 -4.86 61.11 -1.77
CA PHE D 538 -4.51 62.16 -2.72
C PHE D 538 -5.70 62.58 -3.57
N LEU D 539 -6.74 61.75 -3.63
CA LEU D 539 -7.98 62.17 -4.26
C LEU D 539 -8.74 63.16 -3.39
N TYR D 540 -8.54 63.07 -2.07
CA TYR D 540 -9.18 64.02 -1.16
C TYR D 540 -8.53 65.40 -1.27
N LEU D 541 -7.25 65.46 -1.64
CA LEU D 541 -6.59 66.74 -1.84
C LEU D 541 -7.15 67.47 -3.05
N PHE D 542 -7.43 66.75 -4.13
CA PHE D 542 -8.07 67.32 -5.31
C PHE D 542 -9.59 67.16 -5.28
N ALA D 543 -10.13 66.66 -4.17
CA ALA D 543 -11.55 66.69 -3.80
C ALA D 543 -12.46 65.94 -4.76
N TYR D 544 -11.93 65.03 -5.57
CA TYR D 544 -12.80 64.17 -6.36
C TYR D 544 -13.46 63.15 -5.44
N LYS D 545 -14.75 62.88 -5.71
CA LYS D 545 -15.63 62.27 -4.71
C LYS D 545 -15.28 60.80 -4.47
N GLU D 546 -14.58 60.18 -5.42
CA GLU D 546 -14.26 58.75 -5.32
C GLU D 546 -13.14 58.44 -4.34
N TYR D 547 -12.73 59.43 -3.52
CA TYR D 547 -11.72 59.17 -2.49
C TYR D 547 -12.23 58.22 -1.43
N LEU D 548 -13.54 58.27 -1.14
CA LEU D 548 -14.10 57.39 -0.14
C LEU D 548 -14.22 55.96 -0.69
N ALA D 549 -14.60 55.83 -1.96
CA ALA D 549 -14.78 54.52 -2.55
C ALA D 549 -13.46 53.81 -2.78
N CYS D 550 -12.41 54.56 -3.12
CA CYS D 550 -11.09 53.97 -3.25
C CYS D 550 -10.50 53.61 -1.90
N LEU D 551 -10.98 54.29 -0.83
CA LEU D 551 -10.48 53.99 0.50
C LEU D 551 -11.01 52.65 1.00
N VAL D 552 -12.23 52.29 0.58
CA VAL D 552 -12.82 51.02 1.01
C VAL D 552 -12.11 49.85 0.35
N LEU D 553 -11.78 50.01 -0.94
CA LEU D 553 -11.06 48.97 -1.67
C LEU D 553 -9.66 48.78 -1.12
N ALA D 554 -9.05 49.86 -0.64
CA ALA D 554 -7.73 49.76 -0.02
C ALA D 554 -7.80 49.02 1.30
N MET D 555 -8.85 49.28 2.09
CA MET D 555 -9.00 48.57 3.35
C MET D 555 -9.43 47.13 3.14
N ALA D 556 -10.07 46.85 2.01
CA ALA D 556 -10.49 45.49 1.70
C ALA D 556 -9.28 44.60 1.43
N LEU D 557 -8.36 45.09 0.60
CA LEU D 557 -7.18 44.30 0.26
C LEU D 557 -6.16 44.31 1.37
N GLY D 558 -6.32 45.22 2.34
CA GLY D 558 -5.46 45.21 3.51
C GLY D 558 -5.68 43.98 4.37
N TRP D 559 -6.90 43.46 4.38
CA TRP D 559 -7.13 42.21 5.09
C TRP D 559 -6.80 41.01 4.20
N ALA D 560 -6.78 41.22 2.89
CA ALA D 560 -6.35 40.17 1.98
C ALA D 560 -4.86 39.87 2.14
N ASN D 561 -4.04 40.93 2.26
CA ASN D 561 -2.64 40.72 2.58
C ASN D 561 -2.44 40.30 4.02
N MET D 562 -3.44 40.56 4.89
CA MET D 562 -3.35 40.04 6.24
C MET D 562 -3.51 38.53 6.24
N LEU D 563 -4.28 38.00 5.29
CA LEU D 563 -4.34 36.57 5.08
C LEU D 563 -3.04 36.05 4.46
N ALA D 564 -2.28 36.95 3.82
CA ALA D 564 -1.08 36.50 3.14
C ALA D 564 0.07 36.21 4.11
N TYR D 565 0.02 36.76 5.32
CA TYR D 565 1.01 36.35 6.32
C TYR D 565 0.67 35.04 6.99
N THR D 566 -0.52 34.47 6.75
CA THR D 566 -0.92 33.28 7.48
C THR D 566 -0.14 32.06 7.03
N ARG D 567 0.43 32.09 5.82
CA ARG D 567 1.28 30.99 5.38
C ARG D 567 2.57 30.92 6.18
N GLY D 568 2.99 32.04 6.77
CA GLY D 568 4.25 32.10 7.47
C GLY D 568 4.31 31.31 8.77
N PHE D 569 3.17 30.82 9.25
CA PHE D 569 3.20 29.88 10.36
C PHE D 569 3.66 28.52 9.84
N GLN D 570 4.11 27.66 10.76
CA GLN D 570 4.68 26.37 10.39
C GLN D 570 3.63 25.44 9.79
N SER D 571 2.37 25.57 10.22
CA SER D 571 1.37 24.62 9.76
C SER D 571 0.20 25.28 9.03
N MET D 572 -0.41 26.28 9.67
CA MET D 572 -1.83 26.57 9.46
C MET D 572 -2.15 27.17 8.10
N GLY D 573 -1.28 28.01 7.56
CA GLY D 573 -1.57 28.58 6.26
C GLY D 573 -1.24 27.65 5.12
N MET D 574 -0.22 26.81 5.32
CA MET D 574 0.50 26.23 4.19
C MET D 574 -0.26 25.11 3.51
N TYR D 575 -1.07 24.34 4.25
CA TYR D 575 -1.94 23.39 3.57
C TYR D 575 -3.07 24.11 2.84
N SER D 576 -3.43 25.31 3.31
CA SER D 576 -4.49 26.07 2.69
C SER D 576 -3.98 26.91 1.52
N VAL D 577 -2.84 27.59 1.71
CA VAL D 577 -2.39 28.60 0.76
C VAL D 577 -1.98 27.96 -0.57
N MET D 578 -1.25 26.86 -0.51
CA MET D 578 -0.91 26.16 -1.75
C MET D 578 -2.12 25.44 -2.34
N ILE D 579 -3.14 25.18 -1.54
CA ILE D 579 -4.32 24.60 -2.16
C ILE D 579 -5.30 25.69 -2.58
N GLN D 580 -5.13 26.93 -2.09
CA GLN D 580 -5.76 28.08 -2.74
C GLN D 580 -5.29 28.23 -4.18
N LYS D 581 -4.05 27.84 -4.48
CA LYS D 581 -3.66 27.69 -5.88
C LYS D 581 -4.50 26.62 -6.56
N VAL D 582 -4.81 25.54 -5.85
CA VAL D 582 -5.49 24.42 -6.46
C VAL D 582 -7.01 24.61 -6.43
N ILE D 583 -7.57 25.07 -5.31
CA ILE D 583 -9.03 25.12 -5.18
C ILE D 583 -9.60 26.28 -6.00
N LEU D 584 -8.79 27.30 -6.30
CA LEU D 584 -9.27 28.33 -7.21
C LEU D 584 -9.21 27.83 -8.65
N HIS D 585 -8.39 26.82 -8.92
CA HIS D 585 -8.34 26.27 -10.26
C HIS D 585 -9.52 25.33 -10.50
N ASP D 586 -9.78 24.44 -9.53
CA ASP D 586 -10.69 23.33 -9.77
C ASP D 586 -12.15 23.73 -9.59
N VAL D 587 -12.40 24.68 -8.71
CA VAL D 587 -13.79 25.05 -8.43
C VAL D 587 -14.27 26.07 -9.46
N LEU D 588 -13.37 26.94 -9.93
CA LEU D 588 -13.76 27.94 -10.92
C LEU D 588 -14.06 27.30 -12.26
N LYS D 589 -13.33 26.24 -12.62
CA LYS D 589 -13.65 25.52 -13.86
C LYS D 589 -14.98 24.79 -13.70
N PHE D 590 -15.30 24.36 -12.49
CA PHE D 590 -16.65 23.88 -12.23
C PHE D 590 -17.66 25.02 -12.27
N LEU D 591 -17.27 26.18 -11.74
CA LEU D 591 -18.18 27.31 -11.75
C LEU D 591 -18.32 27.93 -13.14
N PHE D 592 -17.28 27.85 -13.96
CA PHE D 592 -17.42 28.29 -15.35
C PHE D 592 -18.36 27.37 -16.11
N VAL D 593 -18.39 26.09 -15.74
CA VAL D 593 -19.45 25.22 -16.21
C VAL D 593 -20.79 25.64 -15.61
N TYR D 594 -20.81 25.86 -14.30
CA TYR D 594 -22.08 25.98 -13.59
C TYR D 594 -22.79 27.30 -13.88
N ILE D 595 -22.03 28.40 -14.03
CA ILE D 595 -22.63 29.66 -14.44
C ILE D 595 -23.17 29.55 -15.85
N LEU D 596 -22.46 28.84 -16.72
CA LEU D 596 -23.00 28.55 -18.05
C LEU D 596 -24.13 27.53 -17.96
N PHE D 597 -24.06 26.65 -16.97
CA PHE D 597 -25.19 25.74 -16.72
C PHE D 597 -26.37 26.50 -16.15
N LEU D 598 -26.09 27.61 -15.45
CA LEU D 598 -27.16 28.44 -14.91
C LEU D 598 -27.89 29.20 -16.02
N LEU D 599 -27.14 29.83 -16.93
CA LEU D 599 -27.76 30.75 -17.89
C LEU D 599 -28.49 30.00 -19.00
N GLY D 600 -28.19 28.72 -19.17
CA GLY D 600 -28.95 27.92 -20.13
C GLY D 600 -30.37 27.66 -19.66
N PHE D 601 -30.52 27.29 -18.39
CA PHE D 601 -31.85 27.12 -17.81
C PHE D 601 -32.54 28.46 -17.60
N GLY D 602 -31.75 29.53 -17.46
CA GLY D 602 -32.34 30.83 -17.15
C GLY D 602 -33.10 31.43 -18.31
N VAL D 603 -32.59 31.24 -19.53
CA VAL D 603 -33.28 31.75 -20.70
C VAL D 603 -34.42 30.81 -21.10
N ALA D 604 -34.36 29.56 -20.64
CA ALA D 604 -35.40 28.59 -20.96
C ALA D 604 -36.68 28.90 -20.20
N LEU D 605 -36.57 29.18 -18.90
CA LEU D 605 -37.76 29.48 -18.11
C LEU D 605 -38.24 30.91 -18.37
N ALA D 606 -37.34 31.78 -18.85
CA ALA D 606 -37.77 33.12 -19.24
C ALA D 606 -38.63 33.08 -20.48
N SER D 607 -38.43 32.06 -21.33
CA SER D 607 -39.33 31.83 -22.45
C SER D 607 -40.68 31.27 -22.02
N LEU D 608 -40.78 30.72 -20.81
CA LEU D 608 -42.07 30.28 -20.27
C LEU D 608 -42.81 31.51 -19.75
N ILE D 609 -43.94 31.83 -20.37
CA ILE D 609 -44.73 32.99 -19.97
C ILE D 609 -46.00 32.54 -19.25
N GLY D 623 -34.82 44.36 -16.13
CA GLY D 623 -34.87 43.26 -17.07
C GLY D 623 -35.49 42.00 -16.49
N SER D 624 -36.45 41.43 -17.23
CA SER D 624 -37.07 40.18 -16.79
C SER D 624 -36.12 39.00 -16.92
N PHE D 625 -35.16 39.10 -17.84
CA PHE D 625 -34.12 38.08 -17.97
C PHE D 625 -33.21 38.07 -16.75
N SER D 626 -32.86 39.25 -16.24
CA SER D 626 -32.05 39.33 -15.03
C SER D 626 -32.84 38.88 -13.81
N ASP D 627 -34.16 39.11 -13.83
CA ASP D 627 -35.01 38.62 -12.75
C ASP D 627 -35.11 37.10 -12.77
N ALA D 628 -35.07 36.51 -13.96
CA ALA D 628 -35.13 35.06 -14.07
C ALA D 628 -33.85 34.41 -13.54
N VAL D 629 -32.73 35.13 -13.62
CA VAL D 629 -31.50 34.67 -12.98
C VAL D 629 -31.65 34.70 -11.47
N LEU D 630 -32.28 35.76 -10.96
CA LEU D 630 -32.46 35.91 -9.52
C LEU D 630 -33.49 34.92 -8.99
N GLU D 631 -34.49 34.58 -9.81
CA GLU D 631 -35.45 33.55 -9.41
C GLU D 631 -34.81 32.18 -9.32
N LEU D 632 -33.95 31.86 -10.29
CA LEU D 632 -33.37 30.52 -10.34
C LEU D 632 -32.25 30.36 -9.33
N PHE D 633 -31.64 31.48 -8.91
CA PHE D 633 -30.63 31.41 -7.86
C PHE D 633 -31.28 31.17 -6.50
N LYS D 634 -32.56 31.53 -6.37
CA LYS D 634 -33.32 31.21 -5.15
C LYS D 634 -33.54 29.71 -5.03
N LEU D 635 -33.57 29.01 -6.16
CA LEU D 635 -33.76 27.56 -6.14
C LEU D 635 -32.54 26.86 -5.56
N THR D 636 -31.36 27.41 -5.80
CA THR D 636 -30.15 26.93 -5.13
C THR D 636 -30.24 27.20 -3.62
N ILE D 637 -30.80 28.34 -3.24
CA ILE D 637 -31.07 28.63 -1.85
C ILE D 637 -32.23 27.80 -1.31
N GLY D 638 -33.26 27.57 -2.13
CA GLY D 638 -34.49 26.95 -1.67
C GLY D 638 -35.61 27.93 -1.39
N LEU D 639 -35.51 29.15 -1.90
CA LEU D 639 -36.50 30.18 -1.56
C LEU D 639 -37.74 30.09 -2.46
N GLY D 640 -37.57 29.60 -3.68
CA GLY D 640 -38.71 29.40 -4.55
C GLY D 640 -39.57 28.24 -4.09
N ASP D 641 -40.87 28.38 -4.30
CA ASP D 641 -41.84 27.44 -3.75
C ASP D 641 -42.94 27.18 -4.76
N LEU D 642 -44.06 26.63 -4.27
CA LEU D 642 -45.09 26.08 -5.15
C LEU D 642 -45.91 27.17 -5.82
N ASN D 643 -46.07 28.32 -5.17
CA ASN D 643 -46.97 29.35 -5.70
C ASN D 643 -46.33 30.08 -6.88
N ILE D 644 -45.01 30.16 -6.92
CA ILE D 644 -44.35 30.79 -8.06
C ILE D 644 -44.31 29.83 -9.24
N GLN D 645 -44.56 28.54 -9.00
CA GLN D 645 -44.61 27.56 -10.08
C GLN D 645 -45.86 27.68 -10.94
N GLN D 646 -46.90 28.36 -10.44
CA GLN D 646 -48.19 28.45 -11.15
C GLN D 646 -48.02 29.40 -12.33
N ASN D 647 -47.54 28.81 -13.44
CA ASN D 647 -47.17 29.58 -14.62
C ASN D 647 -48.41 29.98 -15.40
N SER D 648 -48.21 30.82 -16.41
CA SER D 648 -49.32 31.22 -17.28
C SER D 648 -49.42 30.33 -18.52
N THR D 649 -48.27 29.92 -19.07
CA THR D 649 -48.23 29.07 -20.25
C THR D 649 -47.53 27.75 -19.93
N TYR D 650 -48.18 26.64 -20.29
CA TYR D 650 -47.70 25.27 -20.21
C TYR D 650 -47.20 24.89 -18.83
N PRO D 651 -48.11 24.62 -17.87
CA PRO D 651 -47.65 24.22 -16.53
C PRO D 651 -46.97 22.88 -16.49
N ILE D 652 -47.29 21.99 -17.45
CA ILE D 652 -46.64 20.68 -17.52
C ILE D 652 -45.21 20.83 -18.02
N LEU D 653 -44.96 21.82 -18.89
CA LEU D 653 -43.61 22.02 -19.39
C LEU D 653 -42.77 22.81 -18.39
N PHE D 654 -43.40 23.69 -17.62
CA PHE D 654 -42.69 24.44 -16.60
C PHE D 654 -42.34 23.55 -15.42
N LEU D 655 -43.15 22.49 -15.19
CA LEU D 655 -42.87 21.56 -14.12
C LEU D 655 -41.67 20.68 -14.45
N PHE D 656 -41.40 20.48 -15.74
CA PHE D 656 -40.30 19.63 -16.15
C PHE D 656 -38.96 20.35 -16.00
N LEU D 657 -38.89 21.60 -16.45
CA LEU D 657 -37.62 22.30 -16.53
C LEU D 657 -37.09 22.68 -15.16
N LEU D 658 -37.97 22.74 -14.16
CA LEU D 658 -37.52 22.97 -12.79
C LEU D 658 -36.82 21.74 -12.23
N ILE D 659 -37.48 20.59 -12.29
CA ILE D 659 -36.99 19.40 -11.59
C ILE D 659 -35.77 18.82 -12.29
N THR D 660 -35.60 19.10 -13.57
CA THR D 660 -34.39 18.69 -14.27
C THR D 660 -33.19 19.53 -13.83
N TYR D 661 -33.45 20.80 -13.50
CA TYR D 661 -32.36 21.64 -13.02
C TYR D 661 -32.00 21.31 -11.58
N VAL D 662 -32.98 20.88 -10.78
CA VAL D 662 -32.73 20.57 -9.38
C VAL D 662 -31.84 19.35 -9.26
N ILE D 663 -32.17 18.29 -9.98
CA ILE D 663 -31.45 17.02 -9.87
C ILE D 663 -30.04 17.16 -10.46
N LEU D 664 -29.92 17.82 -11.61
CA LEU D 664 -28.62 17.96 -12.27
C LEU D 664 -27.68 18.85 -11.47
N THR D 665 -28.23 19.82 -10.73
CA THR D 665 -27.40 20.59 -9.82
C THR D 665 -26.92 19.71 -8.67
N PHE D 666 -27.79 18.83 -8.19
CA PHE D 666 -27.39 17.86 -7.17
C PHE D 666 -26.44 16.82 -7.74
N VAL D 667 -26.48 16.62 -9.06
CA VAL D 667 -25.48 15.78 -9.72
C VAL D 667 -24.14 16.50 -9.76
N LEU D 668 -24.13 17.72 -10.26
CA LEU D 668 -22.87 18.42 -10.54
C LEU D 668 -22.16 18.84 -9.26
N LEU D 669 -22.92 19.34 -8.27
CA LEU D 669 -22.30 19.81 -7.04
C LEU D 669 -21.77 18.64 -6.22
N LEU D 670 -22.40 17.48 -6.35
CA LEU D 670 -21.82 16.28 -5.75
C LEU D 670 -20.60 15.82 -6.52
N ASN D 671 -20.55 16.09 -7.83
CA ASN D 671 -19.48 15.54 -8.66
C ASN D 671 -18.16 16.25 -8.39
N MET D 672 -18.19 17.59 -8.28
CA MET D 672 -16.98 18.34 -7.98
C MET D 672 -16.54 18.07 -6.54
N LEU D 673 -17.49 17.72 -5.67
CA LEU D 673 -17.16 17.30 -4.31
C LEU D 673 -16.37 16.00 -4.32
N ILE D 674 -16.76 15.04 -5.17
CA ILE D 674 -16.07 13.77 -5.22
C ILE D 674 -14.73 13.91 -5.93
N ALA D 675 -14.72 14.64 -7.05
CA ALA D 675 -13.55 14.65 -7.91
C ALA D 675 -12.40 15.44 -7.31
N LEU D 676 -12.71 16.37 -6.40
CA LEU D 676 -11.66 17.12 -5.73
C LEU D 676 -10.93 16.23 -4.72
N MET D 677 -11.65 15.32 -4.09
CA MET D 677 -11.03 14.46 -3.07
C MET D 677 -10.11 13.44 -3.71
N GLY D 678 -10.55 12.82 -4.80
CA GLY D 678 -9.77 11.75 -5.41
C GLY D 678 -8.53 12.28 -6.11
N GLU D 679 -8.56 13.53 -6.55
CA GLU D 679 -7.42 14.08 -7.27
C GLU D 679 -6.42 14.72 -6.32
N THR D 680 -6.90 15.52 -5.37
CA THR D 680 -6.00 16.29 -4.52
C THR D 680 -5.45 15.49 -3.35
N VAL D 681 -5.75 14.18 -3.26
CA VAL D 681 -5.21 13.39 -2.17
C VAL D 681 -3.75 13.04 -2.46
N GLU D 682 -2.90 13.27 -1.45
CA GLU D 682 -1.53 12.73 -1.33
C GLU D 682 -0.54 13.35 -2.31
N ASN D 683 -1.02 14.13 -3.28
CA ASN D 683 -0.11 14.82 -4.19
C ASN D 683 -0.03 16.30 -3.87
N VAL D 684 -1.19 16.95 -3.75
CA VAL D 684 -1.24 18.31 -3.24
C VAL D 684 -0.95 18.32 -1.74
N SER D 685 -1.27 17.21 -1.08
CA SER D 685 -1.03 17.07 0.35
C SER D 685 0.47 17.06 0.68
N LYS D 686 1.28 16.52 -0.23
CA LYS D 686 2.72 16.57 -0.01
C LYS D 686 3.33 17.84 -0.58
N GLU D 687 2.75 18.37 -1.66
CA GLU D 687 3.35 19.54 -2.30
C GLU D 687 3.13 20.80 -1.46
N SER D 688 2.21 20.73 -0.51
CA SER D 688 1.98 21.84 0.42
C SER D 688 3.22 22.12 1.26
N GLU D 689 3.78 21.10 1.92
CA GLU D 689 4.91 21.37 2.79
C GLU D 689 6.20 21.53 1.99
N ARG D 690 6.19 21.12 0.71
CA ARG D 690 7.30 21.46 -0.18
C ARG D 690 7.47 22.97 -0.31
N ILE D 691 6.40 23.68 -0.59
CA ILE D 691 6.50 25.12 -0.80
C ILE D 691 6.66 25.82 0.53
N TRP D 692 6.18 25.19 1.60
CA TRP D 692 6.45 25.66 2.95
C TRP D 692 7.94 25.63 3.26
N ARG D 693 8.63 24.60 2.78
CA ARG D 693 10.08 24.61 2.89
C ARG D 693 10.69 25.64 1.94
N LEU D 694 9.96 26.01 0.89
CA LEU D 694 10.48 27.00 -0.04
C LEU D 694 10.23 28.42 0.47
N GLN D 695 8.96 28.78 0.64
CA GLN D 695 8.62 30.19 0.83
C GLN D 695 9.06 30.71 2.18
N ARG D 696 9.21 29.82 3.17
CA ARG D 696 9.91 30.22 4.38
C ARG D 696 11.36 30.53 4.06
N ALA D 697 12.06 29.59 3.44
CA ALA D 697 13.48 29.76 3.17
C ALA D 697 13.71 30.80 2.09
N ARG D 698 12.70 31.04 1.25
CA ARG D 698 12.75 32.19 0.35
C ARG D 698 12.85 33.49 1.15
N THR D 699 11.96 33.66 2.12
CA THR D 699 11.90 34.92 2.84
C THR D 699 13.06 35.11 3.79
N ILE D 700 13.65 34.00 4.25
CA ILE D 700 14.75 34.06 5.22
C ILE D 700 15.95 34.77 4.62
N LEU D 701 16.32 34.39 3.40
CA LEU D 701 17.41 35.09 2.74
C LEU D 701 16.94 36.45 2.27
N GLU D 702 15.64 36.61 2.03
CA GLU D 702 15.11 37.92 1.71
C GLU D 702 15.17 38.85 2.92
N PHE D 703 15.05 38.30 4.13
CA PHE D 703 15.32 39.12 5.31
C PHE D 703 16.81 39.38 5.47
N GLU D 704 17.65 38.48 4.95
CA GLU D 704 19.08 38.57 5.21
C GLU D 704 19.70 39.78 4.55
N LYS D 705 19.25 40.10 3.34
CA LYS D 705 19.78 41.28 2.65
C LYS D 705 19.24 42.57 3.27
N MET D 706 18.17 42.47 4.05
CA MET D 706 17.59 43.67 4.65
C MET D 706 18.38 44.11 5.86
N LEU D 707 19.13 43.20 6.47
CA LEU D 707 19.98 43.52 7.62
C LEU D 707 21.17 44.37 7.18
N PRO D 708 21.70 45.22 8.05
CA PRO D 708 22.93 45.94 7.72
C PRO D 708 24.14 45.03 7.85
N GLU D 709 25.25 45.52 7.29
CA GLU D 709 26.46 44.72 7.20
C GLU D 709 27.14 44.58 8.56
N TRP D 710 27.14 45.66 9.34
CA TRP D 710 27.83 45.63 10.63
C TRP D 710 27.11 44.73 11.62
N LEU D 711 25.78 44.65 11.53
CA LEU D 711 25.07 43.75 12.42
C LEU D 711 25.15 42.32 11.91
N ARG D 712 25.23 42.15 10.60
CA ARG D 712 25.55 40.84 10.02
C ARG D 712 26.93 40.39 10.46
N SER D 713 27.85 41.33 10.63
CA SER D 713 29.24 40.99 10.97
C SER D 713 29.34 40.42 12.37
N ARG D 714 28.40 40.77 13.26
CA ARG D 714 28.35 40.14 14.56
C ARG D 714 27.91 38.69 14.39
N PHE D 715 26.79 38.51 13.71
CA PHE D 715 26.21 37.19 13.56
C PHE D 715 26.84 36.43 12.41
N ARG D 716 27.97 35.77 12.67
CA ARG D 716 28.57 34.90 11.68
C ARG D 716 28.58 33.49 12.23
N MET D 717 27.87 32.60 11.55
CA MET D 717 27.80 31.23 12.02
C MET D 717 29.11 30.53 11.71
N GLY D 718 29.39 29.47 12.46
CA GLY D 718 30.63 28.76 12.30
C GLY D 718 31.80 29.50 12.94
N GLU D 719 32.99 28.95 12.74
CA GLU D 719 34.17 29.47 13.41
C GLU D 719 35.42 29.17 12.60
N LEU D 720 36.41 30.04 12.74
CA LEU D 720 37.68 29.86 12.06
C LEU D 720 38.48 28.74 12.70
N CYS D 721 38.77 27.70 11.92
CA CYS D 721 39.47 26.55 12.45
C CYS D 721 40.57 26.15 11.47
N LYS D 722 41.53 25.39 12.00
CA LYS D 722 42.70 24.95 11.24
C LYS D 722 42.59 23.46 10.99
N VAL D 723 42.41 23.08 9.72
CA VAL D 723 42.30 21.66 9.42
C VAL D 723 43.62 21.11 8.92
N ALA D 724 44.51 21.96 8.44
CA ALA D 724 45.75 21.49 7.85
C ALA D 724 46.80 22.58 7.97
N ASP D 725 48.01 22.26 7.50
CA ASP D 725 49.11 23.20 7.55
C ASP D 725 48.86 24.35 6.60
N GLU D 726 49.05 25.57 7.11
CA GLU D 726 48.86 26.84 6.39
C GLU D 726 47.45 26.98 5.84
N ASP D 727 46.46 26.45 6.57
CA ASP D 727 45.07 26.57 6.15
C ASP D 727 44.22 26.93 7.36
N PHE D 728 43.29 27.86 7.15
CA PHE D 728 42.37 28.29 8.18
C PHE D 728 41.02 28.56 7.55
N ARG D 729 39.99 27.90 8.03
CA ARG D 729 38.69 27.93 7.38
C ARG D 729 37.57 28.11 8.38
N LEU D 730 36.52 28.79 7.95
CA LEU D 730 35.29 28.87 8.70
C LEU D 730 34.46 27.63 8.39
N CYS D 731 34.11 26.88 9.42
CA CYS D 731 33.41 25.62 9.24
C CYS D 731 32.33 25.49 10.29
N LEU D 732 31.34 24.65 9.99
CA LEU D 732 30.18 24.45 10.84
C LEU D 732 30.28 23.10 11.54
N ARG D 733 30.07 23.11 12.85
CA ARG D 733 30.19 21.92 13.69
C ARG D 733 28.83 21.30 13.90
N ILE D 734 28.73 19.99 13.65
CA ILE D 734 27.51 19.23 13.88
C ILE D 734 27.88 17.94 14.59
N ASN D 735 27.22 17.66 15.72
CA ASN D 735 27.40 16.43 16.46
C ASN D 735 26.39 15.41 15.98
N GLU D 736 26.79 14.15 15.97
CA GLU D 736 25.89 13.07 15.59
C GLU D 736 26.33 11.77 16.24
N VAL D 737 25.43 10.79 16.21
CA VAL D 737 25.63 9.49 16.86
C VAL D 737 25.32 8.39 15.84
N LYS D 738 26.26 7.47 15.67
CA LYS D 738 26.03 6.26 14.88
C LYS D 738 26.26 5.05 15.77
N TRP D 739 25.60 3.94 15.44
CA TRP D 739 25.76 2.71 16.18
C TRP D 739 26.06 1.50 15.33
N THR D 740 25.60 1.49 14.07
CA THR D 740 25.48 0.25 13.32
C THR D 740 26.84 -0.30 12.93
N GLU D 741 27.57 0.43 12.10
CA GLU D 741 28.90 0.02 11.72
C GLU D 741 29.85 0.43 12.84
N TRP D 742 31.02 -0.17 12.84
CA TRP D 742 32.00 0.04 13.88
C TRP D 742 33.38 0.07 13.26
N LYS D 743 34.11 1.16 13.47
CA LYS D 743 35.46 1.28 12.95
C LYS D 743 36.34 2.00 13.95
N THR D 744 37.59 1.58 14.04
CA THR D 744 38.56 2.35 14.81
C THR D 744 38.88 3.62 14.05
N HIS D 745 39.27 4.66 14.77
CA HIS D 745 39.40 5.97 14.17
C HIS D 745 40.86 6.34 14.02
N VAL D 746 41.20 6.86 12.84
CA VAL D 746 42.57 7.27 12.56
C VAL D 746 42.68 8.73 12.14
N SER D 747 41.61 9.35 11.66
CA SER D 747 41.64 10.73 11.20
C SER D 747 41.02 11.60 12.28
N PHE D 748 41.75 12.62 12.71
CA PHE D 748 41.38 13.43 13.85
C PHE D 748 41.66 14.89 13.57
N LEU D 749 40.75 15.75 13.97
CA LEU D 749 41.12 17.15 14.11
C LEU D 749 41.81 17.37 15.43
N ASN D 750 41.38 16.68 16.48
CA ASN D 750 41.95 16.82 17.80
C ASN D 750 42.06 15.45 18.45
N GLU D 751 42.87 15.38 19.51
CA GLU D 751 42.92 14.17 20.31
C GLU D 751 41.81 14.19 21.37
N ASP D 752 41.53 15.35 21.93
CA ASP D 752 40.58 15.44 23.03
C ASP D 752 39.18 15.61 22.48
N PRO D 753 38.23 14.76 22.89
CA PRO D 753 36.89 14.82 22.29
C PRO D 753 36.10 16.08 22.64
N GLY D 754 36.00 16.40 23.93
CA GLY D 754 35.04 17.37 24.40
C GLY D 754 35.32 18.79 24.01
N PRO D 755 34.31 19.65 24.12
CA PRO D 755 34.51 21.08 23.90
C PRO D 755 35.38 21.67 25.00
N ILE D 756 36.37 22.45 24.59
CA ILE D 756 37.27 23.09 25.55
C ILE D 756 36.82 24.52 25.79
C10 A0O E . -17.15 19.62 -36.42
C13 A0O E . -18.86 21.13 -42.09
C15 A0O E . -20.08 16.79 -36.88
C17 A0O E . -17.96 20.45 -43.10
O01 A0O E . -19.71 17.55 -37.82
O02 A0O E . -16.21 21.12 -39.59
O03 A0O E . -20.83 15.88 -37.11
C04 A0O E . -17.99 19.36 -38.97
C05 A0O E . -18.42 19.28 -40.47
C06 A0O E . -18.75 18.46 -37.95
C07 A0O E . -18.11 18.78 -36.63
C08 A0O E . -16.87 20.31 -38.64
C09 A0O E . -19.07 20.61 -40.92
C11 A0O E . -16.58 20.32 -37.31
C12 A0O E . -18.73 17.95 -35.36
C14 A0O E . -19.61 16.99 -35.58
C16 A0O E . -19.54 22.46 -42.47
C18 A0O E . -14.84 21.35 -39.31
C10 A0O F . -3.57 10.48 -27.56
C13 A0O F . 1.85 12.66 -25.29
C15 A0O F . -1.87 7.39 -25.42
C17 A0O F . 2.03 13.57 -24.10
O01 A0O F . -1.21 8.37 -25.85
O02 A0O F . -1.19 13.13 -28.16
O03 A0O F . -1.42 6.66 -24.58
C04 A0O F . -0.98 10.87 -27.00
C05 A0O F . 0.50 11.18 -26.73
C06 A0O F . -1.52 9.50 -26.49
C07 A0O F . -2.96 9.53 -26.92
C08 A0O F . -1.75 11.92 -27.73
C09 A0O F . 0.70 12.11 -25.52
C11 A0O F . -3.06 11.57 -27.93
C12 A0O F . -3.79 8.17 -26.51
C14 A0O F . -3.15 7.18 -25.93
C16 A0O F . 3.07 12.40 -26.21
C18 A0O F . -1.85 14.26 -27.59
C10 A0O G . -41.72 -16.24 -2.04
C13 A0O G . -46.67 -19.78 -1.94
C15 A0O G . -42.00 -16.72 2.03
C17 A0O G . -46.30 -21.23 -2.20
O01 A0O G . -42.71 -17.37 1.22
O02 A0O G . -43.75 -18.65 -3.83
O03 A0O G . -42.06 -16.95 3.21
C04 A0O G . -43.40 -18.21 -1.31
C05 A0O G . -44.40 -19.36 -0.98
C06 A0O G . -42.76 -17.45 -0.12
C07 A0O G . -41.88 -16.42 -0.77
C08 A0O G . -43.15 -17.94 -2.78
C09 A0O G . -45.82 -18.95 -1.41
C11 A0O G . -42.28 -16.91 -2.96
C12 A0O G . -41.08 -15.45 0.29
C14 A0O G . -41.13 -15.72 1.57
C16 A0O G . -48.07 -19.29 -2.34
C18 A0O G . -42.91 -18.84 -4.95
C10 A0O H . -23.31 -17.64 -5.20
C13 A0O H . -20.38 -17.02 -10.72
C15 A0O H . -19.32 -17.71 -4.18
C17 A0O H . -20.44 -15.83 -11.62
O01 A0O H . -19.72 -17.91 -5.36
O02 A0O H . -23.78 -17.95 -8.77
O03 A0O H . -18.16 -17.46 -3.97
C04 A0O H . -21.68 -17.95 -7.29
C05 A0O H . -20.81 -18.15 -8.56
C06 A0O H . -20.93 -17.89 -5.94
C07 A0O H . -22.04 -17.71 -4.94
C08 A0O H . -23.17 -17.88 -7.51
C09 A0O H . -20.85 -16.93 -9.50
C11 A0O H . -23.85 -17.71 -6.35
C12 A0O H . -21.51 -17.61 -3.39
C14 A0O H . -20.23 -17.75 -3.13
C16 A0O H . -19.76 -18.33 -11.24
C18 A0O H . -24.58 -16.81 -9.06
C10 A0O I . -16.12 7.55 41.07
C13 A0O I . -17.02 8.15 47.07
C15 A0O I . -13.87 10.94 41.59
C17 A0O I . -16.06 7.24 47.79
O01 A0O I . -14.38 10.31 42.56
O02 A0O I . -16.88 5.94 44.23
O03 A0O I . -13.13 11.86 41.80
C04 A0O I . -15.63 8.11 43.66
C05 A0O I . -15.38 8.37 45.18
C06 A0O I . -15.06 9.16 42.66
C07 A0O I . -15.46 8.63 41.31
C08 A0O I . -16.39 6.86 43.29
C09 A0O I . -16.72 8.66 45.90
C11 A0O I . -16.55 6.73 41.94
C12 A0O I . -14.99 9.57 40.05
C14 A0O I . -14.17 10.59 40.27
C16 A0O I . -18.37 8.49 47.71
C18 A0O I . -16.88 4.59 43.78
C10 A0O J . -6.24 -2.56 28.92
C13 A0O J . -8.01 -8.05 26.40
C15 A0O J . -3.31 -3.21 26.09
C17 A0O J . -9.30 -8.34 25.68
O01 A0O J . -4.10 -4.12 26.47
O02 A0O J . -8.32 -5.48 29.43
O03 A0O J . -2.62 -3.37 25.12
C04 A0O J . -6.27 -5.03 27.89
C05 A0O J . -6.35 -6.48 27.36
C06 A0O J . -5.13 -4.15 27.32
C07 A0O J . -5.33 -2.85 28.04
C08 A0O J . -7.30 -4.64 28.94
C09 A0O J . -7.68 -6.81 26.63
C11 A0O J . -7.14 -3.35 29.34
C12 A0O J . -4.23 -1.69 27.62
C14 A0O J . -3.23 -2.02 26.80
C16 A0O J . -7.11 -9.22 26.82
C18 A0O J . -9.61 -4.93 29.24
C10 A0O K . 8.42 43.47 6.65
C13 A0O K . 10.84 49.09 6.89
C15 A0O K . 8.07 44.40 2.68
C17 A0O K . 12.35 48.99 6.83
O01 A0O K . 8.66 45.16 3.49
O02 A0O K . 10.66 45.75 8.37
O03 A0O K . 8.14 44.63 1.50
C04 A0O K . 9.81 45.66 5.94
C05 A0O K . 10.65 46.94 5.62
C06 A0O K . 8.98 45.03 4.79
C07 A0O K . 8.31 43.86 5.43
C08 A0O K . 9.89 45.15 7.36
C09 A0O K . 10.08 48.17 6.34
C11 A0O K . 9.12 44.04 7.54
C12 A0O K . 7.34 43.00 4.41
C14 A0O K . 7.36 43.29 3.12
C16 A0O K . 10.20 50.30 7.59
C18 A0O K . 11.19 44.83 9.32
C10 A0O L . 13.65 25.56 6.51
C13 A0O L . 14.48 21.90 11.57
C15 A0O L . 14.25 21.82 4.87
C17 A0O L . 13.48 21.64 12.66
O01 A0O L . 14.53 22.09 6.07
O02 A0O L . 14.45 25.62 10.04
O03 A0O L . 14.20 20.68 4.50
C04 A0O L . 14.56 23.75 8.27
C05 A0O L . 15.10 22.77 9.33
C06 A0O L . 14.39 23.19 6.83
C07 A0O L . 13.88 24.36 6.06
C08 A0O L . 14.28 25.16 8.72
C09 A0O L . 14.08 22.49 10.47
C11 A0O L . 13.82 25.94 7.71
C12 A0O L . 13.62 24.04 4.47
C14 A0O L . 13.96 22.86 3.98
C16 A0O L . 15.95 21.45 11.77
C18 A0O L . 13.26 26.19 10.58
#